data_8JRR
#
_entry.id   8JRR
#
loop_
_entity.id
_entity.type
_entity.pdbx_description
1 polymer 'Ubiquitin-protein ligase E3A'
2 polymer 'Protein E6'
3 non-polymer 'ZINC ION'
#
loop_
_entity_poly.entity_id
_entity_poly.type
_entity_poly.pdbx_seq_one_letter_code
_entity_poly.pdbx_strand_id
1 'polypeptide(L)'
;MEKLHQCYWKSGEPQSDDIEASRMKRAAAKHLIERYYHQLTEGCGNEACTNEFCASCPTFLRMDNNAAAIKALELYKINA
KLCDPHPSKKGASSAYLENSKGAPNNSCSEIKMNKKGARIDFKDVTYLTEEKVYEILELCREREDYSPLIRVIGRVFSSA
EALVQSFRKVKQHTKEELKSLQAKDEDKDEDEKEKAACSAAAMEEDSEASSSRIGDSSQGDNNLQKLGPDDVSVDIDAIR
RVYTRLLSNEKIETAFLNALVYLSPNVECDLTYHNVYSRDPNYLNLFIIVMENRNLHSPEYLEMALPLFCKAMSKLPLAA
QGKLIRLWSKYNADQIRRMMETFQQLITYKVISNEFNSRNLVNDDDAIVAASKCLKMVYYANVVGGEVDTNHNEEDDEEP
IPESSELTLQELLGEERRNKKGPRVDPLETELGVKTLDCRKPLIPFEEFINEPLNEVLEMDKDYTFFKVETENKFSFMTC
PFILNAVTKNLGLYYDNRIRMYSERRITVLYSLVQGQQLNPYLRLKVRRDHIIDDALVRLEMIAMENPADLKKQLYVEFE
GEQGVDEGGVSKEFFQLVVEEIFNPDIGMFTYDESTKLFWFNPSSFETEGQFTLIGIVLGLAIYNNCILDVHFPMVVYRK
LMGKKGTFRDLGDSHPVLYQSLKDLLEYEGNVEDDMMITFQISQTDLFGNPMMYDLKENGDKIPITNENRKEFVNLYSDY
ILNKSVEKQFKAFRRGFHMVTNESPLKYLFRPEEIELLICGSRNLDFQALEETTEYDGGYTRDSVLIREFWEIVHSFAAE
QKRLFLQFTTGTDRAPVGGLGKLKMIIAKNGPDTERLPTSHTAFNVLLLPEYSSKEKLKERLLKAITYAKGFGML
;
A,C
2 'polypeptide(L)'
;PQERPRKLPQLCTELQTTIHDIILECVYCKQQLLRREVYDFAFRDLCIVYRDGNPYAVCDKCLKFYSKISEYRHYSYSLY
GTTLEQQYNKPLSDLLIRCINCQKPLSPEEKQRHLDKKQRFHNIRGRWTGRCMSC
;
B,D
#
loop_
_chem_comp.id
_chem_comp.type
_chem_comp.name
_chem_comp.formula
ZN non-polymer 'ZINC ION' 'Zn 2'
#
# COMPACT_ATOMS: atom_id res chain seq x y z
N VAL A 125 -46.05 13.48 -36.12
CA VAL A 125 -44.80 13.06 -36.75
C VAL A 125 -43.71 13.02 -35.68
N THR A 126 -42.71 12.14 -35.89
CA THR A 126 -41.74 11.87 -34.84
C THR A 126 -40.73 13.00 -34.70
N TYR A 127 -40.11 13.40 -35.80
CA TYR A 127 -39.08 14.44 -35.76
C TYR A 127 -39.67 15.78 -36.15
N LEU A 128 -39.64 16.75 -35.23
CA LEU A 128 -40.18 18.07 -35.48
C LEU A 128 -39.05 19.00 -35.92
N THR A 129 -39.33 19.82 -36.93
CA THR A 129 -38.27 20.44 -37.70
C THR A 129 -38.76 21.78 -38.21
N GLU A 130 -37.99 22.35 -39.15
CA GLU A 130 -38.01 23.77 -39.48
C GLU A 130 -39.36 24.26 -39.98
N GLU A 131 -40.01 23.49 -40.84
CA GLU A 131 -41.34 23.89 -41.28
C GLU A 131 -42.45 23.34 -40.41
N LYS A 132 -42.20 22.28 -39.65
CA LYS A 132 -43.19 21.87 -38.64
C LYS A 132 -43.18 22.85 -37.48
N VAL A 133 -42.02 23.41 -37.16
CA VAL A 133 -41.96 24.42 -36.11
C VAL A 133 -42.29 25.81 -36.65
N TYR A 134 -42.40 25.95 -37.97
CA TYR A 134 -42.80 27.22 -38.58
C TYR A 134 -44.21 27.61 -38.17
N GLU A 135 -45.08 26.65 -37.87
CA GLU A 135 -46.46 26.99 -37.57
C GLU A 135 -46.90 26.57 -36.18
N ILE A 136 -45.96 26.32 -35.27
CA ILE A 136 -46.32 25.95 -33.90
C ILE A 136 -47.03 27.11 -33.23
N LEU A 137 -46.45 28.31 -33.33
CA LEU A 137 -47.11 29.49 -32.82
C LEU A 137 -48.30 29.87 -33.68
N GLU A 138 -48.25 29.54 -34.97
CA GLU A 138 -49.40 29.83 -35.83
C GLU A 138 -50.55 28.87 -35.54
N LEU A 139 -50.26 27.62 -35.15
CA LEU A 139 -51.37 26.74 -34.86
C LEU A 139 -52.00 27.06 -33.52
N CYS A 140 -51.29 27.75 -32.64
CA CYS A 140 -51.91 28.29 -31.43
C CYS A 140 -52.07 29.80 -31.53
N ARG A 141 -52.04 30.35 -32.74
CA ARG A 141 -52.28 31.79 -32.88
C ARG A 141 -53.75 32.12 -32.63
N GLU A 142 -54.67 31.21 -32.97
CA GLU A 142 -56.09 31.47 -32.82
C GLU A 142 -56.71 30.85 -31.58
N ARG A 143 -56.05 29.88 -30.95
CA ARG A 143 -56.58 29.24 -29.75
C ARG A 143 -55.71 29.42 -28.52
N GLU A 144 -54.50 29.96 -28.66
CA GLU A 144 -53.64 30.45 -27.59
C GLU A 144 -53.20 29.37 -26.60
N ASP A 145 -53.22 28.10 -27.00
CA ASP A 145 -52.92 26.99 -26.10
C ASP A 145 -51.91 26.05 -26.73
N TYR A 146 -51.02 25.52 -25.88
CA TYR A 146 -49.76 24.97 -26.35
C TYR A 146 -49.38 23.68 -25.64
N SER A 147 -50.35 22.87 -25.23
CA SER A 147 -50.03 21.74 -24.36
C SER A 147 -49.32 20.60 -25.08
N PRO A 148 -49.79 20.05 -26.22
CA PRO A 148 -48.95 19.05 -26.91
C PRO A 148 -47.88 19.68 -27.78
N LEU A 149 -47.91 21.01 -27.94
CA LEU A 149 -46.92 21.72 -28.74
C LEU A 149 -45.54 21.67 -28.12
N ILE A 150 -45.46 21.47 -26.81
CA ILE A 150 -44.19 21.42 -26.12
C ILE A 150 -43.86 19.98 -25.73
N ARG A 151 -44.83 19.06 -25.78
CA ARG A 151 -44.54 17.65 -25.57
C ARG A 151 -43.67 17.10 -26.69
N VAL A 152 -43.88 17.59 -27.91
CA VAL A 152 -43.17 17.05 -29.07
C VAL A 152 -41.70 17.43 -29.04
N ILE A 153 -41.35 18.60 -28.49
CA ILE A 153 -39.94 18.91 -28.32
C ILE A 153 -39.36 18.10 -27.17
N GLY A 154 -40.20 17.63 -26.24
CA GLY A 154 -39.79 16.64 -25.28
C GLY A 154 -39.93 15.24 -25.78
N ARG A 155 -40.35 15.09 -27.03
CA ARG A 155 -40.27 13.82 -27.74
C ARG A 155 -39.11 13.78 -28.75
N VAL A 156 -38.92 14.87 -29.51
CA VAL A 156 -37.83 14.92 -30.49
C VAL A 156 -36.47 15.07 -29.81
N PHE A 157 -36.44 15.44 -28.53
CA PHE A 157 -35.18 15.45 -27.81
C PHE A 157 -34.65 14.04 -27.57
N SER A 158 -35.55 13.08 -27.40
CA SER A 158 -35.15 11.69 -27.39
C SER A 158 -35.81 10.96 -28.55
N GLU A 161 -31.78 11.47 -30.66
CA GLU A 161 -31.26 11.16 -31.99
C GLU A 161 -32.17 11.78 -33.02
N ALA A 162 -33.37 12.14 -32.61
CA ALA A 162 -34.44 12.51 -33.54
C ALA A 162 -34.23 13.87 -34.20
N LEU A 163 -33.15 14.58 -33.87
CA LEU A 163 -32.84 15.80 -34.60
C LEU A 163 -32.28 15.52 -35.98
N VAL A 164 -31.79 14.30 -36.24
CA VAL A 164 -31.02 14.05 -37.47
C VAL A 164 -31.92 14.18 -38.71
N GLN A 165 -33.05 13.47 -38.73
CA GLN A 165 -34.03 13.71 -39.78
C GLN A 165 -34.69 15.06 -39.65
N SER A 166 -34.72 15.61 -38.44
CA SER A 166 -35.25 16.95 -38.21
C SER A 166 -34.26 18.04 -38.56
N PHE A 167 -33.03 17.69 -38.94
CA PHE A 167 -32.01 18.71 -39.22
C PHE A 167 -30.97 18.12 -40.19
N ARG A 168 -31.12 18.44 -41.46
CA ARG A 168 -30.32 18.03 -42.62
C ARG A 168 -30.92 18.72 -43.83
N LYS A 169 -30.12 18.88 -44.87
CA LYS A 169 -30.65 19.35 -46.15
C LYS A 169 -30.22 18.43 -47.29
N ASP A 231 -19.44 16.28 -40.31
CA ASP A 231 -20.61 16.04 -41.14
C ASP A 231 -21.87 15.98 -40.28
N VAL A 232 -22.46 17.16 -40.05
CA VAL A 232 -23.52 17.34 -39.09
C VAL A 232 -24.48 18.40 -39.60
N SER A 233 -25.50 18.70 -38.80
CA SER A 233 -26.53 19.67 -39.12
C SER A 233 -26.03 21.10 -38.88
N VAL A 234 -26.75 22.05 -39.46
CA VAL A 234 -26.33 23.45 -39.47
C VAL A 234 -27.49 24.30 -38.93
N ASP A 235 -28.32 23.70 -38.10
CA ASP A 235 -29.61 24.30 -37.73
C ASP A 235 -29.56 25.17 -36.49
N ILE A 236 -28.40 25.75 -36.17
CA ILE A 236 -28.34 26.75 -35.11
C ILE A 236 -29.03 28.04 -35.55
N ASP A 237 -29.12 28.30 -36.85
CA ASP A 237 -29.99 29.36 -37.34
C ASP A 237 -31.45 28.98 -37.16
N ALA A 238 -31.74 27.69 -37.31
CA ALA A 238 -33.12 27.24 -37.30
C ALA A 238 -33.72 27.33 -35.91
N ILE A 239 -32.96 26.93 -34.88
CA ILE A 239 -33.45 27.12 -33.51
C ILE A 239 -33.51 28.61 -33.18
N ARG A 240 -32.65 29.41 -33.81
CA ARG A 240 -32.79 30.85 -33.76
C ARG A 240 -33.88 31.37 -34.67
N ARG A 241 -34.63 30.51 -35.37
CA ARG A 241 -35.97 30.86 -35.80
C ARG A 241 -37.03 30.31 -34.87
N VAL A 242 -36.74 29.24 -34.15
CA VAL A 242 -37.67 28.74 -33.16
C VAL A 242 -37.72 29.69 -31.98
N TYR A 243 -36.59 29.76 -31.28
CA TYR A 243 -36.51 30.44 -29.99
C TYR A 243 -36.74 31.93 -30.11
N THR A 244 -36.48 32.50 -31.29
CA THR A 244 -36.73 33.91 -31.56
C THR A 244 -38.15 34.19 -32.02
N ARG A 245 -38.85 33.20 -32.54
CA ARG A 245 -40.30 33.34 -32.69
C ARG A 245 -41.02 32.81 -31.47
N LEU A 246 -40.36 31.92 -30.73
CA LEU A 246 -40.86 31.48 -29.43
C LEU A 246 -40.17 32.23 -28.31
N LEU A 247 -39.85 33.50 -28.57
CA LEU A 247 -39.49 34.40 -27.48
C LEU A 247 -40.68 34.70 -26.59
N SER A 248 -41.90 34.55 -27.12
CA SER A 248 -43.10 34.93 -26.39
C SER A 248 -43.47 33.88 -25.34
N ASN A 249 -43.33 32.60 -25.66
CA ASN A 249 -43.72 31.52 -24.75
C ASN A 249 -42.49 31.03 -24.00
N GLU A 250 -42.30 31.50 -22.77
CA GLU A 250 -41.25 30.99 -21.89
C GLU A 250 -41.70 29.80 -21.07
N LYS A 251 -42.66 29.02 -21.58
CA LYS A 251 -42.96 27.69 -21.06
C LYS A 251 -42.35 26.60 -21.93
N ILE A 252 -41.70 26.97 -23.03
CA ILE A 252 -40.98 26.01 -23.86
C ILE A 252 -39.72 25.56 -23.17
N GLU A 253 -39.21 26.35 -22.23
CA GLU A 253 -38.03 26.00 -21.47
C GLU A 253 -38.31 24.93 -20.42
N THR A 254 -39.59 24.68 -20.12
CA THR A 254 -39.98 23.59 -19.24
C THR A 254 -39.55 22.27 -19.85
N ALA A 255 -40.13 21.90 -21.00
CA ALA A 255 -39.80 20.66 -21.65
C ALA A 255 -38.49 20.71 -22.42
N PHE A 256 -37.90 21.89 -22.61
CA PHE A 256 -36.49 21.95 -22.96
C PHE A 256 -35.64 21.32 -21.86
N LEU A 257 -35.99 21.60 -20.60
CA LEU A 257 -35.26 21.06 -19.46
C LEU A 257 -35.85 19.75 -18.98
N ASN A 258 -37.18 19.61 -19.03
CA ASN A 258 -37.83 18.40 -18.54
C ASN A 258 -37.55 17.18 -19.41
N ALA A 259 -37.15 17.39 -20.67
CA ALA A 259 -36.74 16.26 -21.50
C ALA A 259 -35.41 15.69 -21.06
N LEU A 260 -34.60 16.52 -20.41
CA LEU A 260 -33.24 16.13 -20.08
C LEU A 260 -33.18 15.08 -18.99
N VAL A 261 -34.19 15.09 -18.11
CA VAL A 261 -34.17 14.21 -16.94
C VAL A 261 -34.31 12.76 -17.37
N TYR A 262 -35.06 12.50 -18.43
CA TYR A 262 -35.01 11.17 -19.02
C TYR A 262 -33.96 11.07 -20.10
N LEU A 263 -33.44 12.18 -20.58
CA LEU A 263 -32.40 12.11 -21.59
C LEU A 263 -31.05 11.75 -20.98
N SER A 264 -30.93 11.86 -19.65
CA SER A 264 -29.67 11.50 -19.00
C SER A 264 -29.37 10.00 -19.12
N PRO A 265 -30.21 9.07 -18.65
CA PRO A 265 -29.83 7.66 -18.79
C PRO A 265 -30.07 7.10 -20.18
N ASN A 266 -30.66 7.88 -21.08
CA ASN A 266 -30.77 7.48 -22.47
C ASN A 266 -29.40 7.32 -23.09
N VAL A 267 -28.66 8.43 -23.16
CA VAL A 267 -27.42 8.45 -23.92
C VAL A 267 -26.21 8.08 -23.10
N GLU A 268 -26.39 7.60 -21.88
CA GLU A 268 -25.22 7.29 -21.09
C GLU A 268 -24.93 5.80 -21.02
N CYS A 269 -25.95 4.96 -21.25
CA CYS A 269 -25.75 3.51 -21.11
C CYS A 269 -25.30 2.88 -22.43
N ASP A 270 -25.75 3.43 -23.54
CA ASP A 270 -25.59 2.85 -24.86
C ASP A 270 -24.19 2.99 -25.42
N LEU A 271 -23.30 3.72 -24.75
CA LEU A 271 -21.99 4.00 -25.27
C LEU A 271 -20.91 3.07 -24.74
N THR A 272 -21.05 2.56 -23.51
CA THR A 272 -20.10 1.62 -22.94
C THR A 272 -20.66 0.23 -22.77
N TYR A 273 -21.97 0.06 -22.89
CA TYR A 273 -22.60 -1.25 -22.90
C TYR A 273 -23.07 -1.64 -24.29
N HIS A 274 -23.64 -0.69 -25.05
CA HIS A 274 -24.08 -0.98 -26.40
C HIS A 274 -23.14 -0.43 -27.46
N ASN A 275 -22.34 0.60 -27.14
CA ASN A 275 -21.25 1.13 -27.97
C ASN A 275 -21.75 1.57 -29.35
N VAL A 276 -22.62 2.58 -29.33
CA VAL A 276 -23.48 2.83 -30.48
C VAL A 276 -22.71 3.45 -31.65
N TYR A 277 -21.80 4.39 -31.38
CA TYR A 277 -21.08 5.06 -32.46
C TYR A 277 -19.85 4.29 -32.93
N SER A 278 -19.66 3.06 -32.47
CA SER A 278 -18.51 2.26 -32.91
C SER A 278 -18.66 1.87 -34.37
N ARG A 279 -19.85 1.39 -34.74
CA ARG A 279 -20.10 0.98 -36.11
C ARG A 279 -20.30 2.18 -37.03
N ASP A 280 -21.02 3.19 -36.56
CA ASP A 280 -21.43 4.27 -37.47
C ASP A 280 -20.83 5.60 -37.05
N PRO A 281 -20.50 6.42 -38.03
CA PRO A 281 -20.13 7.81 -37.73
C PRO A 281 -21.32 8.76 -37.72
N ASN A 282 -22.54 8.24 -37.61
CA ASN A 282 -23.71 9.10 -37.66
C ASN A 282 -24.43 9.21 -36.33
N TYR A 283 -23.93 8.58 -35.27
CA TYR A 283 -24.47 8.83 -33.94
C TYR A 283 -24.06 10.19 -33.41
N LEU A 284 -22.93 10.70 -33.88
CA LEU A 284 -22.39 11.97 -33.38
C LEU A 284 -23.17 13.18 -33.85
N ASN A 285 -24.07 13.03 -34.82
CA ASN A 285 -24.82 14.17 -35.34
C ASN A 285 -25.84 14.73 -34.34
N LEU A 286 -26.18 13.97 -33.28
CA LEU A 286 -27.24 14.41 -32.39
C LEU A 286 -26.79 15.52 -31.47
N PHE A 287 -25.50 15.59 -31.16
CA PHE A 287 -24.96 16.27 -30.00
C PHE A 287 -25.11 17.77 -30.02
N ILE A 288 -25.60 18.36 -31.10
CA ILE A 288 -25.66 19.80 -31.18
C ILE A 288 -26.86 20.34 -30.44
N ILE A 289 -27.82 19.49 -30.06
CA ILE A 289 -29.07 19.98 -29.49
C ILE A 289 -28.86 20.51 -28.07
N VAL A 290 -27.91 19.94 -27.32
CA VAL A 290 -27.70 20.38 -25.95
C VAL A 290 -27.01 21.74 -25.91
N MET A 291 -25.94 21.90 -26.69
CA MET A 291 -25.15 23.13 -26.61
C MET A 291 -25.83 24.31 -27.28
N GLU A 292 -26.74 24.09 -28.23
CA GLU A 292 -27.26 25.15 -29.08
C GLU A 292 -28.20 26.11 -28.35
N ASN A 293 -28.63 25.80 -27.14
CA ASN A 293 -29.57 26.65 -26.45
C ASN A 293 -28.89 27.91 -25.93
N ARG A 294 -29.55 29.04 -26.12
CA ARG A 294 -28.98 30.34 -25.78
C ARG A 294 -29.11 30.69 -24.31
N ASN A 295 -29.75 29.85 -23.51
CA ASN A 295 -29.99 30.18 -22.10
C ASN A 295 -29.45 29.11 -21.18
N LEU A 296 -28.40 28.40 -21.62
CA LEU A 296 -27.72 27.45 -20.75
C LEU A 296 -26.94 28.13 -19.64
N HIS A 297 -26.63 29.41 -19.81
CA HIS A 297 -25.93 30.20 -18.80
C HIS A 297 -26.73 30.37 -17.51
N SER A 298 -28.05 30.15 -17.55
CA SER A 298 -28.89 30.21 -16.37
C SER A 298 -28.75 28.94 -15.54
N PRO A 299 -28.80 29.05 -14.20
CA PRO A 299 -28.38 27.93 -13.34
C PRO A 299 -29.28 26.71 -13.37
N GLU A 300 -30.50 26.82 -13.90
CA GLU A 300 -31.32 25.62 -14.07
C GLU A 300 -30.73 24.72 -15.12
N TYR A 301 -30.29 25.28 -16.24
CA TYR A 301 -29.61 24.50 -17.25
C TYR A 301 -28.18 24.18 -16.89
N LEU A 302 -27.61 24.86 -15.89
CA LEU A 302 -26.27 24.51 -15.41
C LEU A 302 -26.23 23.08 -14.93
N GLU A 303 -27.01 22.75 -13.90
CA GLU A 303 -26.98 21.38 -13.40
C GLU A 303 -27.71 20.39 -14.28
N MET A 304 -28.29 20.85 -15.40
CA MET A 304 -28.99 19.93 -16.31
C MET A 304 -28.18 19.67 -17.58
N ALA A 305 -27.81 20.73 -18.31
CA ALA A 305 -27.42 20.54 -19.71
C ALA A 305 -26.06 19.89 -19.85
N LEU A 306 -25.08 20.30 -19.05
CA LEU A 306 -23.76 19.69 -19.15
C LEU A 306 -23.72 18.24 -18.67
N PRO A 307 -24.02 17.91 -17.41
CA PRO A 307 -23.46 16.67 -16.84
C PRO A 307 -24.03 15.39 -17.43
N LEU A 308 -25.25 15.43 -17.94
CA LEU A 308 -25.72 14.30 -18.73
C LEU A 308 -24.97 14.26 -20.06
N PHE A 309 -24.72 15.42 -20.65
CA PHE A 309 -24.16 15.45 -21.98
C PHE A 309 -22.67 15.22 -21.92
N CYS A 310 -22.03 15.69 -20.85
CA CYS A 310 -20.63 15.34 -20.64
C CYS A 310 -20.48 13.85 -20.38
N LYS A 311 -21.46 13.25 -19.71
CA LYS A 311 -21.48 11.80 -19.58
C LYS A 311 -21.63 11.13 -20.94
N ALA A 312 -22.41 11.73 -21.83
CA ALA A 312 -22.44 11.26 -23.21
C ALA A 312 -21.12 11.59 -23.90
N MET A 313 -20.57 12.76 -23.60
CA MET A 313 -19.27 13.10 -24.14
C MET A 313 -18.15 12.31 -23.50
N SER A 314 -18.39 11.71 -22.32
CA SER A 314 -17.33 10.96 -21.63
C SER A 314 -16.96 9.71 -22.41
N LYS A 315 -17.94 8.85 -22.67
CA LYS A 315 -17.65 7.66 -23.45
C LYS A 315 -17.74 7.91 -24.93
N LEU A 316 -17.95 9.16 -25.35
CA LEU A 316 -17.87 9.51 -26.76
C LEU A 316 -16.45 9.26 -27.24
N PRO A 317 -16.26 8.70 -28.42
CA PRO A 317 -14.93 8.26 -28.82
C PRO A 317 -14.04 9.41 -29.26
N LEU A 318 -12.83 9.01 -29.66
CA LEU A 318 -11.76 9.92 -29.99
C LEU A 318 -12.10 10.84 -31.14
N ALA A 319 -12.86 10.35 -32.11
CA ALA A 319 -13.29 11.21 -33.20
C ALA A 319 -14.54 11.97 -32.83
N ALA A 320 -15.55 11.26 -32.32
CA ALA A 320 -16.84 11.86 -32.00
C ALA A 320 -16.80 12.77 -30.79
N GLN A 321 -15.66 12.85 -30.11
CA GLN A 321 -15.31 14.09 -29.44
C GLN A 321 -14.52 14.97 -30.38
N GLY A 322 -13.38 14.45 -30.85
CA GLY A 322 -12.34 15.24 -31.46
C GLY A 322 -12.70 15.84 -32.79
N LYS A 323 -13.71 15.32 -33.46
CA LYS A 323 -14.07 15.91 -34.74
C LYS A 323 -15.20 16.90 -34.61
N LEU A 324 -15.91 16.91 -33.48
CA LEU A 324 -16.82 18.01 -33.22
C LEU A 324 -16.05 19.28 -32.93
N ILE A 325 -14.84 19.12 -32.44
CA ILE A 325 -14.01 20.27 -32.12
C ILE A 325 -13.62 20.99 -33.40
N ARG A 326 -13.37 20.23 -34.47
CA ARG A 326 -13.15 20.84 -35.77
C ARG A 326 -14.37 21.64 -36.21
N LEU A 327 -15.57 21.13 -35.90
CA LEU A 327 -16.77 21.96 -36.08
C LEU A 327 -16.86 23.04 -35.01
N TRP A 328 -16.33 22.79 -33.82
CA TRP A 328 -16.47 23.78 -32.76
C TRP A 328 -15.49 24.93 -32.89
N SER A 329 -14.32 24.67 -33.47
CA SER A 329 -13.38 25.77 -33.66
C SER A 329 -13.83 26.72 -34.75
N LYS A 330 -14.73 26.28 -35.63
CA LYS A 330 -15.28 27.16 -36.65
C LYS A 330 -16.18 28.23 -36.07
N TYR A 331 -16.63 28.06 -34.83
CA TYR A 331 -17.42 29.08 -34.16
C TYR A 331 -16.59 30.33 -33.92
N ASN A 332 -17.24 31.48 -34.06
CA ASN A 332 -16.55 32.76 -33.90
C ASN A 332 -16.37 33.09 -32.43
N ALA A 333 -15.72 34.22 -32.19
CA ALA A 333 -15.32 34.59 -30.84
C ALA A 333 -16.51 34.91 -29.96
N ASP A 334 -17.54 35.54 -30.54
CA ASP A 334 -18.75 35.78 -29.77
C ASP A 334 -19.49 34.47 -29.52
N GLN A 335 -19.47 33.56 -30.50
CA GLN A 335 -19.99 32.22 -30.27
C GLN A 335 -19.10 31.47 -29.29
N ILE A 336 -17.79 31.72 -29.35
CA ILE A 336 -16.91 31.26 -28.29
C ILE A 336 -17.28 31.94 -26.98
N ARG A 337 -17.55 33.25 -27.03
CA ARG A 337 -17.95 34.00 -25.83
C ARG A 337 -19.25 33.47 -25.25
N ARG A 338 -20.15 33.01 -26.10
CA ARG A 338 -21.33 32.33 -25.60
C ARG A 338 -21.01 30.92 -25.17
N MET A 339 -19.93 30.33 -25.68
CA MET A 339 -19.63 28.99 -25.22
C MET A 339 -18.68 28.99 -24.04
N MET A 340 -17.76 29.97 -23.95
CA MET A 340 -16.68 29.96 -22.96
C MET A 340 -17.20 30.01 -21.54
N GLU A 341 -18.40 30.55 -21.35
CA GLU A 341 -19.04 30.58 -20.06
C GLU A 341 -19.86 29.34 -19.80
N THR A 342 -20.53 28.81 -20.82
CA THR A 342 -21.61 27.87 -20.61
C THR A 342 -21.12 26.48 -20.26
N PHE A 343 -19.97 26.06 -20.77
CA PHE A 343 -19.40 24.86 -20.18
C PHE A 343 -18.67 25.17 -18.89
N GLN A 344 -18.22 26.41 -18.72
CA GLN A 344 -17.47 26.76 -17.53
C GLN A 344 -18.37 26.86 -16.32
N GLN A 345 -19.63 27.24 -16.53
CA GLN A 345 -20.52 27.60 -15.44
C GLN A 345 -20.87 26.42 -14.56
N LEU A 346 -20.89 25.21 -15.10
CA LEU A 346 -21.02 24.03 -14.24
C LEU A 346 -19.73 23.76 -13.50
N ILE A 347 -18.59 24.01 -14.14
CA ILE A 347 -17.31 23.74 -13.52
C ILE A 347 -17.06 24.72 -12.38
N THR A 348 -17.80 25.83 -12.33
CA THR A 348 -17.86 26.63 -11.13
C THR A 348 -18.44 25.82 -9.98
N TYR A 349 -19.68 25.38 -10.14
CA TYR A 349 -20.47 24.99 -8.98
C TYR A 349 -20.57 23.49 -8.76
N LYS A 350 -20.41 22.67 -9.80
CA LYS A 350 -20.42 21.22 -9.57
C LYS A 350 -19.22 20.79 -8.76
N VAL A 351 -18.07 21.44 -8.96
CA VAL A 351 -16.87 21.02 -8.26
C VAL A 351 -16.88 21.47 -6.81
N ILE A 352 -17.73 22.41 -6.43
CA ILE A 352 -17.86 22.82 -5.03
C ILE A 352 -19.09 22.24 -4.35
N SER A 353 -20.01 21.65 -5.11
CA SER A 353 -21.05 20.81 -4.51
C SER A 353 -20.42 19.64 -3.80
N ASN A 354 -19.42 19.02 -4.42
CA ASN A 354 -18.55 18.09 -3.74
C ASN A 354 -17.67 18.86 -2.78
N GLU A 355 -17.81 18.55 -1.49
CA GLU A 355 -16.80 18.90 -0.49
C GLU A 355 -15.93 17.67 -0.27
N PHE A 356 -15.17 17.35 -1.31
CA PHE A 356 -14.66 16.01 -1.50
C PHE A 356 -13.49 15.71 -0.58
N ASN A 357 -13.43 14.46 -0.16
CA ASN A 357 -12.33 13.95 0.65
C ASN A 357 -11.27 13.35 -0.28
N SER A 358 -10.36 12.58 0.28
CA SER A 358 -9.41 11.77 -0.49
C SER A 358 -10.03 10.48 -1.02
N ARG A 359 -11.36 10.36 -1.01
CA ARG A 359 -12.07 9.20 -1.54
C ARG A 359 -12.77 9.48 -2.87
N ASN A 360 -13.13 10.73 -3.13
CA ASN A 360 -13.86 11.11 -4.35
C ASN A 360 -13.09 12.21 -5.08
N LEU A 361 -12.11 11.80 -5.89
CA LEU A 361 -11.41 12.75 -6.75
C LEU A 361 -12.07 12.82 -8.12
N VAL A 362 -12.15 11.69 -8.81
CA VAL A 362 -12.75 11.62 -10.14
C VAL A 362 -14.06 10.87 -10.15
N ASN A 363 -14.34 10.06 -9.13
CA ASN A 363 -15.61 9.34 -9.04
C ASN A 363 -16.33 9.81 -7.80
N ASP A 364 -17.55 10.30 -7.97
CA ASP A 364 -18.34 10.80 -6.85
C ASP A 364 -19.67 10.04 -6.73
N VAL A 369 -15.86 17.57 -12.66
CA VAL A 369 -15.27 16.28 -12.33
C VAL A 369 -15.52 15.32 -13.46
N ALA A 370 -16.79 15.15 -13.82
CA ALA A 370 -17.14 14.41 -15.02
C ALA A 370 -17.14 15.29 -16.25
N ALA A 371 -17.57 16.54 -16.12
CA ALA A 371 -17.43 17.50 -17.20
C ALA A 371 -16.05 18.11 -17.25
N SER A 372 -15.12 17.61 -16.44
CA SER A 372 -13.71 17.72 -16.74
C SER A 372 -13.42 17.17 -18.11
N LYS A 373 -13.91 15.96 -18.38
CA LYS A 373 -13.67 15.34 -19.67
C LYS A 373 -14.45 16.04 -20.77
N CYS A 374 -15.57 16.68 -20.43
CA CYS A 374 -16.14 17.67 -21.34
C CYS A 374 -15.14 18.77 -21.60
N LEU A 375 -14.67 19.41 -20.54
CA LEU A 375 -13.76 20.53 -20.70
C LEU A 375 -12.42 20.09 -21.26
N LYS A 376 -12.07 18.82 -21.09
CA LYS A 376 -10.93 18.25 -21.82
C LYS A 376 -11.12 18.42 -23.31
N MET A 377 -12.32 18.19 -23.81
CA MET A 377 -12.57 18.41 -25.23
C MET A 377 -12.69 19.90 -25.52
N VAL A 378 -13.63 20.59 -24.87
CA VAL A 378 -14.02 21.91 -25.37
C VAL A 378 -12.99 22.96 -25.01
N TYR A 379 -11.93 22.60 -24.28
CA TYR A 379 -10.74 23.43 -24.29
C TYR A 379 -10.17 23.52 -25.69
N TYR A 380 -10.25 22.43 -26.45
CA TYR A 380 -9.63 22.45 -27.76
C TYR A 380 -10.39 23.31 -28.74
N ALA A 381 -11.63 23.67 -28.41
CA ALA A 381 -12.38 24.65 -29.19
C ALA A 381 -11.65 25.99 -29.23
N ASN A 382 -11.11 26.42 -28.10
CA ASN A 382 -10.35 27.67 -28.09
C ASN A 382 -8.91 27.48 -28.50
N VAL A 383 -8.47 26.24 -28.70
CA VAL A 383 -7.15 26.03 -29.26
C VAL A 383 -7.13 26.50 -30.70
N VAL A 384 -7.92 25.86 -31.56
CA VAL A 384 -7.89 26.26 -32.95
C VAL A 384 -8.83 27.42 -33.24
N GLY A 385 -9.97 27.49 -32.58
CA GLY A 385 -10.88 28.59 -32.78
C GLY A 385 -10.63 29.73 -31.81
N GLU A 387 -4.42 30.99 -33.57
CA GLU A 387 -3.63 30.30 -34.57
C GLU A 387 -2.92 29.10 -33.97
N VAL A 388 -2.88 28.01 -34.74
CA VAL A 388 -2.13 26.79 -34.43
C VAL A 388 -1.65 26.22 -35.76
N ASP A 389 -0.36 25.87 -35.84
CA ASP A 389 0.16 25.17 -37.01
C ASP A 389 1.23 24.20 -36.54
N THR A 390 1.16 22.96 -37.01
CA THR A 390 2.13 21.92 -36.65
C THR A 390 3.41 22.00 -37.45
N ASN A 391 3.61 23.07 -38.21
CA ASN A 391 4.74 23.14 -39.12
C ASN A 391 6.04 23.44 -38.40
N HIS A 392 6.06 24.55 -37.65
CA HIS A 392 7.31 25.17 -37.22
C HIS A 392 7.77 24.67 -35.86
N ASN A 393 7.85 23.35 -35.71
CA ASN A 393 8.33 22.77 -34.48
C ASN A 393 9.85 22.64 -34.50
N GLU A 394 10.40 22.16 -33.40
CA GLU A 394 11.83 21.88 -33.32
C GLU A 394 12.13 20.60 -34.10
N GLU A 395 13.41 20.28 -34.24
CA GLU A 395 13.79 18.93 -34.60
C GLU A 395 13.53 18.00 -33.42
N ASP A 396 13.76 16.71 -33.68
CA ASP A 396 13.34 15.68 -32.75
C ASP A 396 14.16 15.72 -31.46
N ASP A 397 13.45 15.56 -30.34
CA ASP A 397 14.05 15.52 -29.01
C ASP A 397 14.84 14.23 -28.93
N GLU A 398 16.14 14.33 -29.15
CA GLU A 398 16.97 13.15 -29.18
C GLU A 398 17.08 12.53 -27.80
N GLU A 399 17.27 11.22 -27.78
CA GLU A 399 17.21 10.44 -26.56
C GLU A 399 18.46 10.69 -25.72
N PRO A 400 18.41 10.36 -24.43
CA PRO A 400 19.66 10.34 -23.65
C PRO A 400 20.59 9.26 -24.17
N ILE A 401 21.88 9.52 -24.02
CA ILE A 401 22.92 8.52 -24.19
C ILE A 401 22.60 7.43 -23.19
N PRO A 402 22.55 6.16 -23.59
CA PRO A 402 21.98 5.13 -22.71
C PRO A 402 22.86 4.82 -21.53
N GLU A 403 22.22 4.27 -20.51
CA GLU A 403 22.93 3.73 -19.37
C GLU A 403 23.77 2.54 -19.83
N SER A 404 25.05 2.55 -19.44
CA SER A 404 25.98 1.51 -19.88
C SER A 404 25.60 0.15 -19.35
N SER A 405 24.90 0.09 -18.23
CA SER A 405 24.28 -1.16 -17.81
C SER A 405 23.11 -1.53 -18.73
N GLU A 406 22.27 -0.56 -19.07
CA GLU A 406 21.18 -0.80 -20.00
C GLU A 406 21.70 -0.97 -21.42
N LEU A 407 22.87 -0.41 -21.72
CA LEU A 407 23.51 -0.60 -23.02
C LEU A 407 23.85 -2.04 -23.28
N THR A 408 24.33 -2.75 -22.25
CA THR A 408 24.50 -4.18 -22.38
C THR A 408 23.15 -4.90 -22.34
N LEU A 409 22.19 -4.38 -21.58
CA LEU A 409 20.81 -4.87 -21.64
C LEU A 409 20.20 -4.60 -23.00
N GLN A 410 20.68 -3.58 -23.70
CA GLN A 410 20.34 -3.39 -25.10
C GLN A 410 21.02 -4.40 -26.02
N GLU A 411 21.93 -5.21 -25.52
CA GLU A 411 22.33 -6.41 -26.25
C GLU A 411 21.59 -7.64 -25.76
N LEU A 412 20.80 -7.49 -24.70
CA LEU A 412 19.89 -8.53 -24.28
C LEU A 412 18.51 -8.33 -24.88
N LEU A 413 18.21 -7.14 -25.38
CA LEU A 413 17.09 -6.98 -26.30
C LEU A 413 17.46 -6.33 -27.62
N GLY A 414 16.43 -5.96 -28.39
CA GLY A 414 16.55 -5.88 -29.84
C GLY A 414 17.41 -4.74 -30.36
N GLU A 415 17.64 -3.71 -29.55
CA GLU A 415 18.52 -2.58 -29.84
C GLU A 415 18.14 -1.74 -31.05
N GLU A 416 16.99 -2.00 -31.66
CA GLU A 416 16.71 -1.37 -32.94
C GLU A 416 15.29 -0.87 -33.11
N ARG A 417 14.32 -1.27 -32.28
CA ARG A 417 12.93 -0.95 -32.56
C ARG A 417 12.28 -0.10 -31.47
N ARG A 418 12.29 -0.53 -30.21
CA ARG A 418 11.50 0.13 -29.18
C ARG A 418 12.33 1.22 -28.52
N ASN A 419 12.86 2.10 -29.35
CA ASN A 419 13.64 3.24 -28.88
C ASN A 419 12.66 4.37 -28.62
N LYS A 420 11.99 4.30 -27.46
CA LYS A 420 11.03 5.29 -26.97
C LYS A 420 9.93 5.54 -27.99
N LYS A 421 9.21 4.47 -28.32
CA LYS A 421 8.01 4.62 -29.13
C LYS A 421 6.90 5.30 -28.35
N GLY A 422 6.90 5.18 -27.04
CA GLY A 422 6.02 5.95 -26.21
C GLY A 422 6.78 6.83 -25.23
N PRO A 423 6.77 8.12 -25.48
CA PRO A 423 7.09 9.09 -24.43
C PRO A 423 5.86 9.49 -23.64
N ARG A 424 4.83 8.64 -23.71
CA ARG A 424 3.49 8.88 -23.18
C ARG A 424 2.91 10.15 -23.77
N VAL A 425 2.66 10.10 -25.08
CA VAL A 425 2.11 11.24 -25.78
C VAL A 425 0.66 11.46 -25.37
N ASP A 426 0.19 12.65 -25.61
CA ASP A 426 -1.21 12.95 -25.42
C ASP A 426 -2.06 12.26 -26.48
N PRO A 427 -3.16 11.62 -26.09
CA PRO A 427 -3.88 10.76 -27.03
C PRO A 427 -4.90 11.49 -27.88
N LEU A 428 -5.43 12.60 -27.35
CA LEU A 428 -6.47 13.35 -28.05
C LEU A 428 -5.96 13.93 -29.34
N GLU A 429 -4.73 14.41 -29.33
CA GLU A 429 -4.16 15.05 -30.51
C GLU A 429 -3.57 14.04 -31.48
N THR A 430 -3.28 12.83 -31.02
CA THR A 430 -3.05 11.74 -31.95
C THR A 430 -4.32 11.35 -32.66
N GLU A 431 -5.48 11.63 -32.07
CA GLU A 431 -6.74 11.56 -32.80
C GLU A 431 -7.00 12.84 -33.59
N LEU A 432 -6.10 13.81 -33.52
CA LEU A 432 -6.19 15.02 -34.32
C LEU A 432 -5.05 15.11 -35.32
N GLY A 433 -3.80 15.03 -34.85
CA GLY A 433 -2.64 15.38 -35.65
C GLY A 433 -2.20 16.78 -35.28
N VAL A 434 -3.17 17.62 -34.97
CA VAL A 434 -2.93 18.98 -34.51
C VAL A 434 -2.94 18.98 -32.98
N LYS A 435 -1.99 19.69 -32.37
CA LYS A 435 -1.67 19.47 -30.96
C LYS A 435 -1.87 20.71 -30.09
N THR A 436 -1.75 20.47 -28.78
CA THR A 436 -1.52 21.52 -27.79
C THR A 436 -0.05 21.85 -27.66
N LEU A 437 0.80 21.17 -28.42
CA LEU A 437 2.20 21.52 -28.56
C LEU A 437 2.40 22.95 -29.04
N ASP A 438 1.46 23.46 -29.82
CA ASP A 438 1.66 24.62 -30.67
C ASP A 438 0.48 25.57 -30.64
N CYS A 439 -0.08 25.83 -29.47
CA CYS A 439 -1.16 26.81 -29.38
C CYS A 439 -0.55 28.20 -29.49
N ARG A 440 -0.51 28.74 -30.71
CA ARG A 440 0.08 30.07 -30.86
C ARG A 440 -0.81 31.15 -30.27
N LYS A 441 -2.12 31.05 -30.51
CA LYS A 441 -3.04 32.04 -29.99
C LYS A 441 -4.30 31.35 -29.48
N PRO A 442 -4.98 31.95 -28.51
CA PRO A 442 -6.38 31.60 -28.26
C PRO A 442 -7.31 32.59 -28.93
N LEU A 443 -8.61 32.37 -28.79
CA LEU A 443 -9.56 33.48 -28.91
C LEU A 443 -9.87 34.09 -27.56
N ILE A 444 -9.82 33.28 -26.51
CA ILE A 444 -9.93 33.70 -25.12
C ILE A 444 -8.96 32.80 -24.34
N PRO A 445 -8.14 33.34 -23.43
CA PRO A 445 -6.97 32.62 -22.94
C PRO A 445 -7.32 31.42 -22.07
N PHE A 446 -6.28 30.64 -21.81
CA PHE A 446 -6.38 29.35 -21.15
C PHE A 446 -6.45 29.45 -19.64
N GLU A 447 -6.29 30.65 -19.08
CA GLU A 447 -6.57 30.83 -17.67
C GLU A 447 -8.06 30.79 -17.40
N GLU A 448 -8.88 31.06 -18.42
CA GLU A 448 -10.30 30.75 -18.35
C GLU A 448 -10.53 29.27 -18.20
N PHE A 449 -9.61 28.46 -18.70
CA PHE A 449 -9.67 27.01 -18.62
C PHE A 449 -8.95 26.49 -17.39
N ILE A 450 -8.98 27.25 -16.30
CA ILE A 450 -8.44 26.85 -15.00
C ILE A 450 -9.53 27.17 -13.98
N ASN A 451 -9.67 26.31 -12.97
CA ASN A 451 -10.57 26.56 -11.85
C ASN A 451 -9.81 26.37 -10.55
N GLU A 452 -9.66 27.44 -9.80
CA GLU A 452 -8.99 27.42 -8.51
C GLU A 452 -9.81 26.85 -7.36
N PRO A 453 -11.15 27.06 -7.27
CA PRO A 453 -11.92 26.22 -6.34
C PRO A 453 -11.87 24.75 -6.64
N LEU A 454 -11.65 24.36 -7.89
CA LEU A 454 -11.30 22.98 -8.16
C LEU A 454 -9.92 22.66 -7.61
N ASN A 455 -8.95 23.54 -7.88
CA ASN A 455 -7.52 23.21 -7.76
C ASN A 455 -7.10 22.77 -6.37
N GLU A 456 -7.55 23.49 -5.34
CA GLU A 456 -7.10 23.16 -3.99
C GLU A 456 -7.75 21.89 -3.49
N VAL A 457 -9.03 21.69 -3.80
CA VAL A 457 -9.84 20.69 -3.09
C VAL A 457 -9.51 19.28 -3.54
N LEU A 458 -8.82 19.15 -4.66
CA LEU A 458 -8.61 17.85 -5.26
C LEU A 458 -7.51 17.08 -4.54
N GLU A 459 -7.33 15.84 -4.96
CA GLU A 459 -6.14 15.07 -4.65
C GLU A 459 -5.25 15.15 -5.88
N MET A 460 -4.11 15.82 -5.75
CA MET A 460 -3.16 15.90 -6.83
C MET A 460 -1.90 15.08 -6.57
N ASP A 461 -1.68 14.64 -5.33
CA ASP A 461 -0.45 13.93 -4.97
C ASP A 461 -0.37 12.58 -5.68
N LYS A 462 -1.41 11.78 -5.59
CA LYS A 462 -1.42 10.54 -6.34
C LYS A 462 -1.92 10.72 -7.77
N ASP A 463 -2.15 11.97 -8.20
CA ASP A 463 -2.63 12.18 -9.56
C ASP A 463 -1.58 11.88 -10.61
N TYR A 464 -0.30 11.90 -10.23
CA TYR A 464 0.71 11.46 -11.19
C TYR A 464 0.68 9.95 -11.37
N THR A 465 0.40 9.23 -10.30
CA THR A 465 0.10 7.82 -10.37
C THR A 465 -1.37 7.57 -10.68
N PHE A 466 -2.15 8.62 -10.86
CA PHE A 466 -3.36 8.53 -11.65
C PHE A 466 -3.10 8.96 -13.08
N PHE A 467 -1.85 9.26 -13.40
CA PHE A 467 -1.48 9.60 -14.76
C PHE A 467 -0.48 8.63 -15.35
N LYS A 468 0.67 8.44 -14.72
CA LYS A 468 1.64 7.47 -15.23
C LYS A 468 1.11 6.06 -15.02
N VAL A 469 0.79 5.72 -13.79
CA VAL A 469 -0.07 4.59 -13.49
C VAL A 469 -1.50 5.03 -13.75
N GLU A 470 -2.35 4.11 -14.23
CA GLU A 470 -3.69 4.49 -14.63
C GLU A 470 -4.72 4.10 -13.59
N THR A 471 -5.65 5.01 -13.33
CA THR A 471 -6.74 4.77 -12.40
C THR A 471 -7.95 5.56 -12.86
N GLU A 472 -9.01 4.84 -13.19
CA GLU A 472 -10.26 5.45 -13.62
C GLU A 472 -11.06 5.96 -12.44
N ASN A 473 -10.76 5.47 -11.24
CA ASN A 473 -11.57 5.78 -10.08
C ASN A 473 -11.30 7.21 -9.62
N LYS A 474 -10.07 7.47 -9.23
CA LYS A 474 -9.69 8.81 -8.82
C LYS A 474 -8.52 9.26 -9.67
N SER A 476 -5.58 11.47 -13.39
CA SER A 476 -6.97 11.63 -13.73
C SER A 476 -7.19 13.06 -14.13
N PHE A 477 -7.09 13.96 -13.16
CA PHE A 477 -7.04 15.36 -13.53
C PHE A 477 -5.70 15.72 -14.13
N MET A 478 -4.66 14.96 -13.80
CA MET A 478 -3.40 15.08 -14.48
C MET A 478 -3.53 14.70 -15.95
N THR A 479 -4.45 13.79 -16.26
CA THR A 479 -4.71 13.48 -17.66
C THR A 479 -5.39 14.62 -18.39
N CYS A 480 -5.91 15.62 -17.68
CA CYS A 480 -6.35 16.88 -18.27
C CYS A 480 -5.47 17.99 -17.72
N PRO A 481 -4.22 18.10 -18.21
CA PRO A 481 -3.28 19.05 -17.61
C PRO A 481 -3.53 20.49 -17.97
N PHE A 482 -4.53 20.79 -18.79
CA PHE A 482 -4.88 22.16 -19.10
C PHE A 482 -5.60 22.86 -17.95
N ILE A 483 -6.22 22.09 -17.05
CA ILE A 483 -7.13 22.67 -16.07
C ILE A 483 -6.43 22.98 -14.75
N LEU A 484 -5.24 22.44 -14.51
CA LEU A 484 -4.57 22.69 -13.26
C LEU A 484 -3.95 24.08 -13.23
N ASN A 485 -3.98 24.69 -12.05
CA ASN A 485 -3.20 25.90 -11.83
C ASN A 485 -1.72 25.55 -11.85
N ALA A 486 -0.93 26.49 -12.37
CA ALA A 486 0.50 26.27 -12.53
C ALA A 486 1.20 26.13 -11.20
N VAL A 487 0.70 26.81 -10.16
CA VAL A 487 1.26 26.63 -8.83
C VAL A 487 0.80 25.35 -8.18
N THR A 488 -0.12 24.62 -8.83
CA THR A 488 -0.47 23.28 -8.39
C THR A 488 -0.01 22.22 -9.35
N LYS A 489 0.12 22.58 -10.63
CA LYS A 489 0.60 21.65 -11.66
C LYS A 489 2.03 21.21 -11.39
N ASN A 490 2.83 22.11 -10.81
CA ASN A 490 4.22 21.84 -10.51
C ASN A 490 4.39 20.72 -9.51
N LEU A 491 3.40 20.55 -8.63
CA LEU A 491 3.48 19.59 -7.53
C LEU A 491 3.68 18.18 -8.05
N GLY A 492 2.82 17.75 -8.97
CA GLY A 492 2.99 16.44 -9.56
C GLY A 492 4.24 16.34 -10.40
N LEU A 493 4.60 17.42 -11.09
CA LEU A 493 5.89 17.48 -11.76
C LEU A 493 7.00 17.40 -10.73
N TYR A 494 6.85 18.13 -9.62
CA TYR A 494 7.76 17.92 -8.52
C TYR A 494 7.62 16.49 -8.01
N TYR A 495 6.40 15.97 -7.98
CA TYR A 495 6.24 14.61 -7.51
C TYR A 495 6.82 13.59 -8.47
N ASP A 496 6.71 13.80 -9.79
CA ASP A 496 7.33 12.85 -10.73
C ASP A 496 8.83 12.79 -10.53
N ASN A 497 9.45 13.92 -10.23
CA ASN A 497 10.82 13.90 -9.77
C ASN A 497 10.92 13.27 -8.39
N ARG A 498 10.06 13.68 -7.46
CA ARG A 498 10.08 13.15 -6.11
C ARG A 498 9.81 11.65 -6.08
N ILE A 499 8.89 11.17 -6.91
CA ILE A 499 8.74 9.73 -7.07
C ILE A 499 9.96 9.12 -7.76
N ARG A 500 10.57 9.80 -8.72
CA ARG A 500 11.80 9.27 -9.29
C ARG A 500 12.93 9.34 -8.29
N MET A 501 12.98 10.42 -7.51
CA MET A 501 13.89 10.49 -6.37
C MET A 501 13.64 9.37 -5.39
N TYR A 502 12.36 9.07 -5.13
CA TYR A 502 12.01 7.87 -4.36
C TYR A 502 12.47 6.62 -5.09
N SER A 503 12.27 6.57 -6.41
CA SER A 503 12.74 5.42 -7.15
C SER A 503 14.24 5.42 -7.30
N GLU A 504 14.85 6.59 -7.32
CA GLU A 504 16.29 6.62 -7.22
C GLU A 504 16.74 6.31 -5.81
N ARG A 505 15.92 6.62 -4.82
CA ARG A 505 16.14 6.09 -3.49
C ARG A 505 15.87 4.60 -3.45
N ARG A 506 15.06 4.10 -4.39
CA ARG A 506 14.81 2.68 -4.50
C ARG A 506 15.80 1.98 -5.42
N ILE A 507 16.80 2.69 -5.94
CA ILE A 507 17.74 2.04 -6.83
C ILE A 507 19.16 2.32 -6.37
N THR A 508 19.29 3.25 -5.44
CA THR A 508 20.60 3.50 -4.86
C THR A 508 21.09 2.35 -4.01
N VAL A 509 20.19 1.49 -3.56
CA VAL A 509 20.61 0.33 -2.78
C VAL A 509 21.40 -0.62 -3.67
N LEU A 510 20.95 -0.78 -4.90
CA LEU A 510 21.18 -2.00 -5.64
C LEU A 510 22.58 -2.11 -6.22
N TYR A 511 23.50 -1.25 -5.86
CA TYR A 511 24.91 -1.44 -6.14
C TYR A 511 25.73 -1.49 -4.89
N SER A 512 25.25 -0.92 -3.81
CA SER A 512 25.72 -1.32 -2.51
C SER A 512 25.01 -2.56 -2.02
N LEU A 513 23.94 -2.99 -2.71
CA LEU A 513 23.29 -4.22 -2.28
C LEU A 513 24.09 -5.43 -2.78
N VAL A 514 24.15 -5.62 -4.08
CA VAL A 514 24.72 -6.82 -4.65
C VAL A 514 26.15 -6.60 -5.13
N GLN A 515 26.42 -5.47 -5.76
CA GLN A 515 27.79 -5.16 -6.10
C GLN A 515 28.59 -4.70 -4.90
N GLY A 516 27.92 -4.36 -3.80
CA GLY A 516 28.58 -3.98 -2.57
C GLY A 516 29.30 -2.66 -2.61
N GLN A 517 29.22 -1.93 -3.71
CA GLN A 517 30.03 -0.75 -3.95
C GLN A 517 29.45 0.48 -3.26
N GLN A 518 29.92 1.65 -3.67
CA GLN A 518 29.58 2.88 -3.00
C GLN A 518 28.09 3.20 -3.14
N LEU A 519 27.59 3.93 -2.15
CA LEU A 519 26.19 4.28 -2.01
C LEU A 519 26.03 5.78 -2.17
N ASN A 520 25.28 6.18 -3.18
CA ASN A 520 24.89 7.58 -3.37
C ASN A 520 23.38 7.59 -3.23
N PRO A 521 22.86 7.84 -2.03
CA PRO A 521 21.42 8.08 -1.88
C PRO A 521 21.01 9.52 -2.14
N TYR A 522 21.96 10.37 -2.52
CA TYR A 522 21.70 11.69 -3.07
C TYR A 522 22.49 11.85 -4.35
N LEU A 523 22.06 12.81 -5.16
CA LEU A 523 22.88 13.32 -6.25
C LEU A 523 23.91 14.25 -5.61
N ARG A 524 25.10 13.72 -5.37
CA ARG A 524 26.15 14.50 -4.74
C ARG A 524 26.94 15.22 -5.81
N LEU A 525 26.88 16.54 -5.81
CA LEU A 525 27.59 17.37 -6.76
C LEU A 525 28.68 18.15 -6.05
N LYS A 526 29.86 18.22 -6.68
CA LYS A 526 31.03 18.87 -6.10
C LYS A 526 31.42 20.11 -6.92
N VAL A 527 31.63 21.23 -6.22
CA VAL A 527 32.07 22.47 -6.84
C VAL A 527 33.08 23.21 -5.97
N ARG A 528 33.48 24.39 -6.42
CA ARG A 528 34.07 25.41 -5.57
C ARG A 528 33.37 26.72 -5.85
N ARG A 529 33.32 27.59 -4.84
CA ARG A 529 32.56 28.82 -4.94
C ARG A 529 33.13 29.80 -5.96
N ASP A 530 34.38 29.60 -6.39
CA ASP A 530 34.89 30.30 -7.55
C ASP A 530 35.53 29.36 -8.56
N HIS A 531 35.43 28.04 -8.35
CA HIS A 531 35.76 27.12 -9.41
C HIS A 531 34.55 26.25 -9.72
N ILE A 532 33.40 26.88 -9.90
CA ILE A 532 32.17 26.12 -10.09
C ILE A 532 32.03 25.63 -11.52
N ILE A 533 32.02 26.55 -12.49
CA ILE A 533 31.48 26.34 -13.84
C ILE A 533 32.20 25.21 -14.55
N ASP A 534 33.51 25.09 -14.33
CA ASP A 534 34.24 23.91 -14.74
C ASP A 534 33.76 22.69 -13.97
N ASP A 535 33.85 22.73 -12.65
CA ASP A 535 33.68 21.55 -11.83
C ASP A 535 32.23 21.21 -11.60
N ALA A 536 31.34 22.19 -11.76
CA ALA A 536 29.92 21.86 -11.84
C ALA A 536 29.66 20.99 -13.04
N LEU A 537 30.34 21.28 -14.14
CA LEU A 537 30.05 20.55 -15.36
C LEU A 537 30.61 19.14 -15.32
N VAL A 538 31.91 19.02 -15.07
CA VAL A 538 32.61 17.76 -15.32
C VAL A 538 32.26 16.69 -14.30
N ARG A 539 31.77 17.09 -13.12
CA ARG A 539 31.18 16.10 -12.22
C ARG A 539 29.90 15.52 -12.82
N LEU A 540 29.07 16.37 -13.42
CA LEU A 540 27.86 15.86 -14.07
C LEU A 540 28.17 15.08 -15.34
N GLU A 541 29.35 15.29 -15.91
CA GLU A 541 29.73 14.49 -17.05
C GLU A 541 30.06 13.07 -16.61
N MET A 542 30.60 12.92 -15.40
CA MET A 542 30.68 11.60 -14.79
C MET A 542 29.29 11.06 -14.47
N ILE A 543 28.33 11.96 -14.21
CA ILE A 543 26.94 11.53 -14.10
C ILE A 543 26.30 11.46 -15.48
N ALA A 544 27.06 11.71 -16.54
CA ALA A 544 26.51 11.55 -17.88
C ALA A 544 27.02 10.28 -18.55
N MET A 545 28.32 10.15 -18.71
CA MET A 545 28.84 9.02 -19.46
C MET A 545 28.96 7.77 -18.61
N GLU A 546 28.82 7.89 -17.30
CA GLU A 546 28.96 6.74 -16.43
C GLU A 546 27.71 6.43 -15.62
N ASN A 547 27.08 7.43 -15.00
CA ASN A 547 25.82 7.22 -14.28
C ASN A 547 24.74 8.16 -14.81
N PRO A 548 24.20 7.92 -16.01
CA PRO A 548 23.15 8.81 -16.53
C PRO A 548 21.78 8.59 -15.89
N ALA A 549 21.74 7.90 -14.76
CA ALA A 549 20.53 7.75 -13.98
C ALA A 549 20.41 8.75 -12.85
N ASP A 550 21.52 9.22 -12.30
CA ASP A 550 21.50 9.86 -10.99
C ASP A 550 21.05 11.31 -11.03
N LEU A 551 20.62 11.81 -12.17
CA LEU A 551 20.36 13.23 -12.30
C LEU A 551 18.94 13.57 -11.89
N LYS A 552 17.99 12.66 -12.12
CA LYS A 552 16.64 12.80 -11.61
C LYS A 552 16.57 12.68 -10.10
N LYS A 553 17.57 12.03 -9.53
CA LYS A 553 17.74 11.93 -8.10
C LYS A 553 18.08 13.28 -7.51
N GLN A 554 17.60 13.53 -6.31
CA GLN A 554 17.58 14.87 -5.75
C GLN A 554 18.98 15.41 -5.50
N LEU A 555 19.18 16.65 -5.90
CA LEU A 555 20.50 17.24 -5.84
C LEU A 555 20.88 17.54 -4.39
N TYR A 556 22.09 17.15 -4.01
CA TYR A 556 22.69 17.56 -2.75
C TYR A 556 24.10 18.00 -3.08
N VAL A 557 24.35 19.27 -3.02
CA VAL A 557 25.63 19.80 -3.45
C VAL A 557 26.64 19.66 -2.33
N GLU A 558 27.85 19.25 -2.69
CA GLU A 558 29.01 19.39 -1.83
C GLU A 558 29.96 20.38 -2.48
N PHE A 559 30.99 20.76 -1.73
CA PHE A 559 32.00 21.68 -2.23
C PHE A 559 33.36 21.03 -2.05
N GLU A 560 34.43 21.81 -2.22
CA GLU A 560 35.75 21.38 -1.79
C GLU A 560 36.12 22.03 -0.47
N GLY A 561 36.03 23.36 -0.38
CA GLY A 561 36.39 24.05 0.84
C GLY A 561 35.34 23.92 1.92
N GLU A 562 34.07 23.98 1.55
CA GLU A 562 32.99 24.00 2.54
C GLU A 562 32.74 22.61 3.10
N GLN A 563 32.66 22.54 4.43
CA GLN A 563 32.31 21.31 5.11
C GLN A 563 31.20 21.56 6.11
N VAL A 570 24.30 21.75 -0.11
CA VAL A 570 23.24 22.74 0.04
C VAL A 570 22.84 23.24 -1.34
N SER A 571 21.53 23.29 -1.58
CA SER A 571 21.13 23.28 -2.98
C SER A 571 20.13 24.37 -3.36
N LYS A 572 19.27 24.80 -2.44
CA LYS A 572 18.18 25.70 -2.80
C LYS A 572 18.71 27.08 -3.12
N GLU A 573 19.59 27.59 -2.28
CA GLU A 573 20.34 28.80 -2.60
C GLU A 573 21.28 28.62 -3.77
N PHE A 574 21.71 27.38 -4.02
CA PHE A 574 22.83 27.10 -4.89
C PHE A 574 22.54 27.45 -6.33
N PHE A 575 21.28 27.37 -6.73
CA PHE A 575 20.91 27.74 -8.09
C PHE A 575 21.09 29.23 -8.34
N GLN A 576 20.70 30.07 -7.37
CA GLN A 576 20.90 31.51 -7.54
C GLN A 576 22.38 31.86 -7.56
N LEU A 577 23.21 31.07 -6.86
CA LEU A 577 24.64 31.18 -7.07
C LEU A 577 25.00 30.83 -8.50
N VAL A 578 24.42 29.74 -9.02
CA VAL A 578 24.70 29.31 -10.38
C VAL A 578 24.18 30.35 -11.37
N VAL A 579 22.89 30.65 -11.29
CA VAL A 579 22.28 31.47 -12.33
C VAL A 579 22.55 32.96 -12.16
N GLU A 580 23.36 33.36 -11.19
CA GLU A 580 23.84 34.73 -11.30
C GLU A 580 25.10 34.78 -12.14
N GLU A 581 26.06 33.90 -11.84
CA GLU A 581 27.27 33.87 -12.64
C GLU A 581 27.01 33.28 -14.01
N ILE A 582 26.04 32.37 -14.12
CA ILE A 582 25.64 31.90 -15.43
C ILE A 582 25.00 33.04 -16.19
N PHE A 583 23.99 33.67 -15.61
CA PHE A 583 23.31 34.74 -16.31
C PHE A 583 24.00 36.09 -16.12
N ASN A 584 25.29 36.09 -15.89
CA ASN A 584 26.01 37.31 -16.18
C ASN A 584 26.91 37.09 -17.39
N PRO A 585 27.19 38.15 -18.18
CA PRO A 585 27.99 37.97 -19.40
C PRO A 585 29.48 37.80 -19.17
N ASP A 586 29.89 37.54 -17.92
CA ASP A 586 31.28 37.22 -17.63
C ASP A 586 31.69 35.92 -18.26
N ILE A 587 30.75 35.00 -18.46
CA ILE A 587 31.11 33.77 -19.15
C ILE A 587 31.09 33.98 -20.67
N GLY A 588 30.21 34.85 -21.18
CA GLY A 588 30.11 35.05 -22.61
C GLY A 588 29.07 34.21 -23.32
N MET A 589 28.20 33.52 -22.57
CA MET A 589 27.09 32.79 -23.17
C MET A 589 25.93 33.70 -23.56
N PHE A 590 25.92 34.94 -23.07
CA PHE A 590 24.67 35.65 -22.93
C PHE A 590 24.81 37.13 -23.22
N THR A 591 23.79 37.68 -23.85
CA THR A 591 23.60 39.12 -23.90
C THR A 591 22.59 39.53 -22.83
N TYR A 592 22.10 40.75 -22.91
CA TYR A 592 20.91 41.15 -22.18
C TYR A 592 20.16 42.15 -23.02
N ASP A 593 18.84 42.04 -23.02
CA ASP A 593 17.99 43.13 -23.47
C ASP A 593 17.48 43.88 -22.25
N GLU A 594 18.40 44.64 -21.65
CA GLU A 594 18.18 45.26 -20.35
C GLU A 594 17.13 46.35 -20.37
N SER A 595 16.75 46.84 -21.56
CA SER A 595 15.62 47.74 -21.67
C SER A 595 14.34 47.06 -21.22
N THR A 596 14.02 45.94 -21.86
CA THR A 596 12.91 45.12 -21.43
C THR A 596 13.26 44.27 -20.23
N LYS A 597 14.55 44.19 -19.89
CA LYS A 597 15.11 43.29 -18.88
C LYS A 597 14.82 41.84 -19.21
N LEU A 598 14.75 41.50 -20.49
CA LEU A 598 14.61 40.11 -20.90
C LEU A 598 15.95 39.56 -21.36
N PHE A 599 16.18 38.29 -21.05
CA PHE A 599 17.51 37.71 -21.16
C PHE A 599 17.64 36.92 -22.44
N TRP A 600 18.88 36.80 -22.94
CA TRP A 600 19.08 36.00 -24.14
C TRP A 600 20.48 35.41 -24.19
N PHE A 601 20.59 34.31 -24.94
CA PHE A 601 21.86 33.73 -25.36
C PHE A 601 22.72 34.75 -26.10
N ASN A 602 23.97 34.57 -26.05
CA ASN A 602 24.80 35.28 -26.99
C ASN A 602 25.03 34.39 -28.20
N PRO A 603 24.73 34.83 -29.43
CA PRO A 603 24.94 33.95 -30.58
C PRO A 603 26.40 33.61 -30.82
N SER A 604 27.33 34.42 -30.32
CA SER A 604 28.75 34.11 -30.37
C SER A 604 29.20 33.31 -29.16
N SER A 605 28.31 32.52 -28.56
CA SER A 605 28.71 31.50 -27.60
C SER A 605 28.96 30.18 -28.33
N PHE A 606 29.83 30.26 -29.32
CA PHE A 606 30.11 29.14 -30.19
C PHE A 606 30.90 28.04 -29.48
N GLU A 607 31.68 28.40 -28.47
CA GLU A 607 32.41 27.41 -27.70
C GLU A 607 31.82 27.19 -26.32
N THR A 608 31.28 28.23 -25.70
CA THR A 608 30.64 28.10 -24.42
C THR A 608 29.21 27.61 -24.52
N GLU A 609 28.79 27.12 -25.68
CA GLU A 609 27.66 26.22 -25.73
C GLU A 609 28.01 24.87 -25.12
N GLY A 610 29.30 24.56 -25.00
CA GLY A 610 29.76 23.58 -24.06
C GLY A 610 29.53 23.95 -22.60
N GLN A 611 29.30 25.24 -22.31
CA GLN A 611 28.88 25.69 -20.99
C GLN A 611 27.40 25.97 -20.92
N PHE A 612 26.69 25.90 -22.03
CA PHE A 612 25.25 25.75 -21.94
C PHE A 612 24.87 24.33 -21.56
N THR A 613 25.81 23.40 -21.72
CA THR A 613 25.64 22.04 -21.27
C THR A 613 25.39 21.96 -19.78
N LEU A 614 25.99 22.85 -19.00
CA LEU A 614 25.71 22.86 -17.58
C LEU A 614 24.30 23.35 -17.30
N ILE A 615 23.97 24.53 -17.82
CA ILE A 615 22.80 25.26 -17.35
C ILE A 615 21.52 24.53 -17.74
N GLY A 616 21.55 23.77 -18.83
CA GLY A 616 20.40 22.97 -19.19
C GLY A 616 20.12 21.89 -18.19
N ILE A 617 21.17 21.24 -17.70
CA ILE A 617 21.02 20.33 -16.57
C ILE A 617 20.57 21.10 -15.35
N VAL A 618 21.13 22.29 -15.17
CA VAL A 618 20.82 23.11 -14.01
C VAL A 618 19.40 23.61 -14.07
N LEU A 619 18.98 24.11 -15.23
CA LEU A 619 17.59 24.48 -15.41
C LEU A 619 16.71 23.26 -15.26
N GLY A 620 17.17 22.14 -15.79
CA GLY A 620 16.48 20.90 -15.55
C GLY A 620 16.53 20.47 -14.11
N LEU A 621 17.56 20.89 -13.38
CA LEU A 621 17.52 20.62 -11.97
C LEU A 621 16.82 21.70 -11.18
N ALA A 622 16.71 22.90 -11.72
CA ALA A 622 15.99 23.94 -11.02
C ALA A 622 14.52 23.64 -10.95
N ILE A 623 14.02 22.88 -11.91
CA ILE A 623 12.62 22.51 -11.92
C ILE A 623 12.38 21.25 -11.11
N TYR A 624 13.43 20.54 -10.74
CA TYR A 624 13.19 19.29 -10.05
C TYR A 624 12.99 19.48 -8.56
N ASN A 625 13.78 20.34 -7.96
CA ASN A 625 13.63 20.60 -6.54
C ASN A 625 12.47 21.52 -6.22
N ASN A 626 11.74 21.98 -7.23
CA ASN A 626 10.77 23.06 -7.15
C ASN A 626 11.41 24.29 -6.51
N CYS A 627 12.36 24.85 -7.23
CA CYS A 627 12.81 26.19 -6.95
C CYS A 627 12.58 27.06 -8.17
N ILE A 628 12.42 28.36 -7.94
CA ILE A 628 12.32 29.28 -9.06
C ILE A 628 13.72 29.54 -9.56
N LEU A 629 13.83 30.15 -10.71
CA LEU A 629 15.04 30.87 -11.07
C LEU A 629 14.67 32.31 -11.33
N ASP A 630 15.61 33.21 -11.08
CA ASP A 630 15.41 34.59 -11.49
C ASP A 630 15.90 34.82 -12.91
N VAL A 631 16.03 33.75 -13.68
CA VAL A 631 16.06 33.75 -15.14
C VAL A 631 14.92 34.62 -15.63
N HIS A 632 15.21 35.56 -16.50
CA HIS A 632 14.14 36.25 -17.20
C HIS A 632 14.32 35.99 -18.68
N PHE A 633 13.94 34.80 -19.09
CA PHE A 633 13.92 34.46 -20.49
C PHE A 633 12.58 34.82 -21.08
N PRO A 634 12.53 35.13 -22.38
CA PRO A 634 11.27 35.42 -23.02
C PRO A 634 10.47 34.15 -23.25
N MET A 635 9.25 34.36 -23.74
CA MET A 635 8.31 33.27 -23.97
C MET A 635 8.80 32.34 -25.07
N VAL A 636 9.63 32.85 -25.98
CA VAL A 636 10.06 32.09 -27.13
C VAL A 636 11.02 31.00 -26.72
N VAL A 637 11.71 31.18 -25.60
CA VAL A 637 12.53 30.13 -25.02
C VAL A 637 11.67 28.93 -24.69
N TYR A 638 10.49 29.19 -24.17
CA TYR A 638 9.66 28.15 -23.60
C TYR A 638 8.75 27.52 -24.64
N ARG A 639 8.45 28.26 -25.70
CA ARG A 639 7.98 27.61 -26.91
C ARG A 639 9.06 26.68 -27.44
N LYS A 640 10.31 27.16 -27.44
CA LYS A 640 11.40 26.34 -27.92
C LYS A 640 11.78 25.27 -26.92
N LEU A 641 11.54 25.52 -25.64
CA LEU A 641 11.71 24.43 -24.68
C LEU A 641 10.61 23.41 -24.81
N MET A 642 9.46 23.78 -25.35
CA MET A 642 8.45 22.79 -25.70
C MET A 642 8.50 22.42 -27.16
N GLY A 643 9.68 22.50 -27.76
CA GLY A 643 9.89 21.96 -29.07
C GLY A 643 9.24 22.72 -30.20
N LYS A 644 8.84 23.96 -29.98
CA LYS A 644 8.28 24.79 -31.04
C LYS A 644 9.29 25.87 -31.38
N LYS A 645 9.83 25.81 -32.59
CA LYS A 645 10.78 26.79 -33.08
C LYS A 645 10.12 28.16 -33.21
N GLY A 646 10.95 29.17 -33.43
CA GLY A 646 10.50 30.54 -33.30
C GLY A 646 9.52 30.93 -34.38
N THR A 647 8.34 31.41 -33.96
CA THR A 647 7.38 32.03 -34.87
C THR A 647 7.79 33.47 -35.09
N PHE A 648 6.99 34.23 -35.80
CA PHE A 648 7.24 35.66 -35.84
C PHE A 648 6.88 36.29 -34.50
N ARG A 649 5.66 36.04 -34.04
CA ARG A 649 5.01 36.88 -33.03
C ARG A 649 5.66 36.78 -31.66
N ASP A 650 6.54 35.80 -31.45
CA ASP A 650 7.28 35.67 -30.21
C ASP A 650 8.46 36.61 -30.12
N LEU A 651 8.70 37.41 -31.16
CA LEU A 651 9.83 38.31 -31.14
C LEU A 651 9.64 39.45 -30.15
N GLY A 652 8.40 39.92 -30.00
CA GLY A 652 8.06 40.93 -29.02
C GLY A 652 8.13 40.48 -27.59
N ASP A 653 8.23 39.17 -27.37
CA ASP A 653 8.67 38.64 -26.11
C ASP A 653 10.17 38.80 -25.98
N SER A 654 10.91 38.41 -27.00
CA SER A 654 12.37 38.42 -26.93
C SER A 654 12.91 39.82 -27.16
N HIS A 655 12.66 40.39 -28.32
CA HIS A 655 13.26 41.65 -28.72
C HIS A 655 12.17 42.51 -29.30
N PRO A 656 11.52 43.34 -28.49
CA PRO A 656 10.50 44.25 -29.02
C PRO A 656 11.06 45.27 -29.97
N VAL A 657 12.33 45.65 -29.81
CA VAL A 657 12.96 46.58 -30.75
C VAL A 657 13.11 45.93 -32.12
N LEU A 658 13.20 44.60 -32.19
CA LEU A 658 13.09 43.94 -33.48
C LEU A 658 11.65 43.69 -33.88
N TYR A 659 10.72 43.69 -32.92
CA TYR A 659 9.36 43.25 -33.22
C TYR A 659 8.65 44.22 -34.14
N GLN A 660 8.55 45.48 -33.73
CA GLN A 660 7.93 46.48 -34.57
C GLN A 660 8.81 46.81 -35.76
N SER A 661 10.12 46.68 -35.61
CA SER A 661 11.02 46.91 -36.74
C SER A 661 11.02 45.76 -37.74
N LEU A 662 10.31 44.67 -37.47
CA LEU A 662 10.07 43.65 -38.47
C LEU A 662 8.64 43.60 -38.96
N LYS A 663 7.69 44.18 -38.23
CA LYS A 663 6.32 44.22 -38.71
C LYS A 663 5.96 45.57 -39.30
N ASP A 664 6.78 46.61 -39.10
CA ASP A 664 6.58 47.85 -39.84
C ASP A 664 6.92 47.64 -41.31
N LEU A 665 7.79 46.68 -41.60
CA LEU A 665 7.98 46.18 -42.94
C LEU A 665 6.66 45.74 -43.54
N LEU A 666 5.89 44.96 -42.77
CA LEU A 666 4.52 44.64 -43.17
C LEU A 666 3.64 45.89 -43.21
N GLU A 667 3.87 46.82 -42.30
CA GLU A 667 3.11 48.05 -42.31
C GLU A 667 3.62 49.04 -43.36
N TYR A 668 4.81 48.81 -43.91
CA TYR A 668 5.33 49.62 -45.01
C TYR A 668 4.53 49.37 -46.28
N THR A 679 17.55 45.82 -48.54
CA THR A 679 16.31 45.99 -47.81
C THR A 679 15.87 44.67 -47.20
N PHE A 680 16.08 43.57 -47.93
CA PHE A 680 15.71 42.24 -47.48
C PHE A 680 16.89 41.52 -46.85
N GLN A 681 17.74 42.23 -46.13
CA GLN A 681 18.71 41.59 -45.27
C GLN A 681 18.90 42.45 -44.02
N ILE A 682 19.15 41.78 -42.89
CA ILE A 682 19.37 42.45 -41.62
C ILE A 682 20.66 41.90 -41.02
N SER A 683 21.45 42.80 -40.44
CA SER A 683 22.64 42.43 -39.72
C SER A 683 22.32 41.66 -38.44
N GLN A 684 23.37 41.14 -37.82
CA GLN A 684 23.27 40.50 -36.52
C GLN A 684 24.60 40.66 -35.81
N THR A 685 24.52 40.99 -34.52
CA THR A 685 25.70 41.14 -33.70
C THR A 685 25.99 39.87 -32.91
N PRO A 691 27.52 42.85 -36.07
CA PRO A 691 27.84 43.71 -37.21
C PRO A 691 27.77 42.97 -38.53
N MET A 692 27.39 41.70 -38.48
CA MET A 692 27.46 40.81 -39.64
C MET A 692 26.14 40.85 -40.39
N MET A 693 26.14 41.55 -41.51
CA MET A 693 24.98 41.53 -42.41
C MET A 693 24.88 40.17 -43.09
N TYR A 694 23.65 39.75 -43.34
CA TYR A 694 23.43 38.40 -43.84
C TYR A 694 22.10 38.38 -44.57
N ASP A 695 22.13 38.08 -45.87
CA ASP A 695 20.92 37.95 -46.65
C ASP A 695 20.31 36.59 -46.37
N LEU A 696 19.12 36.60 -45.75
CA LEU A 696 18.38 35.39 -45.44
C LEU A 696 17.98 34.71 -46.75
N LYS A 697 17.10 35.35 -47.50
CA LYS A 697 16.87 34.95 -48.87
C LYS A 697 18.08 35.33 -49.69
N GLU A 698 18.45 34.46 -50.63
CA GLU A 698 19.61 34.74 -51.46
C GLU A 698 19.30 35.89 -52.40
N ASN A 699 20.30 36.75 -52.61
CA ASN A 699 20.17 38.08 -53.19
C ASN A 699 19.16 38.92 -52.43
N GLY A 700 19.14 38.78 -51.11
CA GLY A 700 18.35 39.67 -50.27
C GLY A 700 18.94 41.05 -50.13
N ASP A 701 20.18 41.25 -50.58
CA ASP A 701 20.75 42.58 -50.65
C ASP A 701 20.05 43.42 -51.71
N LYS A 702 19.97 42.89 -52.94
CA LYS A 702 19.45 43.64 -54.08
C LYS A 702 17.94 43.81 -54.06
N ILE A 703 17.24 43.18 -53.12
CA ILE A 703 15.78 43.26 -53.10
C ILE A 703 15.37 44.67 -52.69
N PRO A 704 14.54 45.34 -53.49
CA PRO A 704 14.05 46.66 -53.12
C PRO A 704 13.02 46.63 -52.00
N ILE A 705 12.34 47.77 -51.78
CA ILE A 705 11.38 47.87 -50.70
C ILE A 705 10.00 47.57 -51.30
N THR A 706 10.00 46.88 -52.45
CA THR A 706 8.83 46.13 -52.88
C THR A 706 8.40 45.18 -51.77
N ASN A 707 7.10 45.15 -51.52
CA ASN A 707 6.56 44.54 -50.33
C ASN A 707 6.03 43.13 -50.56
N GLU A 708 6.07 42.62 -51.79
CA GLU A 708 5.62 41.25 -51.98
C GLU A 708 6.62 40.24 -51.45
N ASN A 709 7.91 40.56 -51.58
CA ASN A 709 8.96 39.66 -51.12
C ASN A 709 8.98 39.56 -49.60
N ARG A 710 8.53 40.60 -48.91
CA ARG A 710 8.81 40.84 -47.51
C ARG A 710 8.19 39.82 -46.57
N LYS A 711 7.25 38.99 -47.05
CA LYS A 711 6.53 38.06 -46.19
C LYS A 711 7.48 37.03 -45.62
N GLU A 712 8.29 36.40 -46.46
CA GLU A 712 9.30 35.49 -45.97
C GLU A 712 10.37 36.22 -45.18
N PHE A 713 10.60 37.49 -45.52
CA PHE A 713 11.57 38.29 -44.78
C PHE A 713 11.13 38.52 -43.35
N VAL A 714 9.82 38.57 -43.11
CA VAL A 714 9.31 38.44 -41.75
C VAL A 714 9.63 37.06 -41.21
N ASN A 715 9.37 36.03 -42.01
CA ASN A 715 9.45 34.67 -41.53
C ASN A 715 10.90 34.26 -41.31
N LEU A 716 11.77 34.58 -42.27
CA LEU A 716 13.12 34.06 -42.22
C LEU A 716 13.96 34.75 -41.15
N TYR A 717 13.82 36.07 -40.99
CA TYR A 717 14.59 36.72 -39.94
C TYR A 717 14.04 36.38 -38.56
N SER A 718 12.74 36.09 -38.46
CA SER A 718 12.22 35.48 -37.26
C SER A 718 12.65 34.04 -37.14
N ASP A 719 12.84 33.35 -38.25
CA ASP A 719 13.44 32.04 -38.15
C ASP A 719 14.94 32.13 -38.00
N TYR A 720 15.52 33.30 -38.25
CA TYR A 720 16.95 33.43 -38.07
C TYR A 720 17.31 33.55 -36.60
N ILE A 721 16.87 34.64 -35.97
CA ILE A 721 17.34 34.98 -34.64
C ILE A 721 16.74 34.03 -33.60
N LEU A 722 15.60 33.44 -33.90
CA LEU A 722 15.05 32.48 -32.97
C LEU A 722 15.43 31.06 -33.30
N ASN A 723 15.62 30.73 -34.58
CA ASN A 723 16.05 29.38 -34.90
C ASN A 723 17.38 29.34 -35.65
N LYS A 724 17.51 30.03 -36.80
CA LYS A 724 18.70 29.85 -37.62
C LYS A 724 19.94 30.52 -37.06
N SER A 725 19.82 31.23 -35.94
CA SER A 725 21.02 31.58 -35.21
C SER A 725 21.35 30.50 -34.19
N VAL A 726 20.34 30.03 -33.48
CA VAL A 726 20.59 29.26 -32.29
C VAL A 726 20.04 27.86 -32.50
N GLU A 727 20.13 27.38 -33.73
CA GLU A 727 19.76 26.00 -34.03
C GLU A 727 20.70 25.01 -33.38
N LYS A 728 21.88 25.44 -32.96
CA LYS A 728 22.76 24.60 -32.16
C LYS A 728 22.98 25.12 -30.77
N GLN A 729 22.89 26.43 -30.57
CA GLN A 729 23.12 27.03 -29.25
C GLN A 729 22.08 26.56 -28.25
N PHE A 730 20.81 26.84 -28.56
CA PHE A 730 19.72 26.36 -27.74
C PHE A 730 19.64 24.86 -27.74
N LYS A 731 20.00 24.23 -28.86
CA LYS A 731 19.92 22.79 -28.94
C LYS A 731 20.99 22.14 -28.08
N ALA A 732 22.20 22.69 -28.07
CA ALA A 732 23.19 22.22 -27.10
C ALA A 732 22.80 22.62 -25.70
N PHE A 733 22.05 23.70 -25.55
CA PHE A 733 21.44 23.96 -24.26
C PHE A 733 20.35 22.95 -23.96
N ARG A 734 19.43 22.74 -24.91
CA ARG A 734 18.31 21.83 -24.67
C ARG A 734 18.75 20.38 -24.58
N ARG A 735 19.94 20.05 -25.07
CA ARG A 735 20.48 18.71 -24.87
C ARG A 735 20.72 18.44 -23.41
N GLY A 736 21.26 19.43 -22.69
CA GLY A 736 21.45 19.27 -21.27
C GLY A 736 20.12 19.28 -20.55
N PHE A 737 19.16 20.01 -21.07
CA PHE A 737 17.86 20.11 -20.42
C PHE A 737 17.10 18.81 -20.53
N HIS A 738 16.91 18.35 -21.76
CA HIS A 738 16.10 17.17 -21.99
C HIS A 738 16.80 15.89 -21.56
N MET A 739 18.10 15.95 -21.24
CA MET A 739 18.77 14.79 -20.68
C MET A 739 18.15 14.40 -19.35
N VAL A 740 17.95 15.36 -18.47
CA VAL A 740 17.45 15.03 -17.15
C VAL A 740 15.95 15.21 -17.05
N THR A 741 15.33 15.85 -18.04
CA THR A 741 13.92 16.17 -17.96
C THR A 741 13.08 15.42 -18.98
N ASN A 742 13.63 14.37 -19.56
CA ASN A 742 12.87 13.60 -20.55
C ASN A 742 11.70 12.89 -19.90
N GLU A 743 11.92 12.24 -18.76
CA GLU A 743 10.86 11.50 -18.11
C GLU A 743 9.85 12.43 -17.44
N SER A 744 10.22 13.67 -17.22
CA SER A 744 9.29 14.61 -16.64
C SER A 744 8.26 14.99 -17.70
N PRO A 745 7.03 15.08 -17.35
CA PRO A 745 5.98 15.34 -18.35
C PRO A 745 5.77 16.83 -18.58
N LEU A 746 6.86 17.57 -18.73
CA LEU A 746 6.73 19.02 -18.82
C LEU A 746 6.13 19.43 -20.13
N LYS A 747 6.44 18.73 -21.21
CA LYS A 747 5.70 18.94 -22.44
C LYS A 747 4.26 18.49 -22.27
N TYR A 748 4.01 17.50 -21.43
CA TYR A 748 2.64 17.09 -21.18
C TYR A 748 1.95 18.06 -20.26
N LEU A 749 2.49 18.24 -19.05
CA LEU A 749 1.77 19.04 -18.06
C LEU A 749 1.88 20.52 -18.35
N PHE A 750 3.11 21.02 -18.45
CA PHE A 750 3.30 22.46 -18.52
C PHE A 750 2.98 22.97 -19.92
N ARG A 751 2.21 24.02 -19.98
CA ARG A 751 2.22 24.86 -21.14
C ARG A 751 3.56 25.59 -21.19
N PRO A 752 3.94 26.12 -22.36
CA PRO A 752 5.09 27.02 -22.39
C PRO A 752 4.93 28.23 -21.53
N GLU A 753 3.72 28.76 -21.40
CA GLU A 753 3.51 29.78 -20.38
C GLU A 753 3.61 29.20 -18.99
N GLU A 754 3.24 27.93 -18.79
CA GLU A 754 3.34 27.35 -17.47
C GLU A 754 4.79 27.09 -17.10
N ILE A 755 5.60 26.75 -18.10
CA ILE A 755 7.02 26.56 -17.83
C ILE A 755 7.71 27.87 -17.52
N GLU A 756 7.18 28.98 -17.99
CA GLU A 756 7.70 30.29 -17.63
C GLU A 756 7.54 30.54 -16.15
N LEU A 757 6.31 30.50 -15.68
CA LEU A 757 6.03 30.82 -14.29
C LEU A 757 6.54 29.75 -13.34
N LEU A 758 6.79 28.54 -13.84
CA LEU A 758 7.60 27.61 -13.07
C LEU A 758 9.03 28.09 -12.96
N ILE A 759 9.67 28.38 -14.08
CA ILE A 759 11.09 28.67 -14.05
C ILE A 759 11.33 30.07 -13.52
N CYS A 760 10.69 31.07 -14.12
CA CYS A 760 10.95 32.44 -13.76
C CYS A 760 10.24 32.86 -12.48
N GLY A 761 9.20 32.16 -12.08
CA GLY A 761 8.55 32.44 -10.82
C GLY A 761 7.63 33.65 -10.88
N SER A 762 6.69 33.68 -9.94
CA SER A 762 5.73 34.76 -9.80
C SER A 762 6.14 35.69 -8.68
N ARG A 763 5.84 36.98 -8.84
CA ARG A 763 6.20 37.98 -7.83
C ARG A 763 5.08 38.20 -6.83
N ASN A 764 4.20 37.23 -6.65
CA ASN A 764 3.16 37.33 -5.62
C ASN A 764 3.80 36.98 -4.28
N LEU A 765 4.57 37.93 -3.76
CA LEU A 765 5.21 37.78 -2.45
C LEU A 765 4.13 37.86 -1.40
N ASP A 766 3.74 36.69 -0.91
CA ASP A 766 2.74 36.54 0.14
C ASP A 766 3.46 36.07 1.40
N PHE A 767 3.95 37.04 2.17
CA PHE A 767 4.52 36.77 3.48
C PHE A 767 3.45 36.27 4.43
N GLN A 768 2.21 36.66 4.18
CA GLN A 768 1.03 36.29 4.96
C GLN A 768 0.55 34.88 4.68
N ALA A 769 1.36 34.07 4.00
CA ALA A 769 1.12 32.64 3.88
C ALA A 769 1.90 31.86 4.93
N LEU A 770 3.23 31.99 4.91
CA LEU A 770 4.08 31.15 5.74
C LEU A 770 4.07 31.54 7.21
N GLU A 771 3.40 32.62 7.58
CA GLU A 771 3.07 32.83 8.98
C GLU A 771 1.95 31.93 9.44
N GLU A 772 1.24 31.30 8.50
CA GLU A 772 0.12 30.42 8.82
C GLU A 772 0.41 28.95 8.56
N THR A 773 1.33 28.65 7.65
CA THR A 773 1.63 27.27 7.28
C THR A 773 3.10 26.92 7.51
N THR A 774 3.71 27.54 8.53
CA THR A 774 5.10 27.24 8.85
C THR A 774 5.23 25.82 9.39
N GLU A 775 6.40 25.23 9.19
CA GLU A 775 6.69 23.89 9.66
C GLU A 775 7.95 23.94 10.50
N TYR A 776 7.78 24.29 11.77
CA TYR A 776 8.89 24.41 12.72
C TYR A 776 8.67 23.47 13.88
N ASP A 777 9.78 22.97 14.42
CA ASP A 777 9.74 22.07 15.57
C ASP A 777 11.10 22.14 16.25
N GLY A 778 11.17 21.57 17.45
CA GLY A 778 12.41 21.58 18.19
C GLY A 778 12.73 22.90 18.87
N GLY A 779 11.72 23.68 19.24
CA GLY A 779 11.97 24.91 19.95
C GLY A 779 11.12 26.07 19.49
N TYR A 780 10.24 25.84 18.53
CA TYR A 780 9.32 26.86 18.03
C TYR A 780 7.91 26.28 18.01
N THR A 781 7.21 26.40 19.13
CA THR A 781 5.82 25.98 19.22
C THR A 781 4.96 27.17 18.76
N ARG A 782 3.63 26.96 18.71
CA ARG A 782 2.71 27.89 18.05
C ARG A 782 2.73 29.27 18.71
N ASP A 783 2.65 29.32 20.03
CA ASP A 783 2.79 30.57 20.75
C ASP A 783 4.21 30.69 21.29
N SER A 784 5.16 30.78 20.36
CA SER A 784 6.49 31.17 20.76
C SER A 784 6.60 32.68 20.76
N VAL A 785 7.45 33.18 21.65
CA VAL A 785 7.52 34.60 21.93
C VAL A 785 8.04 35.36 20.72
N LEU A 786 9.15 34.91 20.15
CA LEU A 786 9.64 35.52 18.92
C LEU A 786 8.71 35.23 17.75
N ILE A 787 8.01 34.08 17.77
CA ILE A 787 6.97 33.83 16.78
C ILE A 787 5.84 34.82 16.94
N ARG A 788 5.45 35.11 18.16
CA ARG A 788 4.53 36.22 18.37
C ARG A 788 5.21 37.59 18.32
N GLU A 789 6.48 37.64 17.93
CA GLU A 789 7.16 38.89 17.64
C GLU A 789 7.77 38.97 16.25
N PHE A 790 7.67 37.93 15.42
CA PHE A 790 8.34 37.95 14.12
C PHE A 790 7.41 38.32 12.98
N TRP A 791 6.17 37.82 12.97
CA TRP A 791 5.29 38.11 11.85
C TRP A 791 4.95 39.58 11.78
N GLU A 792 4.92 40.24 12.93
CA GLU A 792 4.83 41.69 12.95
C GLU A 792 6.08 42.37 12.40
N ILE A 793 7.21 41.68 12.32
CA ILE A 793 8.35 42.27 11.64
C ILE A 793 8.21 42.15 10.13
N VAL A 794 7.82 40.97 9.65
CA VAL A 794 7.71 40.79 8.21
C VAL A 794 6.47 41.49 7.67
N HIS A 795 5.48 41.75 8.51
CA HIS A 795 4.32 42.52 8.09
C HIS A 795 4.43 44.00 8.42
N SER A 796 5.61 44.46 8.83
CA SER A 796 5.88 45.89 9.03
C SER A 796 6.60 46.46 7.82
N PHE A 797 6.21 46.03 6.64
CA PHE A 797 7.01 46.25 5.45
C PHE A 797 6.55 47.48 4.69
N ALA A 798 7.46 47.99 3.88
CA ALA A 798 7.23 49.15 3.03
C ALA A 798 7.63 48.73 1.62
N ALA A 799 7.83 49.70 0.74
CA ALA A 799 8.00 49.45 -0.68
C ALA A 799 9.25 48.64 -1.01
N GLU A 800 10.26 48.62 -0.14
CA GLU A 800 11.48 47.89 -0.43
C GLU A 800 11.73 46.71 0.49
N GLN A 801 11.21 46.73 1.72
CA GLN A 801 11.47 45.66 2.68
C GLN A 801 10.90 44.32 2.21
N LYS A 802 9.92 44.37 1.31
CA LYS A 802 9.36 43.15 0.73
C LYS A 802 10.34 42.47 -0.20
N ARG A 803 10.95 43.25 -1.12
CA ARG A 803 11.77 42.69 -2.19
C ARG A 803 13.11 42.15 -1.68
N LEU A 804 13.46 42.43 -0.44
CA LEU A 804 14.71 41.97 0.13
C LEU A 804 14.52 40.79 1.06
N PHE A 805 13.29 40.35 1.28
CA PHE A 805 13.03 39.34 2.29
C PHE A 805 13.54 37.98 1.87
N LEU A 806 13.29 37.60 0.62
CA LEU A 806 13.38 36.22 0.19
C LEU A 806 14.79 35.78 -0.18
N GLN A 807 15.69 36.74 -0.40
CA GLN A 807 17.07 36.41 -0.71
C GLN A 807 17.80 35.77 0.46
N PHE A 808 17.29 35.94 1.68
CA PHE A 808 17.90 35.34 2.84
C PHE A 808 17.25 34.01 3.22
N THR A 809 15.93 33.91 3.10
CA THR A 809 15.22 32.73 3.58
C THR A 809 15.45 31.54 2.65
N THR A 810 14.95 31.66 1.41
CA THR A 810 15.21 30.69 0.37
C THR A 810 16.38 31.11 -0.49
N GLY A 811 16.42 32.37 -0.91
CA GLY A 811 17.56 32.86 -1.65
C GLY A 811 17.19 33.49 -2.98
N THR A 812 15.90 33.70 -3.20
CA THR A 812 15.39 34.14 -4.48
C THR A 812 14.66 35.48 -4.33
N ASP A 813 14.02 35.90 -5.41
CA ASP A 813 13.33 37.19 -5.46
C ASP A 813 11.86 37.08 -5.80
N ARG A 814 11.37 35.91 -6.20
CA ARG A 814 9.99 35.77 -6.63
C ARG A 814 9.41 34.50 -6.00
N ALA A 815 8.10 34.45 -5.88
CA ALA A 815 7.52 33.37 -5.11
C ALA A 815 7.32 32.13 -5.98
N PRO A 816 7.51 30.94 -5.42
CA PRO A 816 7.15 29.71 -6.11
C PRO A 816 5.65 29.50 -6.05
N GLY A 821 -0.30 27.44 -2.46
CA GLY A 821 0.22 28.09 -1.26
C GLY A 821 1.13 27.18 -0.48
N LYS A 822 1.82 26.30 -1.18
CA LYS A 822 2.63 25.28 -0.55
C LYS A 822 3.99 25.79 -0.07
N LEU A 823 4.25 27.09 -0.17
CA LEU A 823 5.47 27.66 0.39
C LEU A 823 5.45 27.57 1.91
N LYS A 824 6.57 27.14 2.50
CA LYS A 824 6.59 26.84 3.92
C LYS A 824 7.76 27.50 4.64
N MET A 825 7.98 27.13 5.90
CA MET A 825 9.06 27.67 6.70
C MET A 825 9.52 26.61 7.68
N ILE A 826 10.62 26.91 8.38
CA ILE A 826 11.16 25.98 9.37
C ILE A 826 11.99 26.77 10.38
N ILE A 827 11.98 26.31 11.62
CA ILE A 827 12.64 26.99 12.73
C ILE A 827 12.79 26.00 13.87
N ALA A 828 13.70 26.29 14.79
CA ALA A 828 13.93 25.47 15.97
C ALA A 828 14.53 26.34 17.07
N LYS A 829 15.03 25.68 18.11
CA LYS A 829 15.82 26.33 19.15
C LYS A 829 16.68 25.29 19.85
N GLU A 835 23.89 38.83 19.93
CA GLU A 835 23.34 39.18 18.63
C GLU A 835 22.91 37.94 17.87
N ARG A 836 21.73 37.41 18.21
CA ARG A 836 21.13 36.31 17.47
C ARG A 836 20.57 36.87 16.16
N LEU A 837 21.45 36.96 15.17
CA LEU A 837 21.14 37.60 13.89
C LEU A 837 20.29 36.66 13.04
N PRO A 838 19.93 37.09 11.83
CA PRO A 838 19.10 36.23 10.97
C PRO A 838 19.92 35.10 10.39
N THR A 839 19.58 33.87 10.76
CA THR A 839 20.22 32.67 10.25
C THR A 839 19.21 31.86 9.46
N SER A 840 19.72 31.15 8.44
CA SER A 840 18.86 30.28 7.65
C SER A 840 19.68 29.09 7.18
N HIS A 841 19.21 27.89 7.50
CA HIS A 841 19.67 26.70 6.79
C HIS A 841 19.09 26.80 5.39
N THR A 842 19.91 27.22 4.44
CA THR A 842 19.44 27.80 3.18
C THR A 842 19.11 26.77 2.13
N ALA A 843 18.78 25.54 2.53
CA ALA A 843 18.33 24.51 1.60
C ALA A 843 16.89 24.09 1.88
N PHE A 844 16.24 24.69 2.88
CA PHE A 844 14.90 24.27 3.23
C PHE A 844 13.97 25.43 3.59
N ASN A 845 14.38 26.67 3.31
CA ASN A 845 13.78 27.88 3.89
C ASN A 845 13.68 27.77 5.40
N VAL A 846 14.78 27.32 6.02
CA VAL A 846 14.80 26.93 7.42
C VAL A 846 15.50 28.01 8.25
N LEU A 847 14.73 28.97 8.75
CA LEU A 847 15.27 30.05 9.58
C LEU A 847 15.28 29.60 11.04
N LEU A 848 16.16 28.63 11.33
CA LEU A 848 16.29 28.07 12.67
C LEU A 848 17.20 28.97 13.50
N LEU A 849 16.69 30.16 13.82
CA LEU A 849 17.37 31.15 14.62
C LEU A 849 16.99 31.00 16.08
N PRO A 850 17.58 31.78 16.96
CA PRO A 850 17.34 31.61 18.40
C PRO A 850 16.06 32.31 18.84
N GLU A 851 15.84 32.30 20.16
CA GLU A 851 14.67 32.92 20.76
C GLU A 851 14.72 34.44 20.66
N SER A 853 15.72 38.20 20.13
CA SER A 853 15.15 38.07 21.47
C SER A 853 13.79 38.72 21.50
N SER A 854 13.80 40.03 21.72
CA SER A 854 12.62 40.85 21.61
C SER A 854 12.53 41.37 20.18
N LYS A 855 11.68 42.35 19.93
CA LYS A 855 11.61 42.91 18.59
C LYS A 855 12.83 43.80 18.31
N GLU A 856 13.13 44.72 19.23
CA GLU A 856 14.10 45.77 18.96
C GLU A 856 15.53 45.27 18.90
N LYS A 857 15.81 44.11 19.50
CA LYS A 857 17.02 43.40 19.14
C LYS A 857 16.95 42.97 17.69
N LEU A 858 15.89 42.25 17.32
CA LEU A 858 15.78 41.67 16.00
C LEU A 858 15.42 42.67 14.91
N LYS A 859 15.26 43.97 15.25
CA LYS A 859 14.78 44.95 14.27
C LYS A 859 15.78 45.19 13.15
N GLU A 860 17.06 44.97 13.40
CA GLU A 860 18.06 45.10 12.35
C GLU A 860 18.75 43.79 12.02
N ARG A 861 18.55 42.75 12.82
CA ARG A 861 19.26 41.48 12.63
C ARG A 861 18.85 40.80 11.35
N LEU A 862 17.60 40.98 10.95
CA LEU A 862 17.18 40.50 9.65
C LEU A 862 17.85 41.28 8.54
N LEU A 863 18.00 42.59 8.73
CA LEU A 863 18.67 43.41 7.73
C LEU A 863 20.13 43.05 7.59
N LYS A 864 20.76 42.61 8.69
CA LYS A 864 22.20 42.38 8.70
C LYS A 864 22.59 41.18 7.86
N ALA A 865 21.70 40.19 7.76
CA ALA A 865 21.92 39.11 6.79
C ALA A 865 21.61 39.55 5.38
N ILE A 866 20.85 40.64 5.23
CA ILE A 866 20.39 41.07 3.92
C ILE A 866 21.15 42.30 3.41
N THR A 867 21.69 43.13 4.32
CA THR A 867 22.39 44.35 3.92
C THR A 867 23.64 44.05 3.08
N TYR A 868 24.43 43.06 3.50
CA TYR A 868 25.65 42.72 2.80
C TYR A 868 25.31 41.68 1.75
N ALA A 869 24.67 42.14 0.69
CA ALA A 869 24.24 41.28 -0.39
C ALA A 869 25.42 40.92 -1.27
N PRO B 1 26.57 -9.86 -37.46
CA PRO B 1 25.39 -9.03 -37.27
C PRO B 1 24.09 -9.80 -37.48
N GLN B 2 23.61 -9.80 -38.72
CA GLN B 2 22.50 -10.66 -39.10
C GLN B 2 22.90 -12.14 -39.07
N GLU B 3 24.20 -12.41 -39.21
CA GLU B 3 24.68 -13.79 -39.21
C GLU B 3 24.78 -14.36 -37.79
N ARG B 4 25.22 -13.56 -36.82
CA ARG B 4 25.50 -14.10 -35.50
C ARG B 4 24.19 -14.41 -34.78
N PRO B 5 24.02 -15.62 -34.28
CA PRO B 5 22.73 -16.03 -33.73
C PRO B 5 22.40 -15.32 -32.44
N ARG B 6 21.41 -14.44 -32.50
CA ARG B 6 20.99 -13.69 -31.34
C ARG B 6 20.14 -14.50 -30.37
N LYS B 7 19.83 -15.74 -30.72
CA LYS B 7 19.16 -16.66 -29.83
C LYS B 7 20.02 -17.89 -29.61
N LEU B 8 20.20 -18.27 -28.35
CA LEU B 8 20.86 -19.53 -28.03
C LEU B 8 20.18 -20.78 -28.60
N PRO B 9 18.84 -20.85 -28.79
CA PRO B 9 18.30 -21.91 -29.66
C PRO B 9 18.94 -22.01 -31.04
N GLN B 10 19.45 -20.92 -31.59
CA GLN B 10 20.27 -20.98 -32.79
C GLN B 10 21.77 -21.04 -32.49
N LEU B 11 22.22 -20.53 -31.33
CA LEU B 11 23.63 -20.64 -31.01
C LEU B 11 24.05 -22.01 -30.51
N CYS B 12 23.14 -22.81 -29.97
CA CYS B 12 23.50 -24.20 -29.69
C CYS B 12 23.86 -24.94 -30.97
N THR B 13 23.22 -24.57 -32.07
CA THR B 13 23.59 -25.15 -33.36
C THR B 13 24.93 -24.61 -33.84
N GLU B 14 25.10 -23.30 -33.83
CA GLU B 14 26.30 -22.74 -34.42
C GLU B 14 27.51 -22.86 -33.51
N LEU B 15 27.34 -23.28 -32.26
CA LEU B 15 28.49 -23.69 -31.48
C LEU B 15 28.89 -25.11 -31.78
N GLN B 16 28.05 -25.83 -32.54
CA GLN B 16 28.27 -27.24 -32.93
C GLN B 16 28.41 -28.13 -31.71
N THR B 17 27.61 -27.84 -30.69
CA THR B 17 27.62 -28.53 -29.40
C THR B 17 26.26 -29.21 -29.19
N THR B 18 26.06 -29.70 -27.96
CA THR B 18 24.80 -30.29 -27.55
C THR B 18 24.27 -29.48 -26.38
N ILE B 19 22.95 -29.42 -26.27
CA ILE B 19 22.30 -28.81 -25.10
C ILE B 19 22.48 -29.69 -23.87
N LEU B 24 27.28 -21.13 -23.26
CA LEU B 24 26.71 -20.84 -21.95
C LEU B 24 27.72 -20.04 -21.16
N GLU B 25 27.92 -18.79 -21.55
CA GLU B 25 28.80 -17.89 -20.82
C GLU B 25 28.14 -16.52 -20.82
N CYS B 26 28.03 -15.91 -19.63
CA CYS B 26 27.46 -14.58 -19.53
C CYS B 26 28.54 -13.54 -19.31
N VAL B 27 28.26 -12.31 -19.76
CA VAL B 27 29.25 -11.25 -19.67
C VAL B 27 29.09 -10.43 -18.41
N TYR B 28 27.96 -10.56 -17.72
CA TYR B 28 27.82 -9.87 -16.44
C TYR B 28 28.58 -10.58 -15.35
N CYS B 29 28.27 -11.86 -15.14
CA CYS B 29 29.00 -12.65 -14.18
C CYS B 29 30.40 -12.99 -14.63
N LYS B 30 30.70 -12.83 -15.93
CA LYS B 30 31.99 -13.16 -16.56
C LYS B 30 32.36 -14.63 -16.37
N GLN B 31 31.37 -15.51 -16.29
CA GLN B 31 31.60 -16.90 -15.94
C GLN B 31 30.85 -17.82 -16.91
N GLN B 32 31.10 -19.11 -16.75
CA GLN B 32 30.56 -20.14 -17.62
C GLN B 32 29.28 -20.70 -17.01
N LEU B 33 28.21 -20.69 -17.78
CA LEU B 33 26.86 -20.90 -17.27
C LEU B 33 26.50 -22.38 -17.28
N LEU B 34 25.21 -22.69 -17.14
CA LEU B 34 24.73 -24.05 -16.97
C LEU B 34 23.48 -24.28 -17.81
N ARG B 35 23.05 -25.55 -17.82
CA ARG B 35 21.90 -25.97 -18.62
C ARG B 35 20.57 -25.49 -18.06
N ARG B 36 20.51 -25.08 -16.79
CA ARG B 36 19.34 -24.35 -16.31
C ARG B 36 19.24 -22.99 -16.99
N GLU B 37 20.37 -22.42 -17.40
CA GLU B 37 20.40 -21.16 -18.10
C GLU B 37 20.58 -21.32 -19.61
N VAL B 38 20.27 -22.50 -20.15
CA VAL B 38 20.03 -22.59 -21.59
C VAL B 38 18.56 -22.82 -21.90
N TYR B 39 17.78 -23.31 -20.94
CA TYR B 39 16.35 -23.47 -21.17
C TYR B 39 15.65 -22.12 -21.11
N ASP B 40 16.00 -21.32 -20.11
CA ASP B 40 15.32 -20.05 -19.92
C ASP B 40 15.76 -19.00 -20.93
N PHE B 41 16.99 -19.07 -21.45
CA PHE B 41 17.33 -18.19 -22.57
C PHE B 41 16.57 -18.60 -23.83
N ALA B 42 16.25 -19.87 -23.96
CA ALA B 42 15.28 -20.31 -24.93
C ALA B 42 13.85 -20.00 -24.53
N PHE B 43 13.62 -19.64 -23.26
CA PHE B 43 12.26 -19.40 -22.75
C PHE B 43 12.00 -17.96 -22.42
N ARG B 44 12.98 -17.22 -21.95
CA ARG B 44 12.84 -15.78 -21.86
C ARG B 44 13.15 -15.11 -23.18
N ASP B 45 13.79 -15.84 -24.09
CA ASP B 45 14.04 -15.45 -25.48
C ASP B 45 14.78 -14.11 -25.58
N LEU B 46 15.79 -13.95 -24.75
CA LEU B 46 16.52 -12.71 -24.73
C LEU B 46 17.50 -12.69 -25.89
N CYS B 47 18.10 -11.53 -26.14
CA CYS B 47 19.07 -11.43 -27.21
C CYS B 47 20.44 -11.85 -26.69
N ILE B 48 21.22 -12.46 -27.57
CA ILE B 48 22.58 -12.81 -27.22
C ILE B 48 23.43 -11.56 -27.19
N VAL B 49 24.11 -11.36 -26.08
CA VAL B 49 25.00 -10.23 -25.90
C VAL B 49 26.30 -10.49 -26.66
N TYR B 50 26.80 -9.46 -27.32
CA TYR B 50 28.00 -9.52 -28.15
C TYR B 50 29.05 -8.54 -27.64
N ARG B 51 30.31 -8.98 -27.68
CA ARG B 51 31.43 -8.15 -27.27
C ARG B 51 32.32 -7.96 -28.48
N ASP B 52 31.97 -6.99 -29.33
CA ASP B 52 32.54 -6.71 -30.67
C ASP B 52 32.87 -8.00 -31.44
N GLY B 53 31.89 -8.88 -31.52
CA GLY B 53 32.02 -10.16 -32.17
C GLY B 53 32.04 -11.33 -31.20
N ASN B 54 32.28 -11.08 -29.92
CA ASN B 54 32.37 -12.15 -28.93
C ASN B 54 31.00 -12.37 -28.31
N PRO B 55 30.31 -13.46 -28.64
CA PRO B 55 28.93 -13.64 -28.17
C PRO B 55 28.83 -14.25 -26.78
N TYR B 56 28.00 -13.65 -25.93
CA TYR B 56 27.82 -14.18 -24.58
C TYR B 56 26.35 -14.24 -24.21
N ALA B 57 26.06 -14.66 -22.99
CA ALA B 57 24.67 -14.88 -22.60
C ALA B 57 24.31 -14.03 -21.39
N VAL B 58 23.17 -14.30 -20.78
CA VAL B 58 22.88 -13.76 -19.47
C VAL B 58 22.82 -14.95 -18.52
N CYS B 59 23.16 -14.70 -17.27
CA CYS B 59 22.82 -15.60 -16.20
C CYS B 59 21.60 -15.07 -15.45
N ASP B 60 20.89 -15.99 -14.80
CA ASP B 60 19.61 -15.68 -14.18
C ASP B 60 19.76 -14.69 -13.04
N LYS B 61 20.90 -14.76 -12.32
CA LYS B 61 21.20 -13.76 -11.31
C LYS B 61 21.43 -12.39 -11.92
N CYS B 62 21.79 -12.35 -13.20
CA CYS B 62 21.97 -11.11 -13.91
C CYS B 62 20.88 -10.91 -14.96
N LEU B 63 20.00 -11.89 -15.11
CA LEU B 63 18.68 -11.58 -15.65
C LEU B 63 17.80 -10.97 -14.58
N LYS B 64 17.92 -11.43 -13.35
CA LYS B 64 17.11 -10.85 -12.29
C LYS B 64 17.68 -9.52 -11.78
N PHE B 65 18.83 -9.10 -12.27
CA PHE B 65 19.38 -7.82 -11.86
C PHE B 65 19.35 -6.77 -12.96
N TYR B 66 19.87 -7.11 -14.13
CA TYR B 66 20.02 -6.07 -15.11
C TYR B 66 18.72 -5.74 -15.81
N SER B 67 17.67 -6.51 -15.57
CA SER B 67 16.31 -6.08 -15.87
C SER B 67 15.66 -5.43 -14.68
N LYS B 68 16.10 -5.76 -13.47
CA LYS B 68 15.74 -4.99 -12.30
C LYS B 68 16.39 -3.61 -12.36
N ILE B 69 17.49 -3.50 -13.11
CA ILE B 69 18.14 -2.23 -13.37
C ILE B 69 17.16 -1.27 -14.04
N SER B 70 16.55 -1.71 -15.13
CA SER B 70 15.80 -0.76 -15.91
C SER B 70 14.40 -0.54 -15.35
N GLU B 71 13.81 -1.56 -14.73
CA GLU B 71 12.39 -1.50 -14.41
C GLU B 71 12.11 -0.54 -13.27
N TYR B 72 13.07 -0.28 -12.41
CA TYR B 72 12.92 0.73 -11.39
C TYR B 72 13.46 2.07 -11.83
N ARG B 73 14.08 2.14 -13.01
CA ARG B 73 14.65 3.38 -13.53
C ARG B 73 13.98 3.84 -14.82
N HIS B 74 13.85 2.95 -15.80
CA HIS B 74 13.40 3.33 -17.13
C HIS B 74 11.88 3.30 -17.22
N TYR B 75 11.21 3.49 -16.10
CA TYR B 75 9.76 3.39 -16.03
C TYR B 75 9.11 4.55 -16.79
N SER B 76 8.14 4.21 -17.64
CA SER B 76 7.44 5.21 -18.44
C SER B 76 5.99 5.39 -18.00
N TYR B 77 5.16 4.34 -18.05
CA TYR B 77 3.75 4.43 -17.68
C TYR B 77 3.12 3.04 -17.63
N SER B 78 2.08 2.92 -16.79
CA SER B 78 1.28 1.71 -16.65
C SER B 78 -0.19 2.02 -16.84
N LEU B 79 -0.90 1.14 -17.54
CA LEU B 79 -2.25 1.41 -18.01
C LEU B 79 -3.16 0.23 -17.72
N TYR B 80 -4.46 0.53 -17.57
CA TYR B 80 -5.50 -0.48 -17.35
C TYR B 80 -5.58 -1.47 -18.50
N GLY B 81 -6.28 -2.57 -18.22
CA GLY B 81 -6.64 -3.49 -19.29
C GLY B 81 -7.61 -2.88 -20.28
N THR B 82 -8.35 -1.85 -19.86
CA THR B 82 -9.31 -1.18 -20.72
C THR B 82 -8.65 -0.36 -21.82
N THR B 83 -7.35 -0.11 -21.73
CA THR B 83 -6.70 0.81 -22.65
C THR B 83 -5.58 0.18 -23.47
N LEU B 84 -4.85 -0.79 -22.91
CA LEU B 84 -3.63 -1.30 -23.57
C LEU B 84 -3.95 -2.01 -24.89
N GLU B 85 -5.15 -2.53 -25.02
CA GLU B 85 -5.66 -3.02 -26.29
C GLU B 85 -6.42 -1.94 -27.04
N GLN B 86 -6.94 -0.92 -26.35
CA GLN B 86 -7.65 0.15 -27.01
C GLN B 86 -6.70 1.03 -27.83
N GLN B 87 -5.72 1.65 -27.17
CA GLN B 87 -4.83 2.56 -27.87
C GLN B 87 -3.87 1.84 -28.81
N TYR B 88 -3.70 0.53 -28.66
CA TYR B 88 -2.88 -0.20 -29.61
C TYR B 88 -3.72 -0.77 -30.75
N ASN B 89 -4.80 -1.48 -30.41
CA ASN B 89 -5.61 -2.29 -31.35
C ASN B 89 -4.77 -3.31 -32.10
N LYS B 90 -3.70 -3.76 -31.48
CA LYS B 90 -2.73 -4.76 -31.84
C LYS B 90 -3.05 -6.04 -31.08
N PRO B 91 -2.99 -7.21 -31.74
CA PRO B 91 -3.29 -8.47 -31.05
C PRO B 91 -2.34 -8.72 -29.88
N LEU B 92 -2.91 -9.22 -28.78
CA LEU B 92 -2.13 -9.48 -27.59
C LEU B 92 -1.09 -10.57 -27.83
N SER B 93 -1.38 -11.51 -28.74
CA SER B 93 -0.36 -12.46 -29.17
C SER B 93 0.75 -11.75 -29.95
N ASP B 94 0.38 -10.83 -30.84
CA ASP B 94 1.37 -10.02 -31.53
C ASP B 94 2.01 -8.99 -30.62
N LEU B 95 1.34 -8.60 -29.54
CA LEU B 95 1.82 -7.58 -28.63
C LEU B 95 3.09 -8.02 -27.92
N LEU B 96 4.20 -7.39 -28.28
CA LEU B 96 5.51 -7.79 -27.77
C LEU B 96 5.62 -7.34 -26.32
N ILE B 97 5.14 -8.20 -25.43
CA ILE B 97 5.18 -7.94 -24.01
C ILE B 97 6.03 -9.01 -23.36
N ARG B 98 7.06 -8.58 -22.65
CA ARG B 98 7.85 -9.50 -21.86
C ARG B 98 7.43 -9.39 -20.41
N CYS B 99 8.17 -10.04 -19.52
CA CYS B 99 7.86 -9.93 -18.10
C CYS B 99 8.65 -8.81 -17.46
N ILE B 100 8.08 -8.24 -16.41
CA ILE B 100 8.78 -7.18 -15.69
C ILE B 100 9.71 -7.74 -14.63
N ASN B 101 9.49 -8.98 -14.18
CA ASN B 101 10.34 -9.57 -13.15
C ASN B 101 11.40 -10.46 -13.73
N CYS B 102 11.06 -11.27 -14.74
CA CYS B 102 12.02 -12.23 -15.25
C CYS B 102 12.29 -12.08 -16.73
N GLN B 103 11.66 -11.11 -17.40
CA GLN B 103 11.82 -10.85 -18.84
C GLN B 103 11.47 -12.06 -19.69
N LYS B 104 10.40 -12.71 -19.35
CA LYS B 104 9.85 -13.78 -20.14
C LYS B 104 8.76 -13.22 -21.03
N PRO B 105 8.77 -13.52 -22.33
CA PRO B 105 7.73 -12.99 -23.23
C PRO B 105 6.39 -13.63 -22.90
N LEU B 106 5.40 -12.78 -22.67
CA LEU B 106 4.14 -13.25 -22.11
C LEU B 106 3.35 -14.01 -23.16
N SER B 107 3.00 -15.26 -22.85
CA SER B 107 1.98 -15.95 -23.61
C SER B 107 0.66 -15.22 -23.44
N PRO B 108 -0.22 -15.24 -24.45
CA PRO B 108 -1.49 -14.50 -24.33
C PRO B 108 -2.41 -15.08 -23.26
N GLU B 109 -2.30 -16.38 -23.01
CA GLU B 109 -2.92 -16.97 -21.82
C GLU B 109 -2.36 -16.34 -20.56
N GLU B 110 -1.05 -16.11 -20.54
CA GLU B 110 -0.44 -15.42 -19.40
C GLU B 110 -0.63 -13.91 -19.47
N LYS B 111 -1.33 -13.40 -20.47
CA LYS B 111 -1.74 -12.00 -20.48
C LYS B 111 -3.03 -11.78 -19.75
N GLN B 112 -3.49 -12.79 -19.02
CA GLN B 112 -4.52 -12.63 -18.01
C GLN B 112 -3.89 -12.48 -16.63
N ARG B 113 -2.57 -12.33 -16.57
CA ARG B 113 -1.89 -12.09 -15.31
C ARG B 113 -2.20 -10.71 -14.75
N HIS B 114 -2.55 -9.78 -15.62
CA HIS B 114 -3.08 -8.50 -15.20
C HIS B 114 -4.48 -8.24 -15.72
N LEU B 115 -4.85 -8.84 -16.84
CA LEU B 115 -6.21 -8.73 -17.34
C LEU B 115 -7.19 -9.45 -16.43
N ASP B 116 -6.77 -10.53 -15.80
CA ASP B 116 -7.61 -11.27 -14.88
C ASP B 116 -6.97 -11.32 -13.50
N LYS B 117 -6.58 -10.14 -13.04
CA LYS B 117 -6.42 -9.89 -11.61
C LYS B 117 -7.01 -8.54 -11.25
N LYS B 118 -7.79 -7.93 -12.17
CA LYS B 118 -8.20 -6.52 -12.12
C LYS B 118 -6.99 -5.60 -11.94
N GLN B 119 -5.92 -5.94 -12.66
CA GLN B 119 -4.62 -5.29 -12.55
C GLN B 119 -4.33 -4.52 -13.83
N ARG B 120 -3.12 -3.97 -13.91
CA ARG B 120 -2.68 -3.14 -15.01
C ARG B 120 -1.38 -3.69 -15.58
N PHE B 121 -1.15 -3.41 -16.86
CA PHE B 121 0.11 -3.76 -17.51
C PHE B 121 1.13 -2.62 -17.37
N HIS B 122 2.40 -2.99 -17.31
CA HIS B 122 3.46 -2.01 -17.13
C HIS B 122 4.29 -1.85 -18.39
N ASN B 123 4.91 -0.69 -18.52
CA ASN B 123 5.86 -0.42 -19.60
C ASN B 123 7.13 0.14 -18.99
N ILE B 124 8.23 -0.59 -19.14
CA ILE B 124 9.55 -0.07 -18.83
C ILE B 124 10.24 0.21 -20.14
N ARG B 125 11.18 1.17 -20.13
CA ARG B 125 12.01 1.66 -21.24
C ARG B 125 11.32 1.82 -22.60
N GLY B 126 10.03 2.12 -22.61
CA GLY B 126 9.28 2.07 -23.85
C GLY B 126 9.11 0.68 -24.41
N ARG B 127 9.16 -0.35 -23.58
CA ARG B 127 9.05 -1.74 -24.02
C ARG B 127 8.22 -2.47 -22.96
N TRP B 128 6.95 -2.69 -23.27
CA TRP B 128 5.93 -3.03 -22.28
C TRP B 128 6.24 -4.34 -21.57
N THR B 129 5.77 -4.44 -20.34
CA THR B 129 6.15 -5.53 -19.47
C THR B 129 4.93 -5.93 -18.63
N GLY B 130 5.16 -6.74 -17.62
CA GLY B 130 4.09 -7.15 -16.73
C GLY B 130 4.52 -8.34 -15.90
N ARG B 131 3.54 -8.92 -15.23
CA ARG B 131 3.77 -10.13 -14.44
C ARG B 131 3.51 -11.37 -15.28
N CYS B 132 4.08 -12.48 -14.84
CA CYS B 132 4.00 -13.74 -15.58
C CYS B 132 3.52 -14.85 -14.66
N MET B 133 3.56 -16.08 -15.16
CA MET B 133 3.14 -17.23 -14.37
C MET B 133 4.10 -17.53 -13.23
N SER B 134 5.41 -17.36 -13.47
CA SER B 134 6.37 -17.60 -12.41
C SER B 134 6.26 -16.55 -11.32
N CYS B 135 5.87 -15.33 -11.67
CA CYS B 135 5.57 -14.31 -10.67
C CYS B 135 4.07 -14.07 -10.54
N VAL C 125 -51.51 -3.25 30.72
CA VAL C 125 -50.27 -3.08 31.49
C VAL C 125 -49.08 -3.27 30.54
N THR C 126 -47.95 -2.62 30.87
CA THR C 126 -46.84 -2.57 29.93
C THR C 126 -46.08 -3.90 29.90
N TYR C 127 -45.68 -4.40 31.05
CA TYR C 127 -44.89 -5.62 31.12
C TYR C 127 -45.79 -6.82 31.42
N LEU C 128 -45.86 -7.77 30.49
CA LEU C 128 -46.67 -8.97 30.66
C LEU C 128 -45.82 -10.09 31.22
N THR C 129 -46.37 -10.82 32.17
CA THR C 129 -45.56 -11.64 33.05
C THR C 129 -46.36 -12.85 33.49
N GLU C 130 -45.84 -13.54 34.51
CA GLU C 130 -46.18 -14.93 34.81
C GLU C 130 -47.65 -15.13 35.16
N GLU C 131 -48.23 -14.24 35.95
CA GLU C 131 -49.64 -14.35 36.25
C GLU C 131 -50.52 -13.59 35.26
N LYS C 132 -49.97 -12.61 34.54
CA LYS C 132 -50.73 -12.02 33.45
C LYS C 132 -50.80 -12.99 32.28
N VAL C 133 -49.76 -13.79 32.08
CA VAL C 133 -49.79 -14.79 31.02
C VAL C 133 -50.46 -16.07 31.51
N TYR C 134 -50.74 -16.17 32.81
CA TYR C 134 -51.46 -17.32 33.35
C TYR C 134 -52.87 -17.43 32.80
N GLU C 135 -53.48 -16.30 32.42
CA GLU C 135 -54.86 -16.35 31.97
C GLU C 135 -55.05 -15.86 30.54
N ILE C 136 -53.98 -15.82 29.74
CA ILE C 136 -54.11 -15.41 28.35
C ILE C 136 -54.96 -16.40 27.57
N LEU C 137 -54.66 -17.69 27.73
CA LEU C 137 -55.49 -18.73 27.14
C LEU C 137 -56.82 -18.84 27.87
N GLU C 138 -56.85 -18.51 29.15
CA GLU C 138 -58.11 -18.54 29.87
C GLU C 138 -59.00 -17.37 29.48
N LEU C 139 -58.42 -16.22 29.14
CA LEU C 139 -59.29 -15.13 28.74
C LEU C 139 -59.82 -15.32 27.33
N CYS C 140 -59.17 -16.16 26.51
CA CYS C 140 -59.76 -16.57 25.26
C CYS C 140 -60.24 -18.01 25.31
N ARG C 141 -60.45 -18.55 26.52
CA ARG C 141 -61.00 -19.89 26.61
C ARG C 141 -62.47 -19.92 26.20
N GLU C 142 -63.21 -18.84 26.43
CA GLU C 142 -64.63 -18.80 26.14
C GLU C 142 -64.97 -18.08 24.85
N ARG C 143 -64.06 -17.27 24.30
CA ARG C 143 -64.31 -16.54 23.06
C ARG C 143 -63.37 -16.93 21.93
N GLU C 144 -62.32 -17.69 22.20
CA GLU C 144 -61.47 -18.37 21.21
C GLU C 144 -60.70 -17.41 20.30
N ASP C 145 -60.50 -16.16 20.70
CA ASP C 145 -59.89 -15.15 19.85
C ASP C 145 -58.78 -14.44 20.59
N TYR C 146 -57.71 -14.10 19.86
CA TYR C 146 -56.42 -13.83 20.48
C TYR C 146 -55.71 -12.66 19.83
N SER C 147 -56.44 -11.66 19.32
CA SER C 147 -55.80 -10.63 18.50
C SER C 147 -54.95 -9.65 19.31
N PRO C 148 -55.42 -9.00 20.39
CA PRO C 148 -54.47 -8.21 21.18
C PRO C 148 -53.66 -9.03 22.17
N LEU C 149 -53.98 -10.31 22.31
CA LEU C 149 -53.25 -11.21 23.20
C LEU C 149 -51.83 -11.45 22.73
N ILE C 150 -51.57 -11.28 21.44
CA ILE C 150 -50.25 -11.50 20.89
C ILE C 150 -49.58 -10.17 20.55
N ARG C 151 -50.34 -9.08 20.52
CA ARG C 151 -49.75 -7.76 20.35
C ARG C 151 -48.92 -7.39 21.56
N VAL C 152 -49.35 -7.81 22.75
CA VAL C 152 -48.67 -7.41 23.98
C VAL C 152 -47.32 -8.09 24.11
N ILE C 153 -47.17 -9.31 23.59
CA ILE C 153 -45.84 -9.90 23.58
C ILE C 153 -44.98 -9.24 22.50
N GLY C 154 -45.60 -8.63 21.50
CA GLY C 154 -44.89 -7.75 20.59
C GLY C 154 -44.79 -6.34 21.09
N ARG C 155 -45.31 -6.09 22.29
CA ARG C 155 -45.04 -4.86 23.02
C ARG C 155 -44.02 -5.07 24.14
N VAL C 156 -44.14 -6.15 24.91
CA VAL C 156 -43.20 -6.42 26.01
C VAL C 156 -41.84 -6.86 25.48
N PHE C 157 -41.73 -7.23 24.20
CA PHE C 157 -40.43 -7.52 23.63
C PHE C 157 -39.61 -6.24 23.46
N SER C 158 -40.26 -5.12 23.21
CA SER C 158 -39.58 -3.84 23.25
C SER C 158 -40.20 -2.98 24.34
N GLU C 161 -36.62 -4.30 26.88
CA GLU C 161 -36.19 -4.07 28.25
C GLU C 161 -37.32 -4.50 29.18
N ALA C 162 -38.52 -4.59 28.63
CA ALA C 162 -39.74 -4.73 29.43
C ALA C 162 -39.89 -6.09 30.09
N LEU C 163 -38.94 -7.02 29.88
CA LEU C 163 -38.98 -8.26 30.61
C LEU C 163 -38.52 -8.08 32.06
N VAL C 164 -37.82 -7.00 32.39
CA VAL C 164 -37.16 -6.90 33.69
C VAL C 164 -38.19 -6.82 34.82
N GLN C 165 -39.15 -5.90 34.73
CA GLN C 165 -40.27 -5.90 35.67
C GLN C 165 -41.18 -7.11 35.44
N SER C 166 -41.19 -7.64 34.24
CA SER C 166 -41.95 -8.84 33.92
C SER C 166 -41.25 -10.11 34.37
N PHE C 167 -40.02 -10.02 34.90
CA PHE C 167 -39.27 -11.22 35.28
C PHE C 167 -38.25 -10.87 36.35
N ARG C 168 -38.61 -11.13 37.61
CA ARG C 168 -37.86 -10.87 38.84
C ARG C 168 -38.73 -11.41 39.97
N LYS C 169 -38.10 -11.73 41.10
CA LYS C 169 -38.84 -12.05 42.30
C LYS C 169 -38.36 -11.23 43.50
N ASP C 231 -26.67 -11.44 37.76
CA ASP C 231 -27.85 -10.95 38.46
C ASP C 231 -28.97 -10.65 37.46
N VAL C 232 -29.76 -11.68 37.16
CA VAL C 232 -30.72 -11.66 36.08
C VAL C 232 -31.94 -12.48 36.49
N SER C 233 -32.90 -12.57 35.57
CA SER C 233 -34.14 -13.31 35.76
C SER C 233 -33.92 -14.80 35.57
N VAL C 234 -34.88 -15.58 36.05
CA VAL C 234 -34.76 -17.04 36.09
C VAL C 234 -36.01 -17.64 35.42
N ASP C 235 -36.60 -16.89 34.50
CA ASP C 235 -37.94 -17.21 34.00
C ASP C 235 -37.93 -18.09 32.75
N ILE C 236 -36.89 -18.89 32.56
CA ILE C 236 -36.92 -19.91 31.50
C ILE C 236 -37.91 -21.02 31.84
N ASP C 237 -38.19 -21.24 33.12
CA ASP C 237 -39.31 -22.09 33.50
C ASP C 237 -40.63 -21.42 33.17
N ALA C 238 -40.67 -20.09 33.31
CA ALA C 238 -41.91 -19.37 33.14
C ALA C 238 -42.36 -19.35 31.70
N ILE C 239 -41.43 -19.13 30.76
CA ILE C 239 -41.80 -19.23 29.34
C ILE C 239 -42.12 -20.67 28.99
N ARG C 240 -41.52 -21.62 29.71
CA ARG C 240 -41.95 -23.00 29.62
C ARG C 240 -43.22 -23.27 30.40
N ARG C 241 -43.84 -22.27 31.01
CA ARG C 241 -45.26 -22.34 31.30
C ARG C 241 -46.09 -21.59 30.27
N VAL C 242 -45.50 -20.61 29.60
CA VAL C 242 -46.20 -19.93 28.52
C VAL C 242 -46.31 -20.86 27.33
N TYR C 243 -45.15 -21.17 26.74
CA TYR C 243 -45.07 -21.87 25.47
C TYR C 243 -45.62 -23.28 25.56
N THR C 244 -45.61 -23.88 26.75
CA THR C 244 -46.17 -25.20 26.97
C THR C 244 -47.67 -25.19 27.26
N ARG C 245 -48.20 -24.06 27.73
CA ARG C 245 -49.65 -23.90 27.72
C ARG C 245 -50.10 -23.24 26.43
N LEU C 246 -49.21 -22.52 25.77
CA LEU C 246 -49.45 -22.00 24.43
C LEU C 246 -48.82 -22.90 23.39
N LEU C 247 -48.79 -24.19 23.65
CA LEU C 247 -48.51 -25.17 22.61
C LEU C 247 -49.64 -25.22 21.59
N SER C 248 -50.85 -24.81 21.98
CA SER C 248 -52.01 -24.94 21.12
C SER C 248 -52.04 -23.86 20.05
N ASN C 249 -51.68 -22.62 20.40
CA ASN C 249 -51.73 -21.51 19.46
C ASN C 249 -50.36 -21.28 18.87
N GLU C 250 -50.13 -21.79 17.65
CA GLU C 250 -48.91 -21.54 16.91
C GLU C 250 -49.01 -20.27 16.05
N LYS C 251 -49.83 -19.31 16.45
CA LYS C 251 -49.79 -17.96 15.93
C LYS C 251 -49.07 -17.01 16.87
N ILE C 252 -48.64 -17.50 18.03
CA ILE C 252 -47.83 -16.69 18.95
C ILE C 252 -46.44 -16.52 18.41
N GLU C 253 -46.01 -17.41 17.51
CA GLU C 253 -44.70 -17.31 16.89
C GLU C 253 -44.64 -16.22 15.83
N THR C 254 -45.79 -15.72 15.40
CA THR C 254 -45.86 -14.59 14.50
C THR C 254 -45.23 -13.36 15.16
N ALA C 255 -45.84 -12.89 16.23
CA ALA C 255 -45.34 -11.72 16.94
C ALA C 255 -44.15 -12.03 17.85
N PHE C 256 -43.85 -13.32 18.08
CA PHE C 256 -42.53 -13.66 18.59
C PHE C 256 -41.45 -13.22 17.60
N LEU C 257 -41.71 -13.44 16.30
CA LEU C 257 -40.77 -13.08 15.26
C LEU C 257 -41.01 -11.68 14.71
N ASN C 258 -42.28 -11.27 14.63
CA ASN C 258 -42.61 -9.95 14.09
C ASN C 258 -42.19 -8.82 15.00
N ALA C 259 -41.97 -9.08 16.29
CA ALA C 259 -41.43 -8.06 17.17
C ALA C 259 -39.98 -7.78 16.87
N LEU C 260 -39.28 -8.76 16.31
CA LEU C 260 -37.84 -8.67 16.15
C LEU C 260 -37.46 -7.67 15.07
N VAL C 261 -38.34 -7.47 14.09
CA VAL C 261 -38.02 -6.64 12.94
C VAL C 261 -37.90 -5.18 13.36
N TYR C 262 -38.68 -4.76 14.35
CA TYR C 262 -38.43 -3.47 14.96
C TYR C 262 -37.50 -3.57 16.15
N LEU C 263 -37.28 -4.77 16.67
CA LEU C 263 -36.36 -4.89 17.79
C LEU C 263 -34.91 -4.83 17.33
N SER C 264 -34.67 -4.97 16.01
CA SER C 264 -33.30 -4.89 15.50
C SER C 264 -32.71 -3.50 15.67
N PRO C 265 -33.28 -2.41 15.13
CA PRO C 265 -32.64 -1.10 15.34
C PRO C 265 -32.91 -0.49 16.69
N ASN C 266 -33.74 -1.13 17.51
CA ASN C 266 -33.92 -0.68 18.90
C ASN C 266 -32.62 -0.82 19.66
N VAL C 267 -32.13 -2.04 19.78
CA VAL C 267 -31.02 -2.32 20.68
C VAL C 267 -29.68 -2.22 20.00
N GLU C 268 -29.62 -1.72 18.78
CA GLU C 268 -28.33 -1.68 18.12
C GLU C 268 -27.74 -0.27 18.09
N CYS C 269 -28.57 0.77 18.22
CA CYS C 269 -28.07 2.13 18.14
C CYS C 269 -27.64 2.68 19.49
N ASP C 270 -28.31 2.24 20.55
CA ASP C 270 -28.19 2.80 21.88
C ASP C 270 -26.91 2.38 22.59
N LEU C 271 -26.13 1.47 22.00
CA LEU C 271 -24.96 0.93 22.67
C LEU C 271 -23.66 1.62 22.28
N THR C 272 -23.56 2.11 21.05
CA THR C 272 -22.38 2.83 20.59
C THR C 272 -22.62 4.32 20.37
N TYR C 273 -23.87 4.75 20.34
CA TYR C 273 -24.21 6.16 20.31
C TYR C 273 -24.74 6.65 21.64
N HIS C 274 -25.57 5.86 22.31
CA HIS C 274 -26.09 6.25 23.62
C HIS C 274 -25.40 5.53 24.78
N ASN C 275 -24.81 4.35 24.52
CA ASN C 275 -23.95 3.61 25.46
C ASN C 275 -24.68 3.31 26.77
N VAL C 276 -25.72 2.50 26.66
CA VAL C 276 -26.75 2.43 27.71
C VAL C 276 -26.25 1.68 28.94
N TYR C 277 -25.53 0.58 28.76
CA TYR C 277 -25.09 -0.21 29.90
C TYR C 277 -23.78 0.29 30.51
N SER C 278 -23.29 1.46 30.08
CA SER C 278 -22.06 2.00 30.66
C SER C 278 -22.29 2.43 32.11
N ARG C 279 -23.38 3.14 32.34
CA ARG C 279 -23.69 3.61 33.68
C ARG C 279 -24.23 2.50 34.56
N ASP C 280 -25.09 1.64 34.01
CA ASP C 280 -25.81 0.69 34.84
C ASP C 280 -25.46 -0.74 34.49
N PRO C 281 -25.41 -1.60 35.48
CA PRO C 281 -25.31 -3.04 35.21
C PRO C 281 -26.66 -3.72 35.06
N ASN C 282 -27.73 -2.96 34.83
CA ASN C 282 -29.04 -3.56 34.74
C ASN C 282 -29.63 -3.54 33.33
N TYR C 283 -28.90 -3.03 32.34
CA TYR C 283 -29.33 -3.19 30.96
C TYR C 283 -29.15 -4.60 30.47
N LEU C 284 -28.21 -5.34 31.04
CA LEU C 284 -27.89 -6.69 30.60
C LEU C 284 -28.95 -7.71 30.97
N ASN C 285 -29.91 -7.37 31.82
CA ASN C 285 -30.93 -8.32 32.24
C ASN C 285 -31.92 -8.66 31.13
N LEU C 286 -31.98 -7.87 30.07
CA LEU C 286 -33.00 -8.08 29.06
C LEU C 286 -32.69 -9.29 28.18
N PHE C 287 -31.42 -9.62 28.02
CA PHE C 287 -30.91 -10.40 26.90
C PHE C 287 -31.37 -11.85 26.89
N ILE C 288 -32.09 -12.30 27.91
CA ILE C 288 -32.45 -13.70 27.96
C ILE C 288 -33.65 -13.99 27.08
N ILE C 289 -34.36 -12.97 26.63
CA ILE C 289 -35.62 -13.20 25.91
C ILE C 289 -35.37 -13.77 24.51
N VAL C 290 -34.25 -13.41 23.88
CA VAL C 290 -33.98 -13.91 22.53
C VAL C 290 -33.59 -15.37 22.56
N MET C 291 -32.67 -15.76 23.45
CA MET C 291 -32.15 -17.11 23.44
C MET C 291 -33.12 -18.13 24.02
N GLU C 292 -34.07 -17.70 24.86
CA GLU C 292 -34.88 -18.63 25.63
C GLU C 292 -35.91 -19.38 24.80
N ASN C 293 -36.14 -19.00 23.55
CA ASN C 293 -37.16 -19.66 22.75
C ASN C 293 -36.69 -21.04 22.31
N ARG C 294 -37.60 -22.00 22.41
CA ARG C 294 -37.27 -23.38 22.12
C ARG C 294 -37.31 -23.72 20.63
N ASN C 295 -37.67 -22.78 19.77
CA ASN C 295 -37.82 -23.06 18.35
C ASN C 295 -36.97 -22.15 17.49
N LEU C 296 -35.85 -21.67 18.06
CA LEU C 296 -34.90 -20.88 17.28
C LEU C 296 -34.16 -21.72 16.26
N HIS C 297 -34.14 -23.04 16.44
CA HIS C 297 -33.51 -23.96 15.51
C HIS C 297 -34.18 -23.98 14.14
N SER C 298 -35.43 -23.48 14.04
CA SER C 298 -36.13 -23.39 12.78
C SER C 298 -35.64 -22.18 11.98
N PRO C 299 -35.57 -22.30 10.65
CA PRO C 299 -34.83 -21.30 9.84
C PRO C 299 -35.46 -19.91 9.79
N GLU C 300 -36.72 -19.76 10.18
CA GLU C 300 -37.29 -18.42 10.27
C GLU C 300 -36.64 -17.64 11.39
N TYR C 301 -36.46 -18.28 12.54
CA TYR C 301 -35.75 -17.64 13.63
C TYR C 301 -34.25 -17.64 13.44
N LEU C 302 -33.72 -18.42 12.49
CA LEU C 302 -32.30 -18.36 12.17
C LEU C 302 -31.90 -16.97 11.71
N GLU C 303 -32.49 -16.50 10.60
CA GLU C 303 -32.12 -15.18 10.12
C GLU C 303 -32.72 -14.06 10.94
N MET C 304 -33.50 -14.36 11.98
CA MET C 304 -34.09 -13.32 12.81
C MET C 304 -33.39 -13.20 14.16
N ALA C 305 -33.32 -14.31 14.92
CA ALA C 305 -33.06 -14.19 16.36
C ALA C 305 -31.62 -13.83 16.66
N LEU C 306 -30.67 -14.45 15.97
CA LEU C 306 -29.27 -14.12 16.22
C LEU C 306 -28.87 -12.72 15.76
N PRO C 307 -28.96 -12.35 14.46
CA PRO C 307 -28.10 -11.25 13.99
C PRO C 307 -28.46 -9.88 14.53
N LEU C 308 -29.70 -9.66 14.90
CA LEU C 308 -30.01 -8.46 15.65
C LEU C 308 -29.42 -8.55 17.04
N PHE C 309 -29.48 -9.72 17.65
CA PHE C 309 -29.09 -9.85 19.03
C PHE C 309 -27.58 -9.94 19.14
N CYS C 310 -26.94 -10.54 18.14
CA CYS C 310 -25.49 -10.50 18.09
C CYS C 310 -25.00 -9.08 17.86
N LYS C 311 -25.76 -8.29 17.10
CA LYS C 311 -25.47 -6.87 16.98
C LYS C 311 -25.62 -6.18 18.33
N ALA C 312 -26.60 -6.58 19.11
CA ALA C 312 -26.68 -6.10 20.49
C ALA C 312 -25.55 -6.70 21.32
N MET C 313 -25.22 -7.95 21.07
CA MET C 313 -24.08 -8.55 21.75
C MET C 313 -22.76 -8.02 21.23
N SER C 314 -22.74 -7.39 20.05
CA SER C 314 -21.48 -6.89 19.49
C SER C 314 -20.95 -5.72 20.32
N LYS C 315 -21.74 -4.68 20.47
CA LYS C 315 -21.30 -3.57 21.28
C LYS C 315 -21.61 -3.78 22.76
N LEU C 316 -22.11 -4.95 23.13
CA LEU C 316 -22.27 -5.29 24.53
C LEU C 316 -20.89 -5.34 25.18
N PRO C 317 -20.72 -4.81 26.38
CA PRO C 317 -19.37 -4.65 26.93
C PRO C 317 -18.79 -5.96 27.44
N LEU C 318 -17.58 -5.82 27.97
CA LEU C 318 -16.76 -6.94 28.40
C LEU C 318 -17.41 -7.75 29.51
N ALA C 319 -18.16 -7.09 30.39
CA ALA C 319 -18.87 -7.84 31.43
C ALA C 319 -20.20 -8.33 30.90
N ALA C 320 -20.97 -7.42 30.29
CA ALA C 320 -22.32 -7.76 29.84
C ALA C 320 -22.34 -8.66 28.63
N GLN C 321 -21.18 -8.98 28.07
CA GLN C 321 -21.02 -10.28 27.43
C GLN C 321 -20.53 -11.29 28.45
N GLY C 322 -19.37 -11.01 29.03
CA GLY C 322 -18.59 -12.00 29.75
C GLY C 322 -19.21 -12.50 31.03
N LYS C 323 -20.15 -11.76 31.59
CA LYS C 323 -20.76 -12.25 32.80
C LYS C 323 -22.06 -12.99 32.55
N LEU C 324 -22.62 -12.86 31.34
CA LEU C 324 -23.71 -13.76 30.98
C LEU C 324 -23.19 -15.16 30.76
N ILE C 325 -21.92 -15.26 30.39
CA ILE C 325 -21.32 -16.56 30.17
C ILE C 325 -21.23 -17.33 31.46
N ARG C 326 -20.95 -16.63 32.57
CA ARG C 326 -21.01 -17.25 33.88
C ARG C 326 -22.41 -17.78 34.16
N LEU C 327 -23.43 -17.05 33.75
CA LEU C 327 -24.79 -17.59 33.77
C LEU C 327 -24.98 -18.65 32.69
N TRP C 328 -24.29 -18.53 31.57
CA TRP C 328 -24.52 -19.48 30.49
C TRP C 328 -23.81 -20.80 30.71
N SER C 329 -22.68 -20.79 31.42
CA SER C 329 -22.01 -22.05 31.70
C SER C 329 -22.77 -22.87 32.73
N LYS C 330 -23.65 -22.24 33.50
CA LYS C 330 -24.48 -22.99 34.44
C LYS C 330 -25.51 -23.86 33.76
N TYR C 331 -25.78 -23.62 32.47
CA TYR C 331 -26.69 -24.45 31.71
C TYR C 331 -26.11 -25.85 31.56
N ASN C 332 -26.99 -26.85 31.60
CA ASN C 332 -26.57 -28.23 31.52
C ASN C 332 -26.31 -28.60 30.06
N ALA C 333 -25.88 -29.86 29.88
CA ALA C 333 -25.42 -30.31 28.58
C ALA C 333 -26.55 -30.39 27.58
N ASP C 334 -27.74 -30.79 28.02
CA ASP C 334 -28.89 -30.77 27.13
C ASP C 334 -29.31 -29.35 26.82
N GLN C 335 -29.21 -28.45 27.80
CA GLN C 335 -29.41 -27.03 27.53
C GLN C 335 -28.29 -26.50 26.67
N ILE C 336 -27.07 -27.01 26.87
CA ILE C 336 -26.00 -26.75 25.92
C ILE C 336 -26.36 -27.36 24.57
N ARG C 337 -26.90 -28.59 24.56
CA ARG C 337 -27.31 -29.25 23.33
C ARG C 337 -28.40 -28.47 22.61
N ARG C 338 -29.28 -27.82 23.37
CA ARG C 338 -30.23 -26.92 22.74
C ARG C 338 -29.57 -25.60 22.36
N MET C 339 -28.46 -25.25 22.99
CA MET C 339 -27.84 -24.01 22.59
C MET C 339 -26.78 -24.22 21.52
N MET C 340 -26.09 -25.38 21.53
CA MET C 340 -24.93 -25.59 20.66
C MET C 340 -25.28 -25.56 19.18
N GLU C 341 -26.54 -25.83 18.86
CA GLU C 341 -27.03 -25.74 17.51
C GLU C 341 -27.54 -24.36 17.17
N THR C 342 -28.20 -23.70 18.12
CA THR C 342 -29.03 -22.55 17.81
C THR C 342 -28.23 -21.30 17.53
N PHE C 343 -27.08 -21.11 18.16
CA PHE C 343 -26.21 -20.07 17.65
C PHE C 343 -25.42 -20.55 16.46
N GLN C 344 -25.23 -21.85 16.32
CA GLN C 344 -24.44 -22.36 15.21
C GLN C 344 -25.20 -22.29 13.90
N GLN C 345 -26.53 -22.40 13.98
CA GLN C 345 -27.35 -22.58 12.79
C GLN C 345 -27.35 -21.35 11.89
N LEU C 346 -27.17 -20.16 12.44
CA LEU C 346 -26.96 -19.00 11.58
C LEU C 346 -25.57 -19.00 10.99
N ILE C 347 -24.59 -19.47 11.75
CA ILE C 347 -23.22 -19.48 11.27
C ILE C 347 -23.06 -20.50 10.16
N THR C 348 -24.00 -21.43 10.02
CA THR C 348 -24.09 -22.22 8.80
C THR C 348 -24.36 -21.33 7.61
N TYR C 349 -25.50 -20.64 7.63
CA TYR C 349 -26.06 -20.11 6.40
C TYR C 349 -25.82 -18.62 6.19
N LYS C 350 -25.61 -17.83 7.25
CA LYS C 350 -25.30 -16.43 7.05
C LYS C 350 -23.94 -16.26 6.36
N VAL C 351 -22.98 -17.12 6.68
CA VAL C 351 -21.66 -16.98 6.13
C VAL C 351 -21.59 -17.43 4.68
N ILE C 352 -22.58 -18.17 4.19
CA ILE C 352 -22.64 -18.57 2.79
C ILE C 352 -23.63 -17.75 1.99
N SER C 353 -24.50 -16.98 2.65
CA SER C 353 -25.27 -15.96 1.95
C SER C 353 -24.33 -14.94 1.32
N ASN C 354 -23.30 -14.54 2.06
CA ASN C 354 -22.19 -13.81 1.49
C ASN C 354 -21.39 -14.76 0.61
N GLU C 355 -21.32 -14.45 -0.68
CA GLU C 355 -20.30 -15.01 -1.56
C GLU C 355 -19.18 -13.98 -1.68
N PHE C 356 -18.49 -13.82 -0.56
CA PHE C 356 -17.73 -12.61 -0.29
C PHE C 356 -16.43 -12.57 -1.08
N ASN C 357 -16.06 -11.37 -1.48
CA ASN C 357 -14.80 -11.10 -2.16
C ASN C 357 -13.75 -10.73 -1.11
N SER C 358 -12.64 -10.16 -1.56
CA SER C 358 -11.64 -9.56 -0.68
C SER C 358 -12.03 -8.16 -0.20
N ARG C 359 -13.30 -7.77 -0.35
CA ARG C 359 -13.81 -6.49 0.11
C ARG C 359 -14.69 -6.60 1.34
N ASN C 360 -15.33 -7.74 1.55
CA ASN C 360 -16.25 -7.95 2.68
C ASN C 360 -15.81 -9.17 3.48
N LEU C 361 -14.86 -8.98 4.39
CA LEU C 361 -14.47 -10.03 5.31
C LEU C 361 -15.28 -9.96 6.60
N VAL C 362 -15.20 -8.82 7.30
CA VAL C 362 -15.91 -8.62 8.55
C VAL C 362 -17.02 -7.61 8.43
N ASN C 363 -17.02 -6.76 7.40
CA ASN C 363 -18.10 -5.81 7.18
C ASN C 363 -18.76 -6.12 5.85
N ASP C 364 -20.06 -6.35 5.89
CA ASP C 364 -20.82 -6.68 4.69
C ASP C 364 -21.94 -5.68 4.43
N VAL C 369 -20.44 -13.76 10.65
CA VAL C 369 -19.56 -12.63 10.39
C VAL C 369 -19.73 -11.62 11.51
N ALA C 370 -20.97 -11.19 11.73
CA ALA C 370 -21.29 -10.37 12.89
C ALA C 370 -21.60 -11.22 14.10
N ALA C 371 -22.27 -12.36 13.91
CA ALA C 371 -22.45 -13.31 14.99
C ALA C 371 -21.23 -14.21 15.18
N SER C 372 -20.14 -13.90 14.48
CA SER C 372 -18.82 -14.31 14.93
C SER C 372 -18.58 -13.80 16.34
N LYS C 373 -18.84 -12.52 16.56
CA LYS C 373 -18.62 -11.95 17.87
C LYS C 373 -19.63 -12.46 18.88
N CYS C 374 -20.82 -12.87 18.42
CA CYS C 374 -21.68 -13.70 19.25
C CYS C 374 -20.97 -14.99 19.61
N LEU C 375 -20.52 -15.72 18.59
CA LEU C 375 -19.89 -17.00 18.84
C LEU C 375 -18.56 -16.84 19.55
N LYS C 376 -17.94 -15.66 19.44
CA LYS C 376 -16.79 -15.34 20.29
C LYS C 376 -17.17 -15.46 21.75
N MET C 377 -18.34 -14.97 22.11
CA MET C 377 -18.79 -15.13 23.48
C MET C 377 -19.24 -16.55 23.75
N VAL C 378 -20.23 -17.04 23.00
CA VAL C 378 -20.93 -18.24 23.44
C VAL C 378 -20.12 -19.50 23.18
N TYR C 379 -18.93 -19.37 22.58
CA TYR C 379 -17.94 -20.42 22.71
C TYR C 379 -17.56 -20.61 24.16
N TYR C 380 -17.50 -19.53 24.91
CA TYR C 380 -17.04 -19.66 26.28
C TYR C 380 -18.07 -20.33 27.17
N ALA C 381 -19.31 -20.43 26.69
CA ALA C 381 -20.33 -21.22 27.37
C ALA C 381 -19.89 -22.68 27.49
N ASN C 382 -19.34 -23.23 26.42
CA ASN C 382 -18.86 -24.60 26.47
C ASN C 382 -17.46 -24.71 27.04
N VAL C 383 -16.80 -23.59 27.29
CA VAL C 383 -15.53 -23.64 28.01
C VAL C 383 -15.77 -24.09 29.44
N VAL C 384 -16.50 -23.30 30.20
CA VAL C 384 -16.70 -23.67 31.59
C VAL C 384 -17.89 -24.62 31.75
N GLY C 385 -18.94 -24.45 30.98
CA GLY C 385 -20.08 -25.34 31.07
C GLY C 385 -19.96 -26.52 30.12
N GLU C 387 -14.38 -29.02 32.52
CA GLU C 387 -13.57 -28.50 33.62
C GLU C 387 -12.57 -27.47 33.11
N VAL C 388 -12.39 -26.41 33.89
CA VAL C 388 -11.37 -25.37 33.69
C VAL C 388 -10.94 -24.90 35.06
N ASP C 389 -9.62 -24.82 35.29
CA ASP C 389 -9.10 -24.23 36.50
C ASP C 389 -7.80 -23.51 36.17
N THR C 390 -7.67 -22.28 36.65
CA THR C 390 -6.47 -21.46 36.41
C THR C 390 -5.33 -21.79 37.35
N ASN C 391 -5.44 -22.88 38.10
CA ASN C 391 -4.46 -23.17 39.14
C ASN C 391 -3.18 -23.75 38.56
N HIS C 392 -3.30 -24.83 37.81
CA HIS C 392 -2.17 -25.72 37.50
C HIS C 392 -1.47 -25.32 36.21
N ASN C 393 -1.10 -24.05 36.09
CA ASN C 393 -0.38 -23.59 34.92
C ASN C 393 1.12 -23.79 35.10
N GLU C 394 1.88 -23.44 34.07
CA GLU C 394 3.33 -23.48 34.17
C GLU C 394 3.80 -22.27 34.99
N GLU C 395 5.10 -22.23 35.26
CA GLU C 395 5.71 -20.98 35.68
C GLU C 395 5.78 -20.03 34.50
N ASP C 396 6.24 -18.81 34.78
CA ASP C 396 6.15 -17.73 33.82
C ASP C 396 7.07 -17.95 32.64
N ASP C 397 6.55 -17.66 31.45
CA ASP C 397 7.28 -17.75 30.20
C ASP C 397 8.32 -16.66 30.21
N GLU C 398 9.54 -17.02 30.56
CA GLU C 398 10.59 -16.05 30.71
C GLU C 398 10.98 -15.48 29.34
N GLU C 399 11.43 -14.24 29.36
CA GLU C 399 11.67 -13.48 28.16
C GLU C 399 12.92 -13.98 27.46
N PRO C 400 13.09 -13.66 26.17
CA PRO C 400 14.39 -13.91 25.54
C PRO C 400 15.46 -13.04 26.17
N ILE C 401 16.67 -13.56 26.16
CA ILE C 401 17.88 -12.80 26.45
C ILE C 401 17.90 -11.68 25.42
N PRO C 402 18.07 -10.42 25.83
CA PRO C 402 17.82 -9.30 24.92
C PRO C 402 18.87 -9.19 23.84
N GLU C 403 18.48 -8.54 22.76
CA GLU C 403 19.41 -8.18 21.72
C GLU C 403 20.42 -7.18 22.27
N SER C 404 21.70 -7.46 22.03
CA SER C 404 22.78 -6.63 22.59
C SER C 404 22.74 -5.22 22.03
N SER C 405 22.20 -5.03 20.84
CA SER C 405 21.90 -3.68 20.37
C SER C 405 20.74 -3.07 21.15
N GLU C 406 19.68 -3.84 21.38
CA GLU C 406 18.58 -3.37 22.20
C GLU C 406 18.96 -3.29 23.68
N LEU C 407 19.95 -4.08 24.09
CA LEU C 407 20.46 -4.02 25.46
C LEU C 407 21.07 -2.67 25.77
N THR C 408 21.79 -2.10 24.81
CA THR C 408 22.24 -0.72 24.96
C THR C 408 21.08 0.25 24.78
N LEU C 409 20.12 -0.07 23.91
CA LEU C 409 18.87 0.70 23.84
C LEU C 409 18.07 0.58 25.13
N GLN C 410 18.26 -0.51 25.86
CA GLN C 410 17.74 -0.60 27.21
C GLN C 410 18.50 0.25 28.21
N GLU C 411 19.62 0.85 27.82
CA GLU C 411 20.17 1.94 28.60
C GLU C 411 19.76 3.29 28.05
N LEU C 412 19.08 3.31 26.91
CA LEU C 412 18.45 4.51 26.41
C LEU C 412 17.00 4.61 26.85
N LEU C 413 16.41 3.50 27.29
CA LEU C 413 15.19 3.59 28.09
C LEU C 413 15.27 2.89 29.44
N GLY C 414 14.11 2.75 30.09
CA GLY C 414 14.05 2.66 31.53
C GLY C 414 14.59 1.39 32.13
N GLU C 415 14.69 0.32 31.34
CA GLU C 415 15.28 -0.96 31.70
C GLU C 415 14.61 -1.70 32.85
N GLU C 416 13.48 -1.20 33.35
CA GLU C 416 12.94 -1.75 34.58
C GLU C 416 11.43 -1.94 34.58
N ARG C 417 10.66 -1.35 33.67
CA ARG C 417 9.21 -1.38 33.79
C ARG C 417 8.52 -2.08 32.63
N ARG C 418 8.76 -1.67 31.38
CA ARG C 418 7.97 -2.17 30.26
C ARG C 418 8.62 -3.42 29.68
N ASN C 419 8.87 -4.39 30.55
CA ASN C 419 9.44 -5.66 30.15
C ASN C 419 8.28 -6.57 29.77
N LYS C 420 7.77 -6.37 28.56
CA LYS C 420 6.68 -7.15 27.96
C LYS C 420 5.45 -7.16 28.84
N LYS C 421 4.93 -5.95 29.11
CA LYS C 421 3.65 -5.85 29.77
C LYS C 421 2.52 -6.28 28.87
N GLY C 422 2.69 -6.18 27.57
CA GLY C 422 1.76 -6.77 26.65
C GLY C 422 2.42 -7.79 25.74
N PRO C 423 2.11 -9.05 25.97
CA PRO C 423 2.34 -10.08 24.96
C PRO C 423 1.15 -10.23 24.02
N ARG C 424 0.32 -9.18 23.99
CA ARG C 424 -0.97 -9.14 23.32
C ARG C 424 -1.87 -10.26 23.83
N VAL C 425 -2.24 -10.14 25.09
CA VAL C 425 -3.09 -11.15 25.72
C VAL C 425 -4.50 -11.06 25.15
N ASP C 426 -5.23 -12.12 25.34
CA ASP C 426 -6.63 -12.12 24.98
C ASP C 426 -7.43 -11.26 25.95
N PRO C 427 -8.32 -10.41 25.46
CA PRO C 427 -8.95 -9.42 26.32
C PRO C 427 -10.19 -9.90 27.05
N LEU C 428 -10.87 -10.88 26.45
CA LEU C 428 -12.12 -11.40 27.01
C LEU C 428 -11.88 -12.06 28.36
N GLU C 429 -10.78 -12.79 28.48
CA GLU C 429 -10.49 -13.51 29.70
C GLU C 429 -9.82 -12.65 30.73
N THR C 430 -9.23 -11.52 30.32
CA THR C 430 -8.89 -10.49 31.30
C THR C 430 -10.12 -9.83 31.87
N GLU C 431 -11.24 -9.87 31.14
CA GLU C 431 -12.53 -9.55 31.74
C GLU C 431 -13.13 -10.72 32.47
N LEU C 432 -12.45 -11.86 32.49
CA LEU C 432 -12.87 -13.01 33.26
C LEU C 432 -11.89 -13.34 34.39
N GLY C 433 -10.61 -13.51 34.05
CA GLY C 433 -9.65 -14.09 34.98
C GLY C 433 -9.46 -15.55 34.64
N VAL C 434 -10.55 -16.19 34.20
CA VAL C 434 -10.55 -17.57 33.76
C VAL C 434 -10.39 -17.59 32.24
N LYS C 435 -9.55 -18.48 31.73
CA LYS C 435 -9.03 -18.35 30.37
C LYS C 435 -9.39 -19.52 29.47
N THR C 436 -9.08 -19.33 28.18
CA THR C 436 -8.97 -20.43 27.22
C THR C 436 -7.59 -21.06 27.24
N LEU C 437 -6.71 -20.55 28.10
CA LEU C 437 -5.43 -21.18 28.37
C LEU C 437 -5.59 -22.61 28.87
N ASP C 438 -6.70 -22.91 29.54
CA ASP C 438 -6.83 -24.08 30.39
C ASP C 438 -8.17 -24.77 30.21
N CYS C 439 -8.64 -24.92 28.98
CA CYS C 439 -9.88 -25.65 28.77
C CYS C 439 -9.60 -27.14 28.93
N ARG C 440 -9.80 -27.67 30.14
CA ARG C 440 -9.51 -29.08 30.34
C ARG C 440 -10.54 -29.95 29.65
N LYS C 441 -11.82 -29.59 29.73
CA LYS C 441 -12.87 -30.38 29.11
C LYS C 441 -13.89 -29.44 28.48
N PRO C 442 -14.56 -29.89 27.43
CA PRO C 442 -15.83 -29.27 27.03
C PRO C 442 -17.01 -30.04 27.57
N LEU C 443 -18.22 -29.55 27.30
CA LEU C 443 -19.38 -30.44 27.31
C LEU C 443 -19.66 -30.99 25.92
N ILE C 444 -19.33 -30.22 24.90
CA ILE C 444 -19.37 -30.62 23.49
C ILE C 444 -18.16 -29.96 22.84
N PRO C 445 -17.38 -30.67 22.01
CA PRO C 445 -16.03 -30.20 21.67
C PRO C 445 -16.03 -28.97 20.78
N PHE C 446 -14.83 -28.42 20.64
CA PHE C 446 -14.59 -27.15 19.99
C PHE C 446 -14.51 -27.25 18.48
N GLU C 447 -14.54 -28.45 17.93
CA GLU C 447 -14.70 -28.59 16.49
C GLU C 447 -16.11 -28.25 16.06
N GLU C 448 -17.08 -28.34 16.99
CA GLU C 448 -18.38 -27.75 16.77
C GLU C 448 -18.28 -26.24 16.59
N PHE C 449 -17.28 -25.64 17.22
CA PHE C 449 -17.02 -24.21 17.15
C PHE C 449 -16.09 -23.86 16.01
N ILE C 450 -16.15 -24.62 14.92
CA ILE C 450 -15.41 -24.34 13.69
C ILE C 450 -16.41 -24.45 12.54
N ASN C 451 -16.27 -23.59 11.54
CA ASN C 451 -17.07 -23.66 10.32
C ASN C 451 -16.15 -23.65 9.11
N GLU C 452 -16.14 -24.74 8.38
CA GLU C 452 -15.34 -24.86 7.17
C GLU C 452 -15.90 -24.16 5.93
N PRO C 453 -17.23 -24.07 5.70
CA PRO C 453 -17.71 -23.12 4.69
C PRO C 453 -17.38 -21.67 5.01
N LEU C 454 -17.23 -21.33 6.28
CA LEU C 454 -16.63 -20.05 6.61
C LEU C 454 -15.16 -20.02 6.21
N ASN C 455 -14.43 -21.08 6.58
CA ASN C 455 -12.96 -21.07 6.63
C ASN C 455 -12.31 -20.74 5.30
N GLU C 456 -12.79 -21.35 4.21
CA GLU C 456 -12.13 -21.15 2.93
C GLU C 456 -12.45 -19.76 2.36
N VAL C 457 -13.69 -19.30 2.53
CA VAL C 457 -14.19 -18.17 1.76
C VAL C 457 -13.63 -16.86 2.26
N LEU C 458 -13.05 -16.86 3.45
CA LEU C 458 -12.64 -15.62 4.09
C LEU C 458 -11.34 -15.11 3.50
N GLU C 459 -10.94 -13.92 3.94
CA GLU C 459 -9.59 -13.42 3.79
C GLU C 459 -8.89 -13.67 5.10
N MET C 460 -7.90 -14.56 5.08
CA MET C 460 -7.11 -14.82 6.27
C MET C 460 -5.69 -14.28 6.15
N ASP C 461 -5.25 -13.91 4.94
CA ASP C 461 -3.86 -13.47 4.73
C ASP C 461 -3.58 -12.16 5.46
N LYS C 462 -4.42 -11.16 5.26
CA LYS C 462 -4.26 -9.94 6.02
C LYS C 462 -4.93 -10.01 7.38
N ASP C 463 -5.46 -11.17 7.78
CA ASP C 463 -6.12 -11.25 9.06
C ASP C 463 -5.15 -11.17 10.23
N TYR C 464 -3.87 -11.45 10.00
CA TYR C 464 -2.90 -11.23 11.07
C TYR C 464 -2.64 -9.75 11.26
N THR C 465 -2.64 -8.99 10.17
CA THR C 465 -2.66 -7.54 10.23
C THR C 465 -4.07 -6.99 10.38
N PHE C 466 -5.06 -7.87 10.47
CA PHE C 466 -6.31 -7.51 11.12
C PHE C 466 -6.29 -7.97 12.56
N PHE C 467 -5.18 -8.52 13.01
CA PHE C 467 -5.04 -8.93 14.40
C PHE C 467 -3.93 -8.17 15.11
N LYS C 468 -2.70 -8.24 14.61
CA LYS C 468 -1.62 -7.47 15.22
C LYS C 468 -1.82 -5.99 14.98
N VAL C 469 -1.92 -5.60 13.73
CA VAL C 469 -2.49 -4.31 13.35
C VAL C 469 -4.00 -4.45 13.44
N GLU C 470 -4.69 -3.38 13.84
CA GLU C 470 -6.12 -3.46 14.09
C GLU C 470 -6.92 -2.89 12.94
N THR C 471 -7.99 -3.58 12.58
CA THR C 471 -8.89 -3.12 11.54
C THR C 471 -10.28 -3.64 11.85
N GLU C 472 -11.21 -2.72 12.08
CA GLU C 472 -12.59 -3.05 12.35
C GLU C 472 -13.35 -3.39 11.08
N ASN C 473 -12.82 -2.99 9.94
CA ASN C 473 -13.55 -3.15 8.70
C ASN C 473 -13.53 -4.60 8.25
N LYS C 474 -12.35 -5.11 7.98
CA LYS C 474 -12.21 -6.50 7.61
C LYS C 474 -11.26 -7.18 8.58
N SER C 476 -9.26 -9.91 12.56
CA SER C 476 -10.68 -9.77 12.76
C SER C 476 -11.24 -11.13 13.11
N PHE C 477 -11.22 -12.04 12.15
CA PHE C 477 -11.51 -13.42 12.50
C PHE C 477 -10.34 -14.04 13.24
N MET C 478 -9.14 -13.51 13.03
CA MET C 478 -8.00 -13.88 13.85
C MET C 478 -8.21 -13.46 15.30
N THR C 479 -8.96 -12.38 15.52
CA THR C 479 -9.29 -12.01 16.88
C THR C 479 -10.28 -12.98 17.52
N CYS C 480 -10.91 -13.85 16.74
CA CYS C 480 -11.66 -14.98 17.27
C CYS C 480 -10.98 -16.27 16.81
N PRO C 481 -9.84 -16.62 17.43
CA PRO C 481 -9.05 -17.75 16.93
C PRO C 481 -9.64 -19.12 17.24
N PHE C 482 -10.76 -19.19 17.95
CA PHE C 482 -11.42 -20.46 18.20
C PHE C 482 -12.13 -20.99 16.96
N ILE C 483 -12.49 -20.13 16.02
CA ILE C 483 -13.38 -20.53 14.93
C ILE C 483 -12.62 -20.99 13.70
N LEU C 484 -11.32 -20.71 13.60
CA LEU C 484 -10.58 -21.10 12.41
C LEU C 484 -10.27 -22.59 12.44
N ASN C 485 -10.30 -23.20 11.27
CA ASN C 485 -9.77 -24.53 11.11
C ASN C 485 -8.25 -24.50 11.30
N ALA C 486 -7.73 -25.59 11.89
CA ALA C 486 -6.32 -25.67 12.21
C ALA C 486 -5.47 -25.68 10.96
N VAL C 487 -5.98 -26.26 9.87
CA VAL C 487 -5.25 -26.22 8.61
C VAL C 487 -5.36 -24.86 7.93
N THR C 488 -6.17 -23.96 8.47
CA THR C 488 -6.20 -22.58 8.01
C THR C 488 -5.63 -21.63 9.04
N LYS C 489 -5.72 -21.99 10.32
CA LYS C 489 -5.17 -21.18 11.41
C LYS C 489 -3.66 -21.04 11.30
N ASN C 490 -3.01 -22.08 10.80
CA ASN C 490 -1.56 -22.12 10.66
C ASN C 490 -1.06 -21.06 9.70
N LEU C 491 -1.89 -20.71 8.71
CA LEU C 491 -1.49 -19.79 7.65
C LEU C 491 -1.06 -18.45 8.19
N GLY C 492 -1.91 -17.84 9.03
CA GLY C 492 -1.54 -16.58 9.64
C GLY C 492 -0.39 -16.74 10.62
N LEU C 493 -0.35 -17.86 11.33
CA LEU C 493 0.82 -18.18 12.12
C LEU C 493 2.03 -18.36 11.24
N TYR C 494 1.85 -19.04 10.11
CA TYR C 494 2.91 -19.03 9.11
C TYR C 494 3.12 -17.62 8.61
N TYR C 495 2.04 -16.85 8.45
CA TYR C 495 2.22 -15.49 7.98
C TYR C 495 2.89 -14.61 9.00
N ASP C 496 2.60 -14.78 10.31
CA ASP C 496 3.30 -13.96 11.31
C ASP C 496 4.79 -14.21 11.28
N ASN C 497 5.19 -15.46 11.05
CA ASN C 497 6.58 -15.73 10.73
C ASN C 497 6.95 -15.14 9.39
N ARG C 498 6.13 -15.38 8.36
CA ARG C 498 6.41 -14.88 7.01
C ARG C 498 6.46 -13.36 6.97
N ILE C 499 5.57 -12.68 7.71
CA ILE C 499 5.72 -11.24 7.86
C ILE C 499 6.95 -10.89 8.70
N ARG C 500 7.29 -11.68 9.72
CA ARG C 500 8.54 -11.41 10.42
C ARG C 500 9.73 -11.73 9.55
N MET C 501 9.64 -12.80 8.75
CA MET C 501 10.64 -13.07 7.73
C MET C 501 10.73 -11.93 6.74
N TYR C 502 9.58 -11.37 6.34
CA TYR C 502 9.57 -10.14 5.56
C TYR C 502 10.20 -8.99 6.34
N SER C 503 9.87 -8.90 7.64
CA SER C 503 10.48 -7.86 8.44
C SER C 503 11.92 -8.16 8.75
N GLU C 504 12.28 -9.43 8.83
CA GLU C 504 13.68 -9.76 8.89
C GLU C 504 14.34 -9.56 7.54
N ARG C 505 13.58 -9.72 6.45
CA ARG C 505 14.05 -9.26 5.15
C ARG C 505 14.10 -7.74 5.10
N ARG C 506 13.32 -7.09 5.96
CA ARG C 506 13.35 -5.64 6.06
C ARG C 506 14.36 -5.15 7.09
N ILE C 507 15.13 -6.04 7.70
CA ILE C 507 16.08 -5.59 8.71
C ILE C 507 17.45 -6.16 8.40
N THR C 508 17.49 -7.11 7.47
CA THR C 508 18.77 -7.64 7.04
C THR C 508 19.58 -6.63 6.25
N VAL C 509 18.94 -5.59 5.73
CA VAL C 509 19.67 -4.56 5.02
C VAL C 509 20.53 -3.78 5.98
N LEU C 510 20.00 -3.51 7.16
CA LEU C 510 20.39 -2.37 7.93
C LEU C 510 21.71 -2.53 8.68
N TYR C 511 22.46 -3.58 8.40
CA TYR C 511 23.85 -3.67 8.84
C TYR C 511 24.79 -3.82 7.69
N SER C 512 24.32 -4.29 6.56
CA SER C 512 25.01 -4.00 5.32
C SER C 512 24.62 -2.64 4.77
N LEU C 513 23.60 -1.99 5.33
CA LEU C 513 23.27 -0.66 4.86
C LEU C 513 24.24 0.36 5.45
N VAL C 514 24.19 0.55 6.76
CA VAL C 514 24.94 1.61 7.41
C VAL C 514 26.23 1.11 8.03
N GLN C 515 26.19 -0.05 8.68
CA GLN C 515 27.42 -0.62 9.16
C GLN C 515 28.23 -1.26 8.05
N GLY C 516 27.63 -1.46 6.88
CA GLY C 516 28.33 -1.99 5.72
C GLY C 516 28.75 -3.43 5.82
N GLN C 517 28.40 -4.12 6.90
CA GLN C 517 28.92 -5.44 7.22
C GLN C 517 28.18 -6.52 6.45
N GLN C 518 28.35 -7.76 6.90
CA GLN C 518 27.84 -8.91 6.17
C GLN C 518 26.31 -8.92 6.16
N LEU C 519 25.78 -9.53 5.11
CA LEU C 519 24.36 -9.58 4.81
C LEU C 519 23.88 -11.01 4.93
N ASN C 520 22.95 -11.25 5.85
CA ASN C 520 22.26 -12.52 5.99
C ASN C 520 20.81 -12.23 5.68
N PRO C 521 20.38 -12.37 4.43
CA PRO C 521 18.94 -12.32 4.11
C PRO C 521 18.22 -13.64 4.32
N TYR C 522 18.93 -14.67 4.78
CA TYR C 522 18.34 -15.89 5.29
C TYR C 522 18.94 -16.20 6.64
N LEU C 523 18.23 -17.05 7.39
CA LEU C 523 18.81 -17.69 8.56
C LEU C 523 19.69 -18.82 8.03
N ARG C 524 20.98 -18.56 7.93
CA ARG C 524 21.91 -19.55 7.40
C ARG C 524 22.41 -20.39 8.55
N LEU C 525 22.08 -21.68 8.52
CA LEU C 525 22.48 -22.62 9.54
C LEU C 525 23.47 -23.62 8.94
N LYS C 526 24.54 -23.92 9.69
CA LYS C 526 25.59 -24.82 9.24
C LYS C 526 25.63 -26.09 10.07
N VAL C 527 25.67 -27.24 9.40
CA VAL C 527 25.78 -28.55 10.05
C VAL C 527 26.70 -29.48 9.28
N ARG C 528 26.80 -30.72 9.75
CA ARG C 528 27.26 -31.84 8.97
C ARG C 528 26.27 -32.98 9.16
N ARG C 529 26.16 -33.83 8.14
CA ARG C 529 25.15 -34.89 8.14
C ARG C 529 25.40 -35.94 9.20
N ASP C 530 26.60 -36.00 9.76
CA ASP C 530 26.82 -36.78 10.97
C ASP C 530 27.53 -35.97 12.05
N HIS C 531 27.73 -34.67 11.84
CA HIS C 531 28.13 -33.82 12.96
C HIS C 531 27.10 -32.73 13.14
N ILE C 532 25.83 -33.09 13.18
CA ILE C 532 24.77 -32.09 13.24
C ILE C 532 24.58 -31.56 14.65
N ILE C 533 24.27 -32.46 15.60
CA ILE C 533 23.64 -32.12 16.89
C ILE C 533 24.50 -31.15 17.69
N ASP C 534 25.82 -31.32 17.61
CA ASP C 534 26.73 -30.31 18.10
C ASP C 534 26.60 -29.02 17.31
N ASP C 535 26.82 -29.10 16.01
CA ASP C 535 26.99 -27.92 15.19
C ASP C 535 25.68 -27.29 14.81
N ALA C 536 24.59 -28.05 14.86
CA ALA C 536 23.27 -27.45 14.79
C ALA C 536 23.07 -26.52 15.97
N LEU C 537 23.55 -26.93 17.13
CA LEU C 537 23.28 -26.14 18.32
C LEU C 537 24.13 -24.89 18.35
N VAL C 538 25.44 -25.04 18.25
CA VAL C 538 26.36 -23.95 18.59
C VAL C 538 26.35 -22.84 17.54
N ARG C 539 25.92 -23.14 16.32
CA ARG C 539 25.65 -22.06 15.37
C ARG C 539 24.46 -21.23 15.84
N LEU C 540 23.41 -21.87 16.33
CA LEU C 540 22.27 -21.12 16.84
C LEU C 540 22.59 -20.42 18.14
N GLU C 541 23.64 -20.86 18.84
CA GLU C 541 24.05 -20.13 20.03
C GLU C 541 24.70 -18.81 19.65
N MET C 542 25.39 -18.80 18.51
CA MET C 542 25.81 -17.52 17.92
C MET C 542 24.61 -16.72 17.44
N ILE C 543 23.51 -17.39 17.08
CA ILE C 543 22.26 -16.69 16.82
C ILE C 543 21.51 -16.48 18.13
N ALA C 544 22.08 -16.86 19.26
CA ALA C 544 21.43 -16.59 20.53
C ALA C 544 22.12 -15.43 21.26
N MET C 545 23.39 -15.59 21.57
CA MET C 545 24.05 -14.57 22.39
C MET C 545 24.51 -13.39 21.58
N GLU C 546 24.49 -13.48 20.25
CA GLU C 546 24.97 -12.40 19.41
C GLU C 546 23.91 -11.84 18.48
N ASN C 547 23.15 -12.70 17.77
CA ASN C 547 22.05 -12.25 16.94
C ASN C 547 20.75 -12.93 17.33
N PRO C 548 20.15 -12.57 18.47
CA PRO C 548 18.88 -13.22 18.86
C PRO C 548 17.66 -12.73 18.08
N ALA C 549 17.89 -12.05 16.96
CA ALA C 549 16.83 -11.67 16.05
C ALA C 549 16.63 -12.65 14.90
N ASP C 550 17.67 -13.33 14.47
CA ASP C 550 17.66 -13.96 13.16
C ASP C 550 16.92 -15.29 13.12
N LEU C 551 16.28 -15.68 14.22
CA LEU C 551 15.71 -17.01 14.29
C LEU C 551 14.31 -17.06 13.74
N LYS C 552 13.55 -15.97 13.87
CA LYS C 552 12.26 -15.83 13.21
C LYS C 552 12.39 -15.71 11.71
N LYS C 553 13.55 -15.29 11.25
CA LYS C 553 13.90 -15.24 9.85
C LYS C 553 14.01 -16.64 9.29
N GLN C 554 13.62 -16.80 8.04
CA GLN C 554 13.38 -18.12 7.46
C GLN C 554 14.66 -18.94 7.35
N LEU C 555 14.56 -20.18 7.77
CA LEU C 555 15.73 -21.04 7.84
C LEU C 555 16.19 -21.42 6.44
N TYR C 556 17.49 -21.30 6.20
CA TYR C 556 18.13 -21.84 5.02
C TYR C 556 19.37 -22.57 5.49
N VAL C 557 19.35 -23.86 5.44
CA VAL C 557 20.45 -24.63 6.00
C VAL C 557 21.58 -24.71 4.99
N GLU C 558 22.80 -24.56 5.49
CA GLU C 558 24.00 -24.94 4.77
C GLU C 558 24.64 -26.10 5.51
N PHE C 559 25.64 -26.70 4.87
CA PHE C 559 26.38 -27.81 5.47
C PHE C 559 27.85 -27.46 5.44
N GLU C 560 28.71 -28.43 5.72
CA GLU C 560 30.13 -28.30 5.44
C GLU C 560 30.51 -29.03 4.15
N GLY C 561 30.15 -30.30 4.05
CA GLY C 561 30.50 -31.07 2.86
C GLY C 561 29.62 -30.73 1.67
N GLU C 562 28.33 -30.52 1.91
CA GLU C 562 27.38 -30.34 0.81
C GLU C 562 27.49 -28.94 0.23
N GLN C 563 27.57 -28.86 -1.09
CA GLN C 563 27.55 -27.60 -1.79
C GLN C 563 26.54 -27.63 -2.92
N VAL C 570 19.11 -26.30 2.50
CA VAL C 570 17.89 -27.06 2.23
C VAL C 570 17.24 -27.46 3.55
N SER C 571 15.94 -27.22 3.66
CA SER C 571 15.40 -27.11 5.00
C SER C 571 14.17 -27.97 5.25
N LYS C 572 13.34 -28.22 4.24
CA LYS C 572 12.05 -28.87 4.48
C LYS C 572 12.24 -30.34 4.84
N GLU C 573 13.08 -31.02 4.10
CA GLU C 573 13.53 -32.35 4.47
C GLU C 573 14.35 -32.35 5.74
N PHE C 574 15.00 -31.22 6.05
CA PHE C 574 16.06 -31.18 7.04
C PHE C 574 15.54 -31.45 8.44
N PHE C 575 14.29 -31.11 8.70
CA PHE C 575 13.71 -31.37 10.00
C PHE C 575 13.55 -32.87 10.25
N GLN C 576 13.10 -33.62 9.25
CA GLN C 576 12.98 -35.06 9.42
C GLN C 576 14.34 -35.70 9.60
N LEU C 577 15.38 -35.12 9.00
CA LEU C 577 16.73 -35.52 9.36
C LEU C 577 16.99 -35.24 10.82
N VAL C 578 16.60 -34.05 11.28
CA VAL C 578 16.81 -33.68 12.67
C VAL C 578 15.98 -34.56 13.58
N VAL C 579 14.67 -34.59 13.36
CA VAL C 579 13.80 -35.26 14.33
C VAL C 579 13.78 -36.77 14.17
N GLU C 580 14.58 -37.35 13.29
CA GLU C 580 14.75 -38.78 13.44
C GLU C 580 15.88 -39.08 14.41
N GLU C 581 17.02 -38.43 14.22
CA GLU C 581 18.12 -38.63 15.15
C GLU C 581 17.84 -37.99 16.49
N ILE C 582 17.08 -36.89 16.50
CA ILE C 582 16.64 -36.33 17.76
C ILE C 582 15.70 -37.30 18.45
N PHE C 583 14.66 -37.72 17.74
CA PHE C 583 13.69 -38.63 18.35
C PHE C 583 14.10 -40.08 18.23
N ASN C 584 15.38 -40.37 18.15
CA ASN C 584 15.80 -41.69 18.49
C ASN C 584 16.59 -41.66 19.80
N PRO C 585 16.55 -42.74 20.60
CA PRO C 585 17.23 -42.71 21.91
C PRO C 585 18.74 -42.86 21.83
N ASP C 586 19.33 -42.71 20.64
CA ASP C 586 20.78 -42.69 20.50
C ASP C 586 21.38 -41.48 21.20
N ILE C 587 20.63 -40.39 21.31
CA ILE C 587 21.16 -39.26 22.05
C ILE C 587 20.93 -39.44 23.55
N GLY C 588 19.84 -40.11 23.95
CA GLY C 588 19.55 -40.27 25.36
C GLY C 588 18.64 -39.22 25.95
N MET C 589 18.01 -38.38 25.14
CA MET C 589 17.02 -37.43 25.62
C MET C 589 15.66 -38.06 25.85
N PHE C 590 15.45 -39.27 25.36
CA PHE C 590 14.10 -39.71 25.08
C PHE C 590 13.90 -41.19 25.36
N THR C 591 12.73 -41.51 25.87
CA THR C 591 12.23 -42.88 25.88
C THR C 591 11.29 -43.08 24.71
N TYR C 592 10.55 -44.18 24.71
CA TYR C 592 9.39 -44.33 23.85
C TYR C 592 8.36 -45.14 24.60
N ASP C 593 7.10 -44.76 24.44
CA ASP C 593 6.00 -45.65 24.80
C ASP C 593 5.48 -46.29 23.52
N GLU C 594 6.29 -47.23 23.02
CA GLU C 594 6.09 -47.81 21.69
C GLU C 594 4.84 -48.65 21.59
N SER C 595 4.24 -49.04 22.71
CA SER C 595 2.93 -49.70 22.69
C SER C 595 1.89 -48.77 22.11
N THR C 596 1.73 -47.60 22.73
CA THR C 596 0.87 -46.57 22.19
C THR C 596 1.52 -45.82 21.04
N LYS C 597 2.83 -46.01 20.85
CA LYS C 597 3.66 -45.27 19.92
C LYS C 597 3.65 -43.78 20.22
N LEU C 598 3.52 -43.41 21.49
CA LEU C 598 3.62 -42.03 21.92
C LEU C 598 4.98 -41.77 22.53
N PHE C 599 5.51 -40.58 22.26
CA PHE C 599 6.90 -40.27 22.50
C PHE C 599 7.06 -39.50 23.81
N TRP C 600 8.23 -39.65 24.44
CA TRP C 600 8.47 -38.89 25.66
C TRP C 600 9.94 -38.61 25.88
N PHE C 601 10.19 -37.54 26.64
CA PHE C 601 11.50 -37.24 27.21
C PHE C 601 12.04 -38.40 28.03
N ASN C 602 13.31 -38.48 28.10
CA ASN C 602 13.86 -39.34 29.14
C ASN C 602 14.14 -38.49 30.37
N PRO C 603 13.62 -38.86 31.54
CA PRO C 603 13.88 -38.02 32.74
C PRO C 603 15.35 -37.98 33.13
N SER C 604 16.13 -38.98 32.73
CA SER C 604 17.57 -38.97 32.93
C SER C 604 18.31 -38.29 31.79
N SER C 605 17.67 -37.35 31.10
CA SER C 605 18.38 -36.45 30.21
C SER C 605 18.81 -35.19 30.97
N PHE C 606 19.54 -35.45 32.05
CA PHE C 606 19.94 -34.38 32.96
C PHE C 606 21.02 -33.49 32.36
N GLU C 607 21.81 -34.01 31.42
CA GLU C 607 22.81 -33.20 30.76
C GLU C 607 22.44 -32.88 29.33
N THR C 608 21.76 -33.80 28.65
CA THR C 608 21.31 -33.55 27.29
C THR C 608 20.01 -32.77 27.25
N GLU C 609 19.57 -32.20 28.37
CA GLU C 609 18.66 -31.08 28.29
C GLU C 609 19.34 -29.84 27.75
N GLY C 610 20.67 -29.82 27.76
CA GLY C 610 21.42 -28.95 26.88
C GLY C 610 21.28 -29.29 25.42
N GLN C 611 20.83 -30.50 25.08
CA GLN C 611 20.47 -30.86 23.73
C GLN C 611 18.98 -30.84 23.48
N PHE C 612 18.18 -30.60 24.52
CA PHE C 612 16.82 -30.17 24.28
C PHE C 612 16.79 -28.71 23.86
N THR C 613 17.88 -27.99 24.14
CA THR C 613 18.04 -26.62 23.68
C THR C 613 17.98 -26.51 22.18
N LEU C 614 18.46 -27.51 21.47
CA LEU C 614 18.34 -27.48 20.02
C LEU C 614 16.91 -27.67 19.58
N ILE C 615 16.29 -28.75 20.05
CA ILE C 615 15.04 -29.22 19.45
C ILE C 615 13.91 -28.24 19.69
N GLY C 616 13.98 -27.50 20.80
CA GLY C 616 12.98 -26.48 21.04
C GLY C 616 13.05 -25.37 20.02
N ILE C 617 14.26 -24.96 19.66
CA ILE C 617 14.42 -24.04 18.54
C ILE C 617 13.95 -24.72 17.26
N VAL C 618 14.28 -26.01 17.12
CA VAL C 618 13.93 -26.76 15.93
C VAL C 618 12.44 -26.95 15.83
N LEU C 619 11.80 -27.33 16.94
CA LEU C 619 10.35 -27.42 16.96
C LEU C 619 9.76 -26.05 16.73
N GLY C 620 10.38 -25.03 17.31
CA GLY C 620 10.00 -23.67 17.02
C GLY C 620 10.30 -23.28 15.59
N LEU C 621 11.28 -23.93 14.98
CA LEU C 621 11.46 -23.66 13.57
C LEU C 621 10.64 -24.58 12.69
N ALA C 622 10.22 -25.72 13.22
CA ALA C 622 9.39 -26.61 12.43
C ALA C 622 8.03 -26.00 12.20
N ILE C 623 7.59 -25.14 13.11
CA ILE C 623 6.31 -24.50 12.96
C ILE C 623 6.43 -23.22 12.16
N TYR C 624 7.64 -22.75 11.91
CA TYR C 624 7.73 -21.48 11.21
C TYR C 624 7.66 -21.64 9.71
N ASN C 625 8.32 -22.65 9.18
CA ASN C 625 8.28 -22.90 7.75
C ASN C 625 6.99 -23.57 7.30
N ASN C 626 6.07 -23.85 8.23
CA ASN C 626 4.92 -24.71 8.02
C ASN C 626 5.35 -26.05 7.44
N CYS C 627 6.09 -26.78 8.26
CA CYS C 627 6.27 -28.20 8.01
C CYS C 627 5.73 -28.99 9.19
N ILE C 628 5.34 -30.22 8.92
CA ILE C 628 4.92 -31.09 10.01
C ILE C 628 6.18 -31.63 10.66
N LEU C 629 6.03 -32.24 11.81
CA LEU C 629 7.03 -33.18 12.28
C LEU C 629 6.34 -34.52 12.49
N ASP C 630 7.09 -35.59 12.33
CA ASP C 630 6.57 -36.90 12.71
C ASP C 630 6.84 -37.20 14.18
N VAL C 631 7.11 -36.17 14.96
CA VAL C 631 6.98 -36.16 16.41
C VAL C 631 5.64 -36.77 16.77
N HIS C 632 5.62 -37.75 17.66
CA HIS C 632 4.37 -38.20 18.23
C HIS C 632 4.43 -37.96 19.71
N PHE C 633 4.27 -36.71 20.10
CA PHE C 633 4.16 -36.36 21.49
C PHE C 633 2.72 -36.43 21.94
N PRO C 634 2.47 -36.70 23.20
CA PRO C 634 1.11 -36.71 23.70
C PRO C 634 0.57 -35.31 23.87
N MET C 635 -0.71 -35.25 24.21
CA MET C 635 -1.42 -33.99 24.36
C MET C 635 -0.87 -33.17 25.51
N VAL C 636 -0.27 -33.83 26.49
CA VAL C 636 0.17 -33.16 27.70
C VAL C 636 1.38 -32.29 27.41
N VAL C 637 2.13 -32.64 26.37
CA VAL C 637 3.22 -31.79 25.90
C VAL C 637 2.67 -30.43 25.47
N TYR C 638 1.52 -30.44 24.83
CA TYR C 638 0.99 -29.27 24.19
C TYR C 638 0.12 -28.46 25.13
N ARG C 639 -0.44 -29.11 26.14
CA ARG C 639 -0.89 -28.35 27.31
C ARG C 639 0.29 -27.67 27.96
N LYS C 640 1.41 -28.40 28.10
CA LYS C 640 2.58 -27.80 28.70
C LYS C 640 3.28 -26.85 27.74
N LEU C 641 3.14 -27.05 26.44
CA LEU C 641 3.63 -26.05 25.53
C LEU C 641 2.76 -24.80 25.56
N MET C 642 1.51 -24.93 25.96
CA MET C 642 0.69 -23.75 26.19
C MET C 642 0.66 -23.37 27.67
N GLY C 643 1.72 -23.70 28.39
CA GLY C 643 1.89 -23.19 29.73
C GLY C 643 0.99 -23.79 30.77
N LYS C 644 0.36 -24.93 30.49
CA LYS C 644 -0.47 -25.61 31.48
C LYS C 644 0.25 -26.88 31.91
N LYS C 645 0.66 -26.90 33.17
CA LYS C 645 1.32 -28.06 33.75
C LYS C 645 0.39 -29.26 33.79
N GLY C 646 0.95 -30.41 34.09
CA GLY C 646 0.25 -31.67 33.90
C GLY C 646 -0.90 -31.84 34.86
N THR C 647 -2.10 -32.07 34.31
CA THR C 647 -3.26 -32.46 35.10
C THR C 647 -3.18 -33.96 35.35
N PHE C 648 -4.20 -34.53 35.96
CA PHE C 648 -4.26 -35.98 36.00
C PHE C 648 -4.59 -36.52 34.63
N ARG C 649 -5.68 -36.05 34.03
CA ARG C 649 -6.36 -36.73 32.96
C ARG C 649 -5.56 -36.79 31.67
N ASP C 650 -4.49 -36.01 31.57
CA ASP C 650 -3.60 -36.05 30.41
C ASP C 650 -2.64 -37.23 30.45
N LEU C 651 -2.68 -38.04 31.49
CA LEU C 651 -1.77 -39.17 31.59
C LEU C 651 -2.09 -40.24 30.56
N GLY C 652 -3.37 -40.46 30.29
CA GLY C 652 -3.81 -41.37 29.26
C GLY C 652 -3.48 -40.96 27.85
N ASP C 653 -3.10 -39.71 27.66
CA ASP C 653 -2.42 -39.29 26.46
C ASP C 653 -0.98 -39.77 26.48
N SER C 654 -0.29 -39.53 27.60
CA SER C 654 1.13 -39.84 27.67
C SER C 654 1.35 -41.32 27.94
N HIS C 655 0.85 -41.80 29.07
CA HIS C 655 1.14 -43.16 29.51
C HIS C 655 -0.17 -43.76 29.97
N PRO C 656 -0.88 -44.46 29.08
CA PRO C 656 -2.12 -45.13 29.49
C PRO C 656 -1.89 -46.24 30.48
N VAL C 657 -0.71 -46.87 30.46
CA VAL C 657 -0.40 -47.89 31.45
C VAL C 657 -0.26 -47.28 32.83
N LEU C 658 0.09 -45.99 32.92
CA LEU C 658 -0.02 -45.32 34.20
C LEU C 658 -1.42 -44.76 34.44
N TYR C 659 -2.22 -44.58 33.40
CA TYR C 659 -3.48 -43.86 33.54
C TYR C 659 -4.48 -44.66 34.37
N GLN C 660 -4.78 -45.87 33.93
CA GLN C 660 -5.68 -46.71 34.70
C GLN C 660 -5.03 -47.21 35.97
N SER C 661 -3.71 -47.34 35.97
CA SER C 661 -3.01 -47.74 37.18
C SER C 661 -2.88 -46.62 38.18
N LEU C 662 -3.32 -45.40 37.85
CA LEU C 662 -3.44 -44.35 38.85
C LEU C 662 -4.88 -43.99 39.17
N LYS C 663 -5.84 -44.37 38.33
CA LYS C 663 -7.23 -44.13 38.66
C LYS C 663 -7.93 -45.36 39.19
N ASP C 664 -7.32 -46.55 39.06
CA ASP C 664 -7.85 -47.71 39.77
C ASP C 664 -7.65 -47.57 41.26
N LEU C 665 -6.63 -46.80 41.65
CA LEU C 665 -6.49 -46.34 43.03
C LEU C 665 -7.75 -45.62 43.47
N LEU C 666 -8.25 -44.72 42.65
CA LEU C 666 -9.56 -44.11 42.89
C LEU C 666 -10.67 -45.14 42.82
N GLU C 667 -10.54 -46.11 41.93
CA GLU C 667 -11.55 -47.16 41.85
C GLU C 667 -11.36 -48.23 42.92
N TYR C 668 -10.23 -48.24 43.61
CA TYR C 668 -10.00 -49.13 44.75
C TYR C 668 -10.87 -48.72 45.93
N THR C 679 2.27 -47.91 49.64
CA THR C 679 1.11 -47.81 48.77
C THR C 679 1.03 -46.44 48.13
N PHE C 680 1.38 -45.41 48.90
CA PHE C 680 1.35 -44.03 48.42
C PHE C 680 2.71 -43.57 47.93
N GLN C 681 3.47 -44.45 47.31
CA GLN C 681 4.64 -44.04 46.55
C GLN C 681 4.78 -44.93 45.33
N ILE C 682 5.28 -44.35 44.25
CA ILE C 682 5.50 -45.05 42.99
C ILE C 682 6.93 -44.80 42.55
N SER C 683 7.58 -45.84 42.05
CA SER C 683 8.90 -45.74 41.46
C SER C 683 8.88 -44.94 40.16
N GLN C 684 10.08 -44.64 39.68
CA GLN C 684 10.25 -44.03 38.38
C GLN C 684 11.59 -44.46 37.80
N THR C 685 11.59 -44.79 36.52
CA THR C 685 12.79 -45.19 35.82
C THR C 685 13.42 -44.00 35.08
N PRO C 691 13.95 -47.20 38.36
CA PRO C 691 13.95 -48.09 39.52
C PRO C 691 13.90 -47.34 40.84
N MET C 692 13.80 -46.02 40.75
CA MET C 692 13.93 -45.16 41.93
C MET C 692 12.55 -44.91 42.53
N MET C 693 12.28 -45.59 43.64
CA MET C 693 11.06 -45.31 44.41
C MET C 693 11.17 -43.96 45.09
N TYR C 694 10.04 -43.28 45.19
CA TYR C 694 10.04 -41.91 45.69
C TYR C 694 8.67 -41.61 46.28
N ASP C 695 8.63 -41.31 47.57
CA ASP C 695 7.39 -40.92 48.22
C ASP C 695 7.10 -39.46 47.89
N LEU C 696 6.02 -39.24 47.14
CA LEU C 696 5.58 -37.90 46.77
C LEU C 696 5.19 -37.14 48.02
N LYS C 697 4.12 -37.59 48.67
CA LYS C 697 3.83 -37.12 50.02
C LYS C 697 4.84 -37.73 50.96
N GLU C 698 5.28 -36.95 51.93
CA GLU C 698 6.25 -37.45 52.89
C GLU C 698 5.61 -38.50 53.79
N ASN C 699 6.39 -39.55 54.09
CA ASN C 699 5.92 -40.82 54.64
C ASN C 699 4.85 -41.44 53.75
N GLY C 700 5.00 -41.32 52.44
CA GLY C 700 4.14 -42.03 51.52
C GLY C 700 4.44 -43.51 51.43
N ASP C 701 5.56 -43.95 52.01
CA ASP C 701 5.83 -45.38 52.12
C ASP C 701 4.86 -46.04 53.10
N LYS C 702 4.76 -45.48 54.31
CA LYS C 702 3.97 -46.10 55.38
C LYS C 702 2.47 -45.96 55.19
N ILE C 703 2.02 -45.20 54.19
CA ILE C 703 0.59 -44.98 54.01
C ILE C 703 -0.06 -46.28 53.54
N PRO C 704 -1.09 -46.74 54.23
CA PRO C 704 -1.80 -47.96 53.79
C PRO C 704 -2.67 -47.73 52.57
N ILE C 705 -3.54 -48.69 52.27
CA ILE C 705 -4.39 -48.61 51.10
C ILE C 705 -5.73 -48.02 51.54
N THR C 706 -5.71 -47.33 52.68
CA THR C 706 -6.74 -46.35 52.99
C THR C 706 -6.83 -45.36 51.85
N ASN C 707 -8.07 -45.05 51.47
CA ASN C 707 -8.34 -44.35 50.23
C ASN C 707 -8.59 -42.86 50.41
N GLU C 708 -8.57 -42.35 51.64
CA GLU C 708 -8.75 -40.92 51.81
C GLU C 708 -7.51 -40.15 51.41
N ASN C 709 -6.34 -40.72 51.66
CA ASN C 709 -5.08 -40.07 51.33
C ASN C 709 -4.87 -39.98 49.83
N ARG C 710 -5.45 -40.92 49.08
CA ARG C 710 -5.08 -41.23 47.72
C ARG C 710 -5.37 -40.12 46.73
N LYS C 711 -6.16 -39.11 47.12
CA LYS C 711 -6.57 -38.06 46.19
C LYS C 711 -5.37 -37.25 45.72
N GLU C 712 -4.55 -36.79 46.66
CA GLU C 712 -3.32 -36.11 46.29
C GLU C 712 -2.35 -37.07 45.62
N PHE C 713 -2.42 -38.35 45.97
CA PHE C 713 -1.56 -39.34 45.34
C PHE C 713 -1.89 -39.50 43.85
N VAL C 714 -3.14 -39.27 43.48
CA VAL C 714 -3.47 -39.05 42.08
C VAL C 714 -2.81 -37.77 41.59
N ASN C 715 -2.94 -36.70 42.37
CA ASN C 715 -2.52 -35.39 41.90
C ASN C 715 -1.01 -35.29 41.86
N LEU C 716 -0.33 -35.78 42.89
CA LEU C 716 1.10 -35.55 43.00
C LEU C 716 1.89 -36.41 42.03
N TYR C 717 1.49 -37.68 41.83
CA TYR C 717 2.22 -38.49 40.87
C TYR C 717 1.91 -38.06 39.44
N SER C 718 0.71 -37.51 39.21
CA SER C 718 0.47 -36.81 37.97
C SER C 718 1.20 -35.49 37.91
N ASP C 719 1.40 -34.85 39.04
CA ASP C 719 2.27 -33.68 39.03
C ASP C 719 3.73 -34.10 39.03
N TYR C 720 4.02 -35.36 39.33
CA TYR C 720 5.40 -35.77 39.30
C TYR C 720 5.89 -35.98 37.89
N ILE C 721 5.30 -36.97 37.20
CA ILE C 721 5.84 -37.41 35.92
C ILE C 721 5.56 -36.38 34.84
N LEU C 722 4.54 -35.55 35.02
CA LEU C 722 4.31 -34.51 34.05
C LEU C 722 4.93 -33.19 34.43
N ASN C 723 5.05 -32.89 35.72
CA ASN C 723 5.72 -31.66 36.11
C ASN C 723 6.93 -31.90 37.00
N LYS C 724 6.78 -32.59 38.14
CA LYS C 724 7.89 -32.64 39.10
C LYS C 724 9.02 -33.56 38.66
N SER C 725 8.88 -34.24 37.53
CA SER C 725 10.06 -34.84 36.93
C SER C 725 10.71 -33.87 35.96
N VAL C 726 9.91 -33.21 35.16
CA VAL C 726 10.44 -32.51 34.00
C VAL C 726 10.17 -31.03 34.17
N GLU C 727 10.22 -30.57 35.42
CA GLU C 727 10.11 -29.14 35.68
C GLU C 727 11.30 -28.36 35.15
N LYS C 728 12.41 -29.03 34.85
CA LYS C 728 13.53 -28.41 34.18
C LYS C 728 13.78 -28.97 32.79
N GLN C 729 13.44 -30.24 32.57
CA GLN C 729 13.69 -30.89 31.29
C GLN C 729 12.88 -30.23 30.19
N PHE C 730 11.56 -30.23 30.35
CA PHE C 730 10.69 -29.55 29.42
C PHE C 730 10.92 -28.07 29.44
N LYS C 731 11.28 -27.52 30.59
CA LYS C 731 11.49 -26.09 30.67
C LYS C 731 12.76 -25.68 29.94
N ALA C 732 13.83 -26.46 30.07
CA ALA C 732 14.99 -26.22 29.22
C ALA C 732 14.68 -26.55 27.78
N PHE C 733 13.74 -27.46 27.53
CA PHE C 733 13.24 -27.61 26.18
C PHE C 733 12.42 -26.40 25.77
N ARG C 734 11.46 -25.98 26.61
CA ARG C 734 10.59 -24.87 26.27
C ARG C 734 11.32 -23.54 26.24
N ARG C 735 12.50 -23.46 26.87
CA ARG C 735 13.32 -22.26 26.75
C ARG C 735 13.78 -22.06 25.31
N GLY C 736 14.17 -23.15 24.66
CA GLY C 736 14.54 -23.04 23.26
C GLY C 736 13.33 -22.78 22.39
N PHE C 737 12.18 -23.30 22.80
CA PHE C 737 10.98 -23.13 22.01
C PHE C 737 10.49 -21.71 22.06
N HIS C 738 10.26 -21.21 23.26
CA HIS C 738 9.70 -19.88 23.42
C HIS C 738 10.69 -18.78 23.09
N MET C 739 11.97 -19.12 22.90
CA MET C 739 12.93 -18.13 22.44
C MET C 739 12.55 -17.62 21.06
N VAL C 740 12.26 -18.53 20.14
CA VAL C 740 11.98 -18.11 18.78
C VAL C 740 10.50 -18.00 18.51
N THR C 741 9.66 -18.47 19.41
CA THR C 741 8.23 -18.50 19.18
C THR C 741 7.45 -17.58 20.12
N ASN C 742 8.14 -16.65 20.77
CA ASN C 742 7.45 -15.74 21.67
C ASN C 742 6.53 -14.80 20.90
N GLU C 743 7.01 -14.23 19.81
CA GLU C 743 6.20 -13.30 19.05
C GLU C 743 5.10 -13.99 18.27
N SER C 744 5.23 -15.30 18.08
CA SER C 744 4.19 -16.02 17.39
C SER C 744 3.00 -16.17 18.32
N PRO C 745 1.81 -16.02 17.84
CA PRO C 745 0.63 -16.04 18.71
C PRO C 745 0.09 -17.44 18.91
N LEU C 746 0.99 -18.40 19.16
CA LEU C 746 0.56 -19.78 19.21
C LEU C 746 -0.27 -20.06 20.45
N LYS C 747 0.07 -19.42 21.57
CA LYS C 747 -0.83 -19.45 22.71
C LYS C 747 -2.12 -18.72 22.40
N TYR C 748 -2.06 -17.70 21.53
CA TYR C 748 -3.28 -17.02 21.15
C TYR C 748 -4.05 -17.84 20.13
N LEU C 749 -3.44 -18.13 19.00
CA LEU C 749 -4.19 -18.78 17.92
C LEU C 749 -4.42 -20.24 18.22
N PHE C 750 -3.34 -20.99 18.43
CA PHE C 750 -3.46 -22.44 18.51
C PHE C 750 -4.03 -22.85 19.85
N ARG C 751 -5.01 -23.74 19.82
CA ARG C 751 -5.30 -24.54 20.97
C ARG C 751 -4.15 -25.54 21.16
N PRO C 752 -4.02 -26.11 22.36
CA PRO C 752 -3.09 -27.23 22.51
C PRO C 752 -3.40 -28.39 21.60
N GLU C 753 -4.67 -28.65 21.34
CA GLU C 753 -4.98 -29.62 20.31
C GLU C 753 -4.60 -29.10 18.93
N GLU C 754 -4.69 -27.79 18.72
CA GLU C 754 -4.32 -27.25 17.42
C GLU C 754 -2.82 -27.30 17.22
N ILE C 755 -2.07 -27.13 18.29
CA ILE C 755 -0.62 -27.23 18.18
C ILE C 755 -0.18 -28.66 17.93
N GLU C 756 -0.98 -29.63 18.34
CA GLU C 756 -0.71 -31.03 18.02
C GLU C 756 -0.75 -31.25 16.53
N LEU C 757 -1.89 -30.96 15.93
CA LEU C 757 -2.08 -31.24 14.51
C LEU C 757 -1.26 -30.31 13.64
N LEU C 758 -0.82 -29.17 14.18
CA LEU C 758 0.25 -28.44 13.51
C LEU C 758 1.55 -29.20 13.54
N ILE C 759 1.99 -29.60 14.73
CA ILE C 759 3.31 -30.19 14.85
C ILE C 759 3.31 -31.61 14.33
N CYS C 760 2.42 -32.44 14.85
CA CYS C 760 2.43 -33.84 14.50
C CYS C 760 1.79 -34.12 13.15
N GLY C 761 0.97 -33.23 12.64
CA GLY C 761 0.41 -33.38 11.32
C GLY C 761 -0.74 -34.37 11.25
N SER C 762 -1.55 -34.21 10.22
CA SER C 762 -2.69 -35.08 9.97
C SER C 762 -2.36 -36.08 8.89
N ARG C 763 -2.94 -37.28 8.99
CA ARG C 763 -2.69 -38.35 8.03
C ARG C 763 -3.71 -38.35 6.90
N ASN C 764 -4.35 -37.21 6.64
CA ASN C 764 -5.27 -37.12 5.51
C ASN C 764 -4.43 -36.92 4.24
N LEU C 765 -3.82 -38.02 3.80
CA LEU C 765 -3.02 -38.02 2.58
C LEU C 765 -3.97 -37.88 1.41
N ASP C 766 -4.06 -36.65 0.89
CA ASP C 766 -4.88 -36.31 -0.26
C ASP C 766 -3.95 -36.02 -1.43
N PHE C 767 -3.59 -37.08 -2.16
CA PHE C 767 -2.83 -36.94 -3.39
C PHE C 767 -3.67 -36.25 -4.44
N GLN C 768 -4.99 -36.37 -4.33
CA GLN C 768 -5.97 -35.78 -5.23
C GLN C 768 -6.17 -34.29 -4.99
N ALA C 769 -5.29 -33.66 -4.21
CA ALA C 769 -5.25 -32.21 -4.11
C ALA C 769 -4.21 -31.61 -5.05
N LEU C 770 -2.95 -32.03 -4.90
CA LEU C 770 -1.85 -31.39 -5.62
C LEU C 770 -1.78 -31.78 -7.08
N GLU C 771 -2.62 -32.71 -7.54
CA GLU C 771 -2.83 -32.86 -8.97
C GLU C 771 -3.68 -31.75 -9.54
N GLU C 772 -4.34 -30.97 -8.68
CA GLU C 772 -5.22 -29.89 -9.11
C GLU C 772 -4.66 -28.51 -8.79
N THR C 773 -3.80 -28.39 -7.79
CA THR C 773 -3.26 -27.10 -7.37
C THR C 773 -1.74 -27.07 -7.44
N THR C 774 -1.16 -27.80 -8.38
CA THR C 774 0.29 -27.80 -8.56
C THR C 774 0.77 -26.44 -9.05
N GLU C 775 2.00 -26.12 -8.72
CA GLU C 775 2.61 -24.86 -9.14
C GLU C 775 3.92 -25.20 -9.85
N TYR C 776 3.82 -25.51 -11.14
CA TYR C 776 4.98 -25.87 -11.94
C TYR C 776 5.09 -24.91 -13.11
N ASP C 777 6.33 -24.65 -13.53
CA ASP C 777 6.60 -23.79 -14.66
C ASP C 777 7.99 -24.14 -15.19
N GLY C 778 8.30 -23.62 -16.37
CA GLY C 778 9.58 -23.89 -16.98
C GLY C 778 9.69 -25.25 -17.62
N GLY C 779 8.60 -25.81 -18.11
CA GLY C 779 8.66 -27.07 -18.81
C GLY C 779 7.55 -28.04 -18.46
N TYR C 780 6.63 -27.60 -17.60
CA TYR C 780 5.47 -28.41 -17.21
C TYR C 780 4.22 -27.55 -17.33
N THR C 781 3.64 -27.53 -18.52
CA THR C 781 2.38 -26.84 -18.76
C THR C 781 1.24 -27.81 -18.41
N ARG C 782 -0.01 -27.34 -18.51
CA ARG C 782 -1.16 -28.06 -17.97
C ARG C 782 -1.36 -29.41 -18.63
N ASP C 783 -1.30 -29.46 -19.95
CA ASP C 783 -1.35 -30.73 -20.67
C ASP C 783 0.06 -31.14 -21.04
N SER C 784 0.86 -31.42 -20.02
CA SER C 784 2.13 -32.08 -20.27
C SER C 784 1.92 -33.57 -20.29
N VAL C 785 2.74 -34.25 -21.09
CA VAL C 785 2.55 -35.67 -21.38
C VAL C 785 2.76 -36.50 -20.12
N LEU C 786 3.87 -36.28 -19.43
CA LEU C 786 4.09 -36.96 -18.16
C LEU C 786 3.11 -36.46 -17.10
N ILE C 787 2.67 -35.20 -17.18
CA ILE C 787 1.61 -34.73 -16.30
C ILE C 787 0.32 -35.47 -16.59
N ARG C 788 0.01 -35.68 -17.87
CA ARG C 788 -1.09 -36.57 -18.18
C ARG C 788 -0.72 -38.06 -18.07
N GLU C 789 0.47 -38.38 -17.54
CA GLU C 789 0.84 -39.74 -17.19
C GLU C 789 1.26 -39.92 -15.74
N PHE C 790 1.29 -38.87 -14.93
CA PHE C 790 1.79 -39.02 -13.56
C PHE C 790 0.69 -39.18 -12.52
N TRP C 791 -0.41 -38.43 -12.66
CA TRP C 791 -1.45 -38.51 -11.64
C TRP C 791 -2.09 -39.88 -11.63
N GLU C 792 -2.14 -40.53 -12.78
CA GLU C 792 -2.52 -41.93 -12.83
C GLU C 792 -1.51 -42.86 -12.14
N ILE C 793 -0.28 -42.42 -11.94
CA ILE C 793 0.64 -43.22 -11.14
C ILE C 793 0.37 -43.05 -9.66
N VAL C 794 0.18 -41.81 -9.20
CA VAL C 794 -0.05 -41.59 -7.78
C VAL C 794 -1.46 -42.01 -7.39
N HIS C 795 -2.38 -42.09 -8.34
CA HIS C 795 -3.72 -42.58 -8.05
C HIS C 795 -3.88 -44.06 -8.38
N SER C 796 -2.79 -44.75 -8.67
CA SER C 796 -2.80 -46.22 -8.85
C SER C 796 -2.35 -46.91 -7.58
N PHE C 797 -2.77 -46.38 -6.44
CA PHE C 797 -2.16 -46.76 -5.18
C PHE C 797 -2.95 -47.85 -4.48
N ALA C 798 -2.26 -48.55 -3.60
CA ALA C 798 -2.82 -49.62 -2.78
C ALA C 798 -2.49 -49.26 -1.34
N ALA C 799 -2.59 -50.26 -0.46
CA ALA C 799 -2.53 -50.01 0.99
C ALA C 799 -1.18 -49.48 1.45
N GLU C 800 -0.11 -49.69 0.69
CA GLU C 800 1.20 -49.21 1.14
C GLU C 800 1.79 -48.13 0.26
N GLN C 801 1.42 -48.05 -1.02
CA GLN C 801 2.00 -47.06 -1.93
C GLN C 801 1.67 -45.64 -1.51
N LYS C 802 0.61 -45.47 -0.73
CA LYS C 802 0.25 -44.16 -0.20
C LYS C 802 1.24 -43.69 0.85
N ARG C 803 1.57 -44.56 1.80
CA ARG C 803 2.37 -44.17 2.96
C ARG C 803 3.83 -43.93 2.62
N LEU C 804 4.26 -44.30 1.43
CA LEU C 804 5.63 -44.11 1.00
C LEU C 804 5.79 -42.92 0.07
N PHE C 805 4.71 -42.25 -0.29
CA PHE C 805 4.77 -41.22 -1.31
C PHE C 805 5.51 -39.97 -0.82
N LEU C 806 5.20 -39.54 0.39
CA LEU C 806 5.53 -38.20 0.86
C LEU C 806 6.96 -38.07 1.38
N GLN C 807 7.61 -39.19 1.68
CA GLN C 807 8.99 -39.14 2.16
C GLN C 807 9.95 -38.68 1.08
N PHE C 808 9.56 -38.76 -0.19
CA PHE C 808 10.40 -38.31 -1.28
C PHE C 808 10.08 -36.88 -1.71
N THR C 809 8.80 -36.51 -1.73
CA THR C 809 8.41 -35.20 -2.27
C THR C 809 8.78 -34.09 -1.31
N THR C 810 8.13 -34.08 -0.14
CA THR C 810 8.48 -33.17 0.94
C THR C 810 9.44 -33.82 1.91
N GLY C 811 9.16 -35.06 2.32
CA GLY C 811 10.09 -35.77 3.19
C GLY C 811 9.46 -36.28 4.45
N THR C 812 8.13 -36.23 4.52
CA THR C 812 7.41 -36.54 5.74
C THR C 812 6.44 -37.69 5.50
N ASP C 813 5.61 -37.97 6.49
CA ASP C 813 4.67 -39.07 6.45
C ASP C 813 3.22 -38.66 6.63
N ARG C 814 2.95 -37.41 7.00
CA ARG C 814 1.59 -36.98 7.26
C ARG C 814 1.35 -35.63 6.59
N ALA C 815 0.10 -35.31 6.34
CA ALA C 815 -0.15 -34.13 5.52
C ALA C 815 -0.19 -32.88 6.37
N PRO C 816 0.31 -31.75 5.84
CA PRO C 816 0.14 -30.48 6.51
C PRO C 816 -1.28 -29.96 6.30
N GLY C 821 -6.24 -26.76 2.10
CA GLY C 821 -5.74 -27.52 0.96
C GLY C 821 -4.58 -26.82 0.29
N LYS C 822 -3.80 -26.09 1.08
CA LYS C 822 -2.73 -25.26 0.54
C LYS C 822 -1.47 -26.05 0.21
N LEU C 823 -1.49 -27.38 0.32
CA LEU C 823 -0.36 -28.19 -0.11
C LEU C 823 -0.20 -28.13 -1.62
N LYS C 824 1.04 -27.93 -2.08
CA LYS C 824 1.28 -27.66 -3.49
C LYS C 824 2.36 -28.56 -4.09
N MET C 825 2.79 -28.25 -5.30
CA MET C 825 3.81 -29.03 -5.99
C MET C 825 4.58 -28.09 -6.90
N ILE C 826 5.67 -28.61 -7.48
CA ILE C 826 6.50 -27.83 -8.39
C ILE C 826 7.25 -28.79 -9.31
N ILE C 827 7.47 -28.35 -10.55
CA ILE C 827 8.09 -29.17 -11.58
C ILE C 827 8.57 -28.23 -12.69
N ALA C 828 9.49 -28.73 -13.51
CA ALA C 828 10.02 -27.98 -14.64
C ALA C 828 10.54 -28.97 -15.68
N LYS C 829 11.27 -28.44 -16.66
CA LYS C 829 12.02 -29.25 -17.61
C LYS C 829 13.15 -28.42 -18.20
N GLU C 835 17.36 -43.16 -17.64
CA GLU C 835 16.62 -43.37 -16.41
C GLU C 835 16.37 -42.06 -15.69
N ARG C 836 15.37 -41.31 -16.15
CA ARG C 836 14.94 -40.10 -15.47
C ARG C 836 14.13 -40.52 -14.24
N LEU C 837 14.86 -40.77 -13.16
CA LEU C 837 14.29 -41.31 -11.93
C LEU C 837 13.56 -40.22 -11.16
N PRO C 838 13.00 -40.54 -10.00
CA PRO C 838 12.27 -39.52 -9.24
C PRO C 838 13.23 -38.57 -8.55
N THR C 839 13.20 -37.31 -8.96
CA THR C 839 14.02 -36.27 -8.36
C THR C 839 13.12 -35.24 -7.66
N SER C 840 13.65 -34.65 -6.60
CA SER C 840 12.90 -33.62 -5.90
C SER C 840 13.89 -32.62 -5.31
N HIS C 841 13.72 -31.35 -5.68
CA HIS C 841 14.34 -30.27 -4.91
C HIS C 841 13.60 -30.23 -3.58
N THR C 842 14.21 -30.81 -2.54
CA THR C 842 13.49 -31.25 -1.36
C THR C 842 13.27 -30.16 -0.33
N ALA C 843 13.25 -28.90 -0.75
CA ALA C 843 12.92 -27.80 0.14
C ALA C 843 11.64 -27.09 -0.30
N PHE C 844 10.99 -27.55 -1.38
CA PHE C 844 9.81 -26.86 -1.86
C PHE C 844 8.71 -27.81 -2.33
N ASN C 845 8.82 -29.11 -2.02
CA ASN C 845 8.05 -30.18 -2.68
C ASN C 845 8.14 -30.07 -4.20
N VAL C 846 9.37 -29.85 -4.68
CA VAL C 846 9.63 -29.51 -6.07
C VAL C 846 10.18 -30.70 -6.83
N LEU C 847 9.28 -31.49 -7.42
CA LEU C 847 9.68 -32.66 -8.21
C LEU C 847 9.94 -32.24 -9.65
N LEU C 848 11.03 -31.49 -9.82
CA LEU C 848 11.41 -30.97 -11.13
C LEU C 848 12.20 -32.06 -11.88
N LEU C 849 11.49 -33.11 -12.25
CA LEU C 849 12.04 -34.24 -12.99
C LEU C 849 11.85 -34.02 -14.48
N PRO C 850 12.37 -34.93 -15.30
CA PRO C 850 12.33 -34.73 -16.75
C PRO C 850 10.99 -35.15 -17.34
N GLU C 851 10.91 -35.11 -18.67
CA GLU C 851 9.72 -35.49 -19.41
C GLU C 851 9.43 -36.98 -19.32
N SER C 853 9.58 -40.85 -18.73
CA SER C 853 9.20 -40.62 -20.12
C SER C 853 7.74 -40.99 -20.30
N SER C 854 7.51 -42.26 -20.54
CA SER C 854 6.17 -42.82 -20.58
C SER C 854 5.82 -43.29 -19.16
N LYS C 855 4.77 -44.07 -19.02
CA LYS C 855 4.44 -44.60 -17.70
C LYS C 855 5.41 -45.71 -17.30
N GLU C 856 5.62 -46.68 -18.20
CA GLU C 856 6.30 -47.91 -17.83
C GLU C 856 7.79 -47.71 -17.62
N LYS C 857 8.37 -46.66 -18.17
CA LYS C 857 9.65 -46.21 -17.67
C LYS C 857 9.52 -45.75 -16.22
N LEU C 858 8.60 -44.83 -15.96
CA LEU C 858 8.47 -44.21 -14.65
C LEU C 858 7.78 -45.10 -13.63
N LYS C 859 7.40 -46.34 -13.99
CA LYS C 859 6.63 -47.19 -13.10
C LYS C 859 7.42 -47.62 -11.87
N GLU C 860 8.74 -47.67 -11.97
CA GLU C 860 9.57 -48.01 -10.83
C GLU C 860 10.48 -46.86 -10.40
N ARG C 861 10.59 -45.80 -11.22
CA ARG C 861 11.52 -44.71 -10.92
C ARG C 861 11.12 -43.95 -9.68
N LEU C 862 9.83 -43.87 -9.43
CA LEU C 862 9.37 -43.28 -8.17
C LEU C 862 9.74 -44.18 -7.01
N LEU C 863 9.64 -45.49 -7.20
CA LEU C 863 10.01 -46.42 -6.15
C LEU C 863 11.49 -46.36 -5.85
N LYS C 864 12.31 -46.09 -6.86
CA LYS C 864 13.76 -46.15 -6.71
C LYS C 864 14.30 -45.04 -5.81
N ALA C 865 13.63 -43.89 -5.80
CA ALA C 865 13.95 -42.87 -4.81
C ALA C 865 13.41 -43.23 -3.44
N ILE C 866 12.43 -44.13 -3.38
CA ILE C 866 11.75 -44.45 -2.15
C ILE C 866 12.18 -45.80 -1.57
N THR C 867 12.63 -46.73 -2.41
CA THR C 867 13.02 -48.06 -1.95
C THR C 867 14.20 -48.02 -0.99
N TYR C 868 15.22 -47.23 -1.31
CA TYR C 868 16.40 -47.14 -0.47
C TYR C 868 16.18 -46.02 0.55
N ALA C 869 15.33 -46.35 1.53
CA ALA C 869 14.98 -45.40 2.56
C ALA C 869 16.11 -45.29 3.58
N PRO D 1 23.78 4.59 40.25
CA PRO D 1 22.48 4.00 39.93
C PRO D 1 21.35 5.03 40.00
N GLN D 2 20.76 5.15 41.18
CA GLN D 2 19.81 6.23 41.44
C GLN D 2 20.51 7.58 41.47
N GLU D 3 21.82 7.59 41.75
CA GLU D 3 22.57 8.82 41.82
C GLU D 3 22.94 9.35 40.44
N ARG D 4 23.30 8.47 39.51
CA ARG D 4 23.83 8.92 38.23
C ARG D 4 22.70 9.49 37.38
N PRO D 5 22.85 10.70 36.88
CA PRO D 5 21.74 11.35 36.20
C PRO D 5 21.41 10.72 34.86
N ARG D 6 20.26 10.07 34.80
CA ARG D 6 19.82 9.40 33.60
C ARG D 6 19.26 10.36 32.56
N LYS D 7 19.18 11.64 32.88
CA LYS D 7 18.82 12.68 31.93
C LYS D 7 19.94 13.69 31.83
N LEU D 8 20.32 14.02 30.60
CA LEU D 8 21.26 15.11 30.37
C LEU D 8 20.80 16.48 30.86
N PRO D 9 19.49 16.82 30.92
CA PRO D 9 19.08 17.99 31.73
C PRO D 9 19.59 17.97 33.17
N GLN D 10 19.79 16.79 33.77
CA GLN D 10 20.47 16.70 35.04
C GLN D 10 21.97 16.44 34.91
N LEU D 11 22.43 15.85 33.80
CA LEU D 11 23.86 15.66 33.64
C LEU D 11 24.61 16.90 33.20
N CYS D 12 23.95 17.88 32.58
CA CYS D 12 24.62 19.15 32.36
C CYS D 12 24.98 19.81 33.66
N THR D 13 24.16 19.61 34.70
CA THR D 13 24.50 20.11 36.02
C THR D 13 25.64 19.31 36.64
N GLU D 14 25.53 17.99 36.63
CA GLU D 14 26.51 17.20 37.34
C GLU D 14 27.82 17.06 36.57
N LEU D 15 27.88 17.49 35.31
CA LEU D 15 29.17 17.64 34.66
C LEU D 15 29.82 18.96 35.04
N GLN D 16 29.07 19.84 35.70
CA GLN D 16 29.53 21.16 36.14
C GLN D 16 29.98 22.01 34.94
N THR D 17 29.25 21.88 33.83
CA THR D 17 29.54 22.54 32.57
C THR D 17 28.39 23.47 32.21
N THR D 18 28.43 23.98 30.99
CA THR D 18 27.37 24.80 30.45
C THR D 18 26.81 24.12 29.21
N ILE D 19 25.53 24.33 28.95
CA ILE D 19 24.91 23.86 27.72
C ILE D 19 25.39 24.67 26.52
N LEU D 24 28.35 15.29 26.34
CA LEU D 24 27.89 15.11 24.98
C LEU D 24 28.79 14.12 24.28
N GLU D 25 28.68 12.86 24.67
CA GLU D 25 29.43 11.77 24.05
C GLU D 25 28.50 10.58 23.96
N CYS D 26 28.40 9.99 22.76
CA CYS D 26 27.58 8.80 22.57
C CYS D 26 28.44 7.55 22.46
N VAL D 27 27.87 6.42 22.87
CA VAL D 27 28.62 5.17 22.88
C VAL D 27 28.43 4.39 21.59
N TYR D 28 27.43 4.74 20.79
CA TYR D 28 27.29 4.08 19.50
C TYR D 28 28.30 4.62 18.51
N CYS D 29 28.29 5.92 18.28
CA CYS D 29 29.27 6.53 17.40
C CYS D 29 30.65 6.57 18.02
N LYS D 30 30.77 6.37 19.34
CA LYS D 30 32.02 6.44 20.11
C LYS D 30 32.70 7.80 19.97
N GLN D 31 31.93 8.87 19.79
CA GLN D 31 32.48 10.18 19.48
C GLN D 31 31.83 11.23 20.37
N GLN D 32 32.36 12.45 20.25
CA GLN D 32 31.96 13.58 21.08
C GLN D 32 30.90 14.39 20.33
N LEU D 33 29.77 14.62 20.99
CA LEU D 33 28.55 15.09 20.34
C LEU D 33 28.51 16.61 20.33
N LEU D 34 27.34 17.17 20.05
CA LEU D 34 27.17 18.60 19.84
C LEU D 34 25.91 19.10 20.55
N ARG D 35 25.75 20.42 20.53
CA ARG D 35 24.64 21.09 21.19
C ARG D 35 23.30 20.89 20.49
N ARG D 36 23.30 20.48 19.22
CA ARG D 36 22.07 20.00 18.61
C ARG D 36 21.61 18.70 19.25
N GLU D 37 22.55 17.91 19.78
CA GLU D 37 22.24 16.68 20.47
C GLU D 37 22.28 16.83 21.98
N VAL D 38 22.17 18.04 22.51
CA VAL D 38 21.80 18.21 23.90
C VAL D 38 20.37 18.73 24.05
N TYR D 39 19.82 19.37 23.02
CA TYR D 39 18.44 19.82 23.10
C TYR D 39 17.49 18.65 22.95
N ASP D 40 17.77 17.78 21.98
CA ASP D 40 16.87 16.67 21.71
C ASP D 40 16.97 15.56 22.74
N PHE D 41 18.12 15.38 23.40
CA PHE D 41 18.15 14.46 24.54
C PHE D 41 17.36 15.03 25.70
N ALA D 42 17.30 16.35 25.81
CA ALA D 42 16.34 16.98 26.69
C ALA D 42 14.93 16.98 26.12
N PHE D 43 14.77 16.67 24.83
CA PHE D 43 13.46 16.71 24.18
C PHE D 43 12.93 15.34 23.81
N ARG D 44 13.79 14.41 23.44
CA ARG D 44 13.36 13.03 23.30
C ARG D 44 13.38 12.32 24.64
N ASP D 45 14.06 12.92 25.63
CA ASP D 45 14.06 12.50 27.03
C ASP D 45 14.50 11.04 27.20
N LEU D 46 15.53 10.67 26.47
CA LEU D 46 15.99 9.30 26.53
C LEU D 46 16.82 9.09 27.79
N CYS D 47 17.13 7.84 28.08
CA CYS D 47 17.93 7.54 29.26
C CYS D 47 19.41 7.66 28.90
N ILE D 48 20.19 8.11 29.87
CA ILE D 48 21.63 8.17 29.68
C ILE D 48 22.21 6.76 29.71
N VAL D 49 22.94 6.42 28.69
CA VAL D 49 23.60 5.13 28.59
C VAL D 49 24.83 5.13 29.50
N TYR D 50 25.03 4.01 30.20
CA TYR D 50 26.12 3.84 31.14
C TYR D 50 27.00 2.67 30.75
N ARG D 51 28.30 2.83 30.92
CA ARG D 51 29.27 1.78 30.63
C ARG D 51 29.96 1.43 31.94
N ASP D 52 29.32 0.55 32.72
CA ASP D 52 29.68 0.19 34.12
C ASP D 52 30.18 1.37 34.93
N GLY D 53 29.40 2.44 34.92
CA GLY D 53 29.73 3.69 35.59
C GLY D 53 30.09 4.81 34.65
N ASN D 54 30.41 4.50 33.38
CA ASN D 54 30.83 5.51 32.44
C ASN D 54 29.61 6.01 31.67
N PRO D 55 29.13 7.23 31.92
CA PRO D 55 27.87 7.67 31.32
C PRO D 55 28.05 8.27 29.94
N TYR D 56 27.22 7.86 28.99
CA TYR D 56 27.30 8.40 27.64
C TYR D 56 25.92 8.75 27.10
N ALA D 57 25.86 9.21 25.86
CA ALA D 57 24.60 9.71 25.33
C ALA D 57 24.21 8.95 24.08
N VAL D 58 23.22 9.43 23.35
CA VAL D 58 22.96 8.96 22.01
C VAL D 58 23.26 10.12 21.07
N CYS D 59 23.67 9.78 19.86
CA CYS D 59 23.65 10.72 18.77
C CYS D 59 22.43 10.45 17.89
N ASP D 60 22.01 11.49 17.18
CA ASP D 60 20.76 11.44 16.42
C ASP D 60 20.83 10.43 15.29
N LYS D 61 22.02 10.25 14.71
CA LYS D 61 22.22 9.20 13.72
C LYS D 61 22.10 7.81 14.34
N CYS D 62 22.30 7.72 15.64
CA CYS D 62 22.14 6.48 16.36
C CYS D 62 20.93 6.52 17.26
N LEU D 63 20.26 7.67 17.34
CA LEU D 63 18.85 7.65 17.73
C LEU D 63 17.99 7.21 16.56
N LYS D 64 18.33 7.63 15.35
CA LYS D 64 17.54 7.20 14.20
C LYS D 64 17.87 5.80 13.75
N PHE D 65 18.85 5.13 14.35
CA PHE D 65 19.17 3.77 14.00
C PHE D 65 18.80 2.77 15.08
N TYR D 66 19.24 3.01 16.29
CA TYR D 66 19.07 1.96 17.28
C TYR D 66 17.66 1.92 17.83
N SER D 67 16.83 2.88 17.47
CA SER D 67 15.39 2.76 17.62
C SER D 67 14.75 2.23 16.36
N LYS D 68 15.38 2.46 15.22
CA LYS D 68 14.99 1.76 14.01
C LYS D 68 15.33 0.29 14.12
N ILE D 69 16.30 -0.04 14.98
CA ILE D 69 16.64 -1.42 15.30
C ILE D 69 15.41 -2.15 15.83
N SER D 70 14.79 -1.58 16.87
CA SER D 70 13.78 -2.34 17.55
C SER D 70 12.43 -2.27 16.84
N GLU D 71 12.15 -1.16 16.16
CA GLU D 71 10.79 -0.93 15.69
C GLU D 71 10.43 -1.83 14.52
N TYR D 72 11.42 -2.28 13.77
CA TYR D 72 11.17 -3.26 12.73
C TYR D 72 11.37 -4.68 13.21
N ARG D 73 11.82 -4.86 14.44
CA ARG D 73 12.07 -6.18 15.01
C ARG D 73 11.18 -6.47 16.22
N HIS D 74 11.13 -5.57 17.19
CA HIS D 74 10.47 -5.85 18.45
C HIS D 74 8.99 -5.48 18.38
N TYR D 75 8.42 -5.55 17.18
CA TYR D 75 7.04 -5.15 16.96
C TYR D 75 6.08 -6.14 17.63
N SER D 76 5.11 -5.60 18.38
CA SER D 76 4.14 -6.42 19.08
C SER D 76 2.75 -6.30 18.49
N TYR D 77 2.15 -5.11 18.46
CA TYR D 77 0.80 -4.90 17.93
C TYR D 77 0.48 -3.42 17.82
N SER D 78 -0.41 -3.09 16.89
CA SER D 78 -0.93 -1.75 16.67
C SER D 78 -2.45 -1.74 16.69
N LEU D 79 -3.03 -0.72 17.32
CA LEU D 79 -4.44 -0.71 17.63
C LEU D 79 -5.06 0.63 17.26
N TYR D 80 -6.36 0.60 16.97
CA TYR D 80 -7.15 1.80 16.66
C TYR D 80 -7.15 2.81 17.80
N GLY D 81 -7.56 4.03 17.46
CA GLY D 81 -7.84 5.02 18.49
C GLY D 81 -9.02 4.62 19.36
N THR D 82 -9.90 3.77 18.85
CA THR D 82 -11.07 3.31 19.60
C THR D 82 -10.72 2.39 20.75
N THR D 83 -9.49 1.87 20.80
CA THR D 83 -9.15 0.85 21.78
C THR D 83 -8.02 1.24 22.71
N LEU D 84 -7.05 2.05 22.26
CA LEU D 84 -5.84 2.29 23.05
C LEU D 84 -6.14 3.06 24.33
N GLU D 85 -7.22 3.83 24.34
CA GLU D 85 -7.75 4.42 25.55
C GLU D 85 -8.79 3.53 26.21
N GLN D 86 -9.43 2.65 25.44
CA GLN D 86 -10.42 1.74 26.02
C GLN D 86 -9.76 0.71 26.92
N GLN D 87 -8.87 -0.11 26.36
CA GLN D 87 -8.27 -1.19 27.15
C GLN D 87 -7.29 -0.67 28.19
N TYR D 88 -6.84 0.57 28.07
CA TYR D 88 -5.99 1.14 29.12
C TYR D 88 -6.81 1.87 30.17
N ASN D 89 -7.69 2.79 29.72
CA ASN D 89 -8.41 3.76 30.57
C ASN D 89 -7.46 4.60 31.42
N LYS D 90 -6.25 4.80 30.92
CA LYS D 90 -5.15 5.60 31.41
C LYS D 90 -5.11 6.90 30.62
N PRO D 91 -4.88 8.04 31.30
CA PRO D 91 -4.83 9.32 30.59
C PRO D 91 -3.74 9.36 29.55
N LEU D 92 -4.06 9.95 28.40
CA LEU D 92 -3.12 10.04 27.29
C LEU D 92 -1.91 10.88 27.67
N SER D 93 -2.10 11.88 28.54
CA SER D 93 -0.95 12.59 29.10
C SER D 93 -0.11 11.68 29.99
N ASP D 94 -0.76 10.87 30.81
CA ASP D 94 -0.04 9.89 31.60
C ASP D 94 0.47 8.72 30.76
N LEU D 95 -0.15 8.47 29.61
CA LEU D 95 0.21 7.37 28.73
C LEU D 95 1.62 7.54 28.19
N LEU D 96 2.53 6.69 28.64
CA LEU D 96 3.94 6.80 28.29
C LEU D 96 4.11 6.33 26.86
N ILE D 97 3.92 7.25 25.93
CA ILE D 97 4.06 6.96 24.51
C ILE D 97 5.17 7.82 23.97
N ARG D 98 6.17 7.19 23.39
CA ARG D 98 7.21 7.92 22.69
C ARG D 98 6.93 7.88 21.19
N CYS D 99 7.89 8.34 20.40
CA CYS D 99 7.72 8.29 18.97
C CYS D 99 8.33 7.02 18.41
N ILE D 100 7.77 6.58 17.28
CA ILE D 100 8.31 5.39 16.63
C ILE D 100 9.44 5.73 15.69
N ASN D 101 9.54 6.98 15.24
CA ASN D 101 10.59 7.36 14.32
C ASN D 101 11.75 8.04 15.02
N CYS D 102 11.48 8.90 16.00
CA CYS D 102 12.55 9.66 16.60
C CYS D 102 12.62 9.47 18.12
N GLN D 103 11.74 8.66 18.69
CA GLN D 103 11.68 8.38 20.14
C GLN D 103 11.49 9.66 20.96
N LYS D 104 10.63 10.49 20.51
CA LYS D 104 10.23 11.67 21.26
C LYS D 104 8.96 11.37 22.01
N PRO D 105 8.89 11.67 23.30
CA PRO D 105 7.67 11.37 24.08
C PRO D 105 6.54 12.27 23.62
N LEU D 106 5.42 11.65 23.26
CA LEU D 106 4.36 12.36 22.57
C LEU D 106 3.63 13.29 23.55
N SER D 107 3.58 14.57 23.22
CA SER D 107 2.65 15.47 23.87
C SER D 107 1.23 15.02 23.55
N PRO D 108 0.28 15.23 24.46
CA PRO D 108 -1.11 14.78 24.18
C PRO D 108 -1.76 15.51 23.04
N GLU D 109 -1.36 16.77 22.81
CA GLU D 109 -1.71 17.45 21.57
C GLU D 109 -1.16 16.70 20.37
N GLU D 110 0.07 16.21 20.47
CA GLU D 110 0.64 15.39 19.42
C GLU D 110 0.14 13.96 19.44
N LYS D 111 -0.76 13.61 20.36
CA LYS D 111 -1.44 12.33 20.31
C LYS D 111 -2.67 12.38 19.43
N GLN D 112 -2.82 13.45 18.67
CA GLN D 112 -3.74 13.51 17.55
C GLN D 112 -3.02 13.21 16.25
N ARG D 113 -1.76 12.78 16.33
CA ARG D 113 -1.01 12.40 15.15
C ARG D 113 -1.53 11.11 14.55
N HIS D 114 -2.16 10.28 15.35
CA HIS D 114 -2.90 9.12 14.87
C HIS D 114 -4.36 9.17 15.22
N LEU D 115 -4.72 9.85 16.32
CA LEU D 115 -6.12 10.02 16.65
C LEU D 115 -6.83 10.91 15.65
N ASP D 116 -6.12 11.88 15.09
CA ASP D 116 -6.69 12.76 14.08
C ASP D 116 -5.90 12.66 12.78
N LYS D 117 -5.72 11.44 12.35
CA LYS D 117 -5.46 11.14 10.96
C LYS D 117 -6.28 9.93 10.52
N LYS D 118 -7.26 9.50 11.34
CA LYS D 118 -7.95 8.21 11.23
C LYS D 118 -6.94 7.06 11.16
N GLN D 119 -5.91 7.17 12.00
CA GLN D 119 -4.77 6.28 12.03
C GLN D 119 -4.78 5.48 13.33
N ARG D 120 -3.73 4.69 13.52
CA ARG D 120 -3.59 3.81 14.67
C ARG D 120 -2.28 4.07 15.38
N PHE D 121 -2.25 3.77 16.67
CA PHE D 121 -1.02 3.85 17.45
C PHE D 121 -0.25 2.54 17.42
N HIS D 122 1.06 2.62 17.50
CA HIS D 122 1.91 1.44 17.42
C HIS D 122 2.54 1.14 18.77
N ASN D 123 2.89 -0.13 18.95
CA ASN D 123 3.64 -0.58 20.12
C ASN D 123 4.83 -1.39 19.66
N ILE D 124 6.03 -0.90 19.93
CA ILE D 124 7.24 -1.70 19.76
C ILE D 124 7.71 -2.10 21.14
N ARG D 125 8.43 -3.24 21.21
CA ARG D 125 9.02 -3.86 22.41
C ARG D 125 8.16 -3.86 23.68
N GLY D 126 6.85 -3.90 23.55
CA GLY D 126 5.99 -3.67 24.69
C GLY D 126 6.05 -2.28 25.26
N ARG D 127 6.41 -1.28 24.44
CA ARG D 127 6.54 0.11 24.88
C ARG D 127 6.00 0.98 23.75
N TRP D 128 4.77 1.46 23.92
CA TRP D 128 3.96 2.00 22.83
C TRP D 128 4.61 3.21 22.18
N THR D 129 4.30 3.39 20.90
CA THR D 129 5.00 4.36 20.08
C THR D 129 3.99 4.99 19.13
N GLY D 130 4.49 5.73 18.15
CA GLY D 130 3.63 6.33 17.15
C GLY D 130 4.38 7.40 16.40
N ARG D 131 3.63 8.18 15.62
CA ARG D 131 4.18 9.28 14.88
C ARG D 131 4.10 10.57 15.70
N CYS D 132 4.93 11.54 15.34
CA CYS D 132 5.03 12.78 16.08
C CYS D 132 4.90 13.96 15.12
N MET D 133 5.14 15.17 15.64
CA MET D 133 5.05 16.37 14.82
C MET D 133 6.17 16.44 13.80
N SER D 134 7.38 16.02 14.18
CA SER D 134 8.48 16.04 13.23
C SER D 134 8.28 15.02 12.12
N CYS D 135 7.60 13.91 12.42
CA CYS D 135 7.22 12.96 11.38
C CYS D 135 5.72 13.05 11.08
ZN ZN E . 25.51 -12.09 -15.55
ZN ZN F . 8.63 -13.54 -13.73
ZN ZN G . 25.61 6.73 18.38
ZN ZN H . 9.70 11.61 14.75
#